data_9FJM
#
_entry.id   9FJM
#
_cell.length_a   1.00
_cell.length_b   1.00
_cell.length_c   1.00
_cell.angle_alpha   90.00
_cell.angle_beta   90.00
_cell.angle_gamma   90.00
#
_symmetry.space_group_name_H-M   'P 1'
#
loop_
_entity.id
_entity.type
_entity.pdbx_description
1 polymer 'Actin, cytoplasmic 1, N-terminally processed'
2 polymer Phalloidin
3 non-polymer "ADENOSINE-5'-DIPHOSPHATE"
4 non-polymer 'MAGNESIUM ION'
5 non-polymer 'PHOSPHATE ION'
#
loop_
_entity_poly.entity_id
_entity_poly.type
_entity_poly.pdbx_seq_one_letter_code
_entity_poly.pdbx_strand_id
1 'polypeptide(L)'
;DDDIAALVVDNGSGMCKAGFAGDDAPRAVFPSIVGRPRHQGVMVGMGQKDSYVGDEAQSKRGILTLKYPIE(HIC)GIVT
NWDDMEKIWHHTFYNELRVAPEEHPVLLTEAPLNPKANREKMTQIMFETFNTPAMYVAIQAVLSLYASGRTTGIVMDSGD
GVTHTVPIYEGYALPHAILRLDLAGRDLTDYLMKILTERGYSFTTTAEREIVRDIKEKLCYVALDFEQEMATAASSSSLE
KSYELPDGQVITIGNERFRCPEALFQPSFLGMESAGIHETTFNSIMKCDVDIRKDLYANTVLSGGTTMYPGIADRMQKEI
TALAPSTMKIKIIAPPERKYSVWIGGSILASLSTFQQMWISKQEYDESGPSIVHRKCF
;
A,B,C,D
2 'polypeptide(L)' W(EEP)A(DTH)C(HYP)A H,I,K,J
#
loop_
_chem_comp.id
_chem_comp.type
_chem_comp.name
_chem_comp.formula
ADP non-polymer ADENOSINE-5'-DIPHOSPHATE 'C10 H15 N5 O10 P2'
MG non-polymer 'MAGNESIUM ION' 'Mg 2'
PO4 non-polymer 'PHOSPHATE ION' 'O4 P -3'
#
# COMPACT_ATOMS: atom_id res chain seq x y z
N ALA A 5 44.73 -4.54 27.49
CA ALA A 5 45.16 -5.86 27.04
C ALA A 5 44.08 -6.90 27.31
N ALA A 6 42.95 -6.78 26.61
CA ALA A 6 41.83 -7.68 26.82
C ALA A 6 42.23 -9.11 26.46
N LEU A 7 41.81 -10.05 27.32
CA LEU A 7 42.09 -11.47 27.10
C LEU A 7 41.00 -12.05 26.21
N VAL A 8 41.24 -12.03 24.90
CA VAL A 8 40.30 -12.63 23.97
C VAL A 8 40.37 -14.14 24.10
N VAL A 9 39.22 -14.75 24.39
CA VAL A 9 39.14 -16.19 24.60
C VAL A 9 38.01 -16.72 23.71
N ASP A 10 38.34 -17.66 22.83
CA ASP A 10 37.36 -18.27 21.94
C ASP A 10 37.21 -19.73 22.36
N ASN A 11 36.21 -19.99 23.21
CA ASN A 11 35.96 -21.34 23.73
C ASN A 11 35.09 -22.11 22.73
N GLY A 12 35.71 -22.49 21.62
CA GLY A 12 35.03 -23.25 20.60
C GLY A 12 34.86 -24.70 21.00
N SER A 13 34.17 -25.44 20.14
CA SER A 13 33.93 -26.87 20.35
C SER A 13 35.21 -27.64 20.02
N GLY A 14 36.18 -27.49 20.91
CA GLY A 14 37.50 -28.05 20.71
C GLY A 14 38.46 -27.04 20.11
N MET A 15 39.74 -27.19 20.46
CA MET A 15 40.80 -26.29 20.00
C MET A 15 40.50 -24.84 20.35
N CYS A 16 40.31 -24.59 21.65
CA CYS A 16 40.03 -23.23 22.12
C CYS A 16 41.26 -22.35 22.00
N LYS A 17 41.06 -21.12 21.51
CA LYS A 17 42.14 -20.17 21.35
C LYS A 17 42.09 -19.11 22.44
N ALA A 18 43.27 -18.66 22.87
CA ALA A 18 43.37 -17.65 23.90
C ALA A 18 44.68 -16.89 23.74
N GLY A 19 44.63 -15.59 24.01
CA GLY A 19 45.83 -14.77 23.91
C GLY A 19 45.49 -13.31 24.10
N PHE A 20 46.55 -12.52 24.27
CA PHE A 20 46.40 -11.08 24.43
C PHE A 20 45.86 -10.45 23.15
N ALA A 21 45.09 -9.38 23.32
CA ALA A 21 44.57 -8.64 22.18
C ALA A 21 45.68 -7.79 21.55
N GLY A 22 45.42 -7.38 20.30
CA GLY A 22 46.37 -6.58 19.56
C GLY A 22 47.43 -7.37 18.82
N ASP A 23 47.46 -8.69 18.96
CA ASP A 23 48.42 -9.52 18.26
C ASP A 23 47.80 -10.00 16.94
N ASP A 24 48.46 -10.95 16.28
CA ASP A 24 47.96 -11.52 15.04
C ASP A 24 47.81 -13.04 15.08
N ALA A 25 48.38 -13.72 16.08
CA ALA A 25 48.26 -15.16 16.19
C ALA A 25 47.89 -15.54 17.62
N PRO A 26 47.13 -16.63 17.79
CA PRO A 26 46.79 -17.08 19.14
C PRO A 26 48.03 -17.44 19.93
N ARG A 27 48.01 -17.09 21.22
CA ARG A 27 49.14 -17.43 22.09
C ARG A 27 49.20 -18.92 22.38
N ALA A 28 48.05 -19.51 22.73
CA ALA A 28 47.98 -20.92 23.08
C ALA A 28 46.72 -21.53 22.47
N VAL A 29 46.88 -22.70 21.85
CA VAL A 29 45.76 -23.48 21.34
C VAL A 29 45.89 -24.89 21.91
N PHE A 30 44.81 -25.38 22.51
CA PHE A 30 44.77 -26.73 23.06
C PHE A 30 43.36 -27.28 22.95
N PRO A 31 43.22 -28.59 22.82
CA PRO A 31 41.87 -29.17 22.70
C PRO A 31 41.04 -28.89 23.93
N SER A 32 39.76 -28.57 23.71
CA SER A 32 38.82 -28.31 24.80
C SER A 32 38.21 -29.63 25.26
N ILE A 33 39.07 -30.47 25.82
CA ILE A 33 38.71 -31.82 26.23
C ILE A 33 39.12 -32.02 27.67
N VAL A 34 38.18 -32.50 28.48
CA VAL A 34 38.44 -32.87 29.88
C VAL A 34 38.22 -34.36 30.02
N GLY A 35 39.26 -35.07 30.45
CA GLY A 35 39.20 -36.51 30.60
C GLY A 35 39.61 -36.93 32.00
N ARG A 36 39.03 -38.05 32.45
CA ARG A 36 39.33 -38.60 33.76
C ARG A 36 39.68 -40.08 33.61
N PRO A 37 40.54 -40.60 34.50
CA PRO A 37 40.91 -42.01 34.41
C PRO A 37 39.73 -42.92 34.68
N ARG A 38 39.77 -44.09 34.03
CA ARG A 38 38.70 -45.08 34.18
C ARG A 38 39.19 -46.29 34.97
N LYS A 49 46.67 -36.95 39.16
CA LYS A 49 45.60 -36.03 39.55
C LYS A 49 44.23 -36.64 39.28
N ASP A 50 43.19 -35.83 39.46
CA ASP A 50 41.82 -36.28 39.25
C ASP A 50 41.37 -36.07 37.80
N SER A 51 41.60 -34.88 37.25
CA SER A 51 41.19 -34.55 35.90
C SER A 51 42.35 -33.91 35.15
N TYR A 52 42.42 -34.18 33.85
CA TYR A 52 43.44 -33.62 32.97
C TYR A 52 42.76 -32.88 31.83
N VAL A 53 43.30 -31.72 31.48
CA VAL A 53 42.74 -30.86 30.45
C VAL A 53 43.87 -30.31 29.59
N GLY A 54 43.67 -30.35 28.28
CA GLY A 54 44.62 -29.74 27.36
C GLY A 54 45.58 -30.71 26.71
N ASP A 55 46.84 -30.30 26.56
CA ASP A 55 47.83 -31.15 25.93
C ASP A 55 48.17 -32.36 26.79
N GLU A 56 48.07 -32.23 28.12
CA GLU A 56 48.30 -33.37 28.99
C GLU A 56 47.26 -34.45 28.79
N ALA A 57 46.02 -34.07 28.43
CA ALA A 57 44.98 -35.06 28.21
C ALA A 57 45.20 -35.82 26.92
N GLN A 58 45.57 -35.12 25.84
CA GLN A 58 45.77 -35.78 24.55
C GLN A 58 46.92 -36.77 24.60
N SER A 59 48.00 -36.40 25.29
CA SER A 59 49.15 -37.30 25.42
C SER A 59 48.76 -38.57 26.17
N LYS A 60 47.94 -38.44 27.21
CA LYS A 60 47.49 -39.56 28.01
C LYS A 60 46.07 -40.00 27.64
N ARG A 61 45.67 -39.77 26.39
CA ARG A 61 44.32 -40.08 25.96
C ARG A 61 44.00 -41.58 25.99
N GLY A 62 45.03 -42.43 25.97
CA GLY A 62 44.79 -43.86 26.02
C GLY A 62 44.20 -44.32 27.34
N ILE A 63 44.64 -43.71 28.44
CA ILE A 63 44.19 -44.13 29.76
C ILE A 63 42.91 -43.42 30.21
N LEU A 64 42.63 -42.23 29.67
CA LEU A 64 41.49 -41.44 30.09
C LEU A 64 40.28 -41.71 29.19
N THR A 65 39.13 -41.18 29.62
CA THR A 65 37.89 -41.21 28.85
C THR A 65 37.58 -39.77 28.46
N LEU A 66 37.91 -39.42 27.22
CA LEU A 66 37.79 -38.04 26.76
C LEU A 66 36.32 -37.63 26.68
N LYS A 67 36.01 -36.47 27.24
CA LYS A 67 34.65 -35.93 27.25
C LYS A 67 34.69 -34.46 26.88
N TYR A 68 33.89 -34.07 25.89
CA TYR A 68 33.85 -32.70 25.43
C TYR A 68 32.88 -31.89 26.27
N PRO A 69 33.33 -30.88 27.01
CA PRO A 69 32.38 -30.04 27.75
C PRO A 69 31.41 -29.30 26.87
N ILE A 70 31.81 -28.91 25.66
CA ILE A 70 30.98 -28.15 24.74
C ILE A 70 30.53 -29.06 23.62
N GLU A 71 29.22 -29.11 23.39
CA GLU A 71 28.65 -29.92 22.32
C GLU A 71 27.68 -29.09 21.50
N HIC A 72 27.95 -28.98 20.20
CA HIC A 72 27.14 -28.20 19.27
C HIC A 72 27.04 -26.74 19.70
O HIC A 72 26.01 -26.10 19.52
CB HIC A 72 25.73 -28.80 19.13
CG HIC A 72 25.73 -30.12 18.45
ND1 HIC A 72 26.49 -30.37 17.34
CD2 HIC A 72 25.01 -31.24 18.78
CE1 HIC A 72 26.25 -31.62 17.02
NE2 HIC A 72 25.36 -32.19 17.86
CZ HIC A 72 24.86 -33.54 17.79
N GLY A 73 28.12 -26.21 20.27
CA GLY A 73 28.18 -24.82 20.68
C GLY A 73 27.41 -24.49 21.94
N ILE A 74 26.92 -25.53 22.63
CA ILE A 74 26.16 -25.38 23.86
C ILE A 74 26.87 -26.15 24.97
N VAL A 75 27.15 -25.46 26.06
CA VAL A 75 27.84 -26.09 27.19
C VAL A 75 26.87 -27.05 27.87
N THR A 76 27.19 -28.34 27.83
CA THR A 76 26.34 -29.36 28.42
C THR A 76 26.68 -29.66 29.87
N ASN A 77 27.78 -29.13 30.39
CA ASN A 77 28.18 -29.37 31.77
C ASN A 77 29.10 -28.25 32.21
N TRP A 78 28.64 -27.43 33.15
CA TRP A 78 29.41 -26.26 33.59
C TRP A 78 30.53 -26.62 34.55
N ASP A 79 30.53 -27.84 35.09
CA ASP A 79 31.63 -28.27 35.95
C ASP A 79 32.94 -28.34 35.16
N ASP A 80 32.90 -28.89 33.96
CA ASP A 80 34.11 -29.00 33.14
C ASP A 80 34.50 -27.68 32.51
N MET A 81 33.52 -26.83 32.19
CA MET A 81 33.85 -25.55 31.56
C MET A 81 34.71 -24.69 32.47
N GLU A 82 34.45 -24.70 33.77
CA GLU A 82 35.28 -23.95 34.70
C GLU A 82 36.70 -24.48 34.74
N LYS A 83 36.89 -25.77 34.43
CA LYS A 83 38.24 -26.36 34.49
C LYS A 83 39.13 -25.82 33.39
N ILE A 84 38.63 -25.80 32.15
CA ILE A 84 39.45 -25.33 31.03
C ILE A 84 39.68 -23.82 31.15
N TRP A 85 38.68 -23.09 31.64
CA TRP A 85 38.81 -21.64 31.79
C TRP A 85 39.81 -21.30 32.89
N HIS A 86 39.77 -22.04 33.99
CA HIS A 86 40.81 -21.91 35.01
C HIS A 86 42.17 -22.31 34.45
N HIS A 87 42.20 -23.32 33.58
CA HIS A 87 43.46 -23.78 33.00
C HIS A 87 44.01 -22.78 32.00
N THR A 88 43.14 -22.03 31.30
CA THR A 88 43.61 -21.08 30.31
C THR A 88 44.37 -19.92 30.95
N PHE A 89 43.78 -19.30 31.98
CA PHE A 89 44.39 -18.11 32.57
C PHE A 89 45.54 -18.46 33.50
N TYR A 90 45.55 -19.65 34.09
CA TYR A 90 46.53 -19.99 35.12
C TYR A 90 47.53 -21.05 34.70
N ASN A 91 47.43 -21.60 33.49
CA ASN A 91 48.39 -22.60 33.07
C ASN A 91 48.97 -22.33 31.68
N GLU A 92 48.22 -21.62 30.83
CA GLU A 92 48.70 -21.30 29.49
C GLU A 92 49.10 -19.83 29.36
N LEU A 93 48.19 -18.91 29.66
CA LEU A 93 48.53 -17.49 29.60
C LEU A 93 49.40 -17.07 30.77
N ARG A 94 49.28 -17.74 31.91
CA ARG A 94 50.06 -17.44 33.11
C ARG A 94 49.90 -15.98 33.53
N VAL A 95 48.70 -15.45 33.36
CA VAL A 95 48.37 -14.08 33.75
C VAL A 95 47.03 -14.09 34.47
N ALA A 96 46.95 -13.37 35.58
CA ALA A 96 45.71 -13.30 36.32
C ALA A 96 44.66 -12.53 35.53
N PRO A 97 43.39 -12.94 35.58
CA PRO A 97 42.34 -12.22 34.86
C PRO A 97 41.71 -11.07 35.63
N GLU A 98 42.23 -10.74 36.81
CA GLU A 98 41.66 -9.67 37.63
C GLU A 98 41.94 -8.28 37.08
N GLU A 99 42.81 -8.16 36.07
CA GLU A 99 43.22 -6.86 35.57
C GLU A 99 42.71 -6.56 34.16
N HIS A 100 42.35 -7.57 33.38
CA HIS A 100 42.01 -7.34 31.99
C HIS A 100 40.61 -7.89 31.68
N PRO A 101 39.87 -7.24 30.79
CA PRO A 101 38.58 -7.78 30.36
C PRO A 101 38.75 -9.03 29.51
N VAL A 102 37.62 -9.69 29.27
CA VAL A 102 37.58 -10.90 28.46
C VAL A 102 36.52 -10.70 27.37
N LEU A 103 36.88 -11.02 26.13
CA LEU A 103 35.97 -10.92 24.98
C LEU A 103 35.63 -12.33 24.53
N LEU A 104 34.54 -12.87 25.06
CA LEU A 104 34.12 -14.23 24.75
C LEU A 104 33.46 -14.28 23.37
N THR A 105 33.34 -15.50 22.85
CA THR A 105 32.68 -15.75 21.58
C THR A 105 31.60 -16.81 21.77
N GLU A 106 30.48 -16.64 21.07
CA GLU A 106 29.36 -17.56 21.17
C GLU A 106 28.63 -17.64 19.83
N ALA A 107 28.24 -18.84 19.45
CA ALA A 107 27.55 -19.03 18.19
C ALA A 107 26.15 -18.43 18.25
N PRO A 108 25.62 -17.95 17.12
CA PRO A 108 24.28 -17.36 17.12
C PRO A 108 23.19 -18.41 17.28
N LEU A 109 22.00 -17.91 17.63
CA LEU A 109 20.82 -18.76 17.84
C LEU A 109 21.08 -19.82 18.91
N ASN A 110 21.75 -19.42 19.98
CA ASN A 110 22.03 -20.29 21.11
C ASN A 110 21.01 -20.05 22.22
N PRO A 111 20.76 -21.06 23.06
CA PRO A 111 19.87 -20.85 24.21
C PRO A 111 20.41 -19.76 25.12
N LYS A 112 19.50 -18.95 25.67
CA LYS A 112 19.93 -17.84 26.50
C LYS A 112 20.52 -18.31 27.82
N ALA A 113 20.12 -19.50 28.28
CA ALA A 113 20.72 -20.05 29.48
C ALA A 113 22.20 -20.37 29.30
N ASN A 114 22.64 -20.57 28.05
CA ASN A 114 24.05 -20.85 27.81
C ASN A 114 24.90 -19.59 27.99
N ARG A 115 24.46 -18.46 27.45
CA ARG A 115 25.26 -17.24 27.55
C ARG A 115 25.06 -16.52 28.88
N GLU A 116 23.91 -16.70 29.53
CA GLU A 116 23.68 -16.07 30.82
C GLU A 116 24.65 -16.61 31.87
N LYS A 117 24.90 -17.92 31.85
CA LYS A 117 25.84 -18.50 32.80
C LYS A 117 27.27 -18.06 32.53
N MET A 118 27.62 -17.86 31.26
CA MET A 118 28.98 -17.45 30.92
C MET A 118 29.31 -16.09 31.52
N THR A 119 28.37 -15.15 31.44
CA THR A 119 28.58 -13.85 32.09
C THR A 119 28.65 -14.02 33.61
N GLN A 120 27.77 -14.84 34.17
CA GLN A 120 27.71 -14.99 35.62
C GLN A 120 28.96 -15.67 36.17
N ILE A 121 29.47 -16.69 35.48
CA ILE A 121 30.50 -17.54 36.07
C ILE A 121 31.80 -16.76 36.29
N MET A 122 32.21 -15.95 35.31
CA MET A 122 33.47 -15.21 35.48
C MET A 122 33.29 -14.01 36.39
N PHE A 123 32.13 -13.35 36.33
CA PHE A 123 31.89 -12.19 37.17
C PHE A 123 31.84 -12.54 38.65
N GLU A 124 31.67 -13.82 38.97
CA GLU A 124 31.60 -14.28 40.36
C GLU A 124 32.84 -15.07 40.77
N THR A 125 33.33 -15.96 39.89
CA THR A 125 34.50 -16.77 40.24
C THR A 125 35.79 -16.01 39.96
N PHE A 126 35.95 -15.48 38.75
CA PHE A 126 37.18 -14.82 38.35
C PHE A 126 37.17 -13.32 38.60
N ASN A 127 35.98 -12.69 38.65
CA ASN A 127 35.85 -11.27 38.97
C ASN A 127 36.66 -10.39 38.03
N THR A 128 36.53 -10.65 36.73
CA THR A 128 37.19 -9.83 35.73
C THR A 128 36.56 -8.44 35.69
N PRO A 129 37.36 -7.39 35.43
CA PRO A 129 36.80 -6.03 35.43
C PRO A 129 35.69 -5.81 34.41
N ALA A 130 35.74 -6.48 33.26
CA ALA A 130 34.75 -6.25 32.22
C ALA A 130 34.51 -7.56 31.47
N MET A 131 33.57 -7.51 30.53
CA MET A 131 33.16 -8.69 29.80
C MET A 131 32.42 -8.26 28.54
N TYR A 132 32.46 -9.12 27.52
CA TYR A 132 31.66 -8.92 26.32
C TYR A 132 31.52 -10.26 25.61
N VAL A 133 30.38 -10.46 24.97
CA VAL A 133 30.10 -11.66 24.18
C VAL A 133 29.82 -11.22 22.75
N ALA A 134 30.52 -11.82 21.81
CA ALA A 134 30.43 -11.45 20.41
C ALA A 134 30.04 -12.67 19.56
N ILE A 135 29.25 -12.42 18.53
CA ILE A 135 28.87 -13.48 17.61
C ILE A 135 30.10 -13.93 16.83
N GLN A 136 30.29 -15.25 16.74
CA GLN A 136 31.50 -15.78 16.10
C GLN A 136 31.53 -15.49 14.60
N ALA A 137 30.37 -15.28 13.97
CA ALA A 137 30.35 -14.98 12.54
C ALA A 137 30.77 -13.54 12.29
N VAL A 138 30.38 -12.62 13.18
CA VAL A 138 30.72 -11.21 13.00
C VAL A 138 32.21 -10.99 13.11
N LEU A 139 32.86 -11.66 14.07
CA LEU A 139 34.30 -11.47 14.26
C LEU A 139 35.09 -11.93 13.03
N SER A 140 34.59 -12.94 12.32
CA SER A 140 35.29 -13.42 11.13
C SER A 140 35.40 -12.33 10.07
N LEU A 141 34.33 -11.56 9.89
CA LEU A 141 34.37 -10.46 8.93
C LEU A 141 35.35 -9.37 9.35
N TYR A 142 35.56 -9.19 10.66
CA TYR A 142 36.52 -8.19 11.12
C TYR A 142 37.93 -8.54 10.69
N ALA A 143 38.29 -9.83 10.75
CA ALA A 143 39.65 -10.23 10.42
C ALA A 143 40.00 -9.90 8.97
N SER A 144 39.08 -10.16 8.04
CA SER A 144 39.33 -9.86 6.64
C SER A 144 39.28 -8.36 6.34
N GLY A 145 38.73 -7.55 7.25
CA GLY A 145 38.61 -6.14 7.03
C GLY A 145 37.41 -5.72 6.21
N ARG A 146 36.61 -6.67 5.74
CA ARG A 146 35.46 -6.37 4.91
C ARG A 146 34.29 -5.90 5.77
N THR A 147 33.21 -5.53 5.10
CA THR A 147 31.97 -5.12 5.78
C THR A 147 30.72 -5.80 5.24
N THR A 148 30.69 -6.18 3.97
CA THR A 148 29.55 -6.87 3.39
C THR A 148 29.91 -8.30 3.05
N GLY A 149 28.90 -9.12 2.82
CA GLY A 149 29.13 -10.51 2.47
C GLY A 149 28.80 -11.46 3.59
N ILE A 150 28.15 -12.58 3.27
CA ILE A 150 27.78 -13.54 4.31
C ILE A 150 29.03 -14.21 4.85
N VAL A 151 28.91 -14.76 6.05
CA VAL A 151 30.01 -15.46 6.71
C VAL A 151 29.59 -16.91 6.91
N MET A 152 30.42 -17.83 6.43
CA MET A 152 30.19 -19.26 6.60
C MET A 152 31.14 -19.77 7.67
N ASP A 153 30.70 -19.68 8.92
CA ASP A 153 31.51 -20.10 10.07
C ASP A 153 31.26 -21.57 10.39
N SER A 154 31.63 -22.44 9.46
CA SER A 154 31.46 -23.88 9.63
C SER A 154 32.56 -24.41 10.53
N GLY A 155 32.35 -24.27 11.84
CA GLY A 155 33.29 -24.78 12.82
C GLY A 155 33.00 -26.21 13.19
N ASP A 156 33.34 -26.58 14.43
CA ASP A 156 33.03 -27.88 14.97
C ASP A 156 31.73 -27.80 15.75
N GLY A 157 30.87 -28.80 15.58
CA GLY A 157 29.59 -28.81 16.23
C GLY A 157 28.49 -28.12 15.45
N VAL A 158 28.72 -26.87 15.06
CA VAL A 158 27.69 -26.05 14.44
C VAL A 158 28.23 -25.38 13.19
N THR A 159 27.32 -25.02 12.29
CA THR A 159 27.62 -24.27 11.08
C THR A 159 26.54 -23.23 10.88
N HIS A 160 26.93 -21.95 10.90
CA HIS A 160 25.97 -20.87 10.82
C HIS A 160 26.40 -19.84 9.79
N THR A 161 25.42 -19.27 9.11
CA THR A 161 25.64 -18.22 8.13
C THR A 161 24.93 -16.95 8.60
N VAL A 162 25.69 -15.88 8.78
CA VAL A 162 25.15 -14.60 9.24
C VAL A 162 25.49 -13.55 8.19
N PRO A 163 24.55 -13.23 7.30
CA PRO A 163 24.81 -12.19 6.29
C PRO A 163 24.90 -10.82 6.94
N ILE A 164 25.87 -10.03 6.49
CA ILE A 164 26.07 -8.66 6.95
C ILE A 164 26.18 -7.76 5.73
N TYR A 165 25.44 -6.65 5.75
CA TYR A 165 25.50 -5.66 4.67
C TYR A 165 25.68 -4.28 5.30
N GLU A 166 26.86 -3.69 5.10
CA GLU A 166 27.19 -2.36 5.60
C GLU A 166 27.11 -2.27 7.12
N GLY A 167 27.37 -3.37 7.82
CA GLY A 167 27.40 -3.39 9.26
C GLY A 167 26.07 -3.68 9.93
N TYR A 168 24.98 -3.73 9.18
CA TYR A 168 23.65 -3.99 9.75
C TYR A 168 23.35 -5.47 9.55
N ALA A 169 23.71 -6.27 10.56
CA ALA A 169 23.44 -7.71 10.49
C ALA A 169 21.93 -7.96 10.47
N LEU A 170 21.51 -8.87 9.60
CA LEU A 170 20.10 -9.16 9.44
C LEU A 170 19.75 -10.40 10.27
N PRO A 171 18.95 -10.26 11.34
CA PRO A 171 18.70 -11.42 12.19
C PRO A 171 17.76 -12.45 11.56
N HIS A 172 16.86 -12.02 10.68
CA HIS A 172 15.91 -12.96 10.09
C HIS A 172 16.56 -13.92 9.09
N ALA A 173 17.76 -13.60 8.61
CA ALA A 173 18.45 -14.44 7.65
C ALA A 173 19.56 -15.27 8.27
N ILE A 174 19.69 -15.25 9.60
CA ILE A 174 20.73 -16.00 10.29
C ILE A 174 20.28 -17.47 10.34
N LEU A 175 20.93 -18.31 9.55
CA LEU A 175 20.65 -19.74 9.52
C LEU A 175 21.68 -20.50 10.34
N ARG A 176 21.22 -21.56 11.00
CA ARG A 176 22.08 -22.39 11.83
C ARG A 176 21.92 -23.84 11.41
N LEU A 177 23.03 -24.50 11.12
CA LEU A 177 23.03 -25.88 10.66
C LEU A 177 23.88 -26.73 11.61
N ASP A 178 23.44 -27.96 11.85
CA ASP A 178 24.11 -28.83 12.81
C ASP A 178 25.15 -29.73 12.17
N LEU A 179 25.38 -29.62 10.86
CA LEU A 179 26.46 -30.39 10.23
C LEU A 179 27.79 -29.68 10.43
N ALA A 180 28.78 -30.42 10.90
CA ALA A 180 30.09 -29.85 11.20
C ALA A 180 31.11 -30.97 11.26
N GLY A 181 32.30 -30.65 11.78
CA GLY A 181 33.39 -31.62 11.79
C GLY A 181 33.10 -32.84 12.64
N ARG A 182 32.43 -32.64 13.78
CA ARG A 182 32.13 -33.76 14.66
C ARG A 182 31.21 -34.77 13.98
N ASP A 183 30.21 -34.28 13.24
CA ASP A 183 29.35 -35.19 12.49
C ASP A 183 30.12 -35.90 11.39
N LEU A 184 31.04 -35.19 10.72
CA LEU A 184 31.85 -35.82 9.70
C LEU A 184 32.76 -36.90 10.28
N THR A 185 33.29 -36.66 11.49
CA THR A 185 34.12 -37.68 12.13
C THR A 185 33.31 -38.95 12.38
N ASP A 186 32.06 -38.81 12.79
CA ASP A 186 31.20 -39.98 12.96
C ASP A 186 30.90 -40.63 11.61
N TYR A 187 30.73 -39.83 10.56
CA TYR A 187 30.49 -40.42 9.24
C TYR A 187 31.75 -41.10 8.71
N LEU A 188 32.91 -40.49 8.93
CA LEU A 188 34.16 -41.14 8.55
C LEU A 188 34.38 -42.41 9.36
N MET A 189 33.76 -42.50 10.54
CA MET A 189 33.79 -43.73 11.32
C MET A 189 33.14 -44.88 10.56
N LYS A 190 31.98 -44.63 9.96
CA LYS A 190 31.18 -45.71 9.39
C LYS A 190 31.77 -46.23 8.09
N ILE A 191 32.26 -45.33 7.23
CA ILE A 191 32.81 -45.75 5.94
C ILE A 191 34.11 -46.51 6.14
N LEU A 192 34.94 -46.09 7.09
CA LEU A 192 36.21 -46.77 7.33
C LEU A 192 35.99 -48.20 7.79
N THR A 193 34.93 -48.44 8.56
CA THR A 193 34.63 -49.79 9.01
C THR A 193 34.30 -50.72 7.85
N GLU A 194 33.85 -50.18 6.71
CA GLU A 194 33.59 -51.02 5.55
C GLU A 194 34.86 -51.62 4.98
N ARG A 195 36.02 -51.03 5.24
CA ARG A 195 37.30 -51.55 4.80
C ARG A 195 38.04 -52.30 5.90
N GLY A 196 37.38 -52.56 7.03
CA GLY A 196 37.99 -53.30 8.12
C GLY A 196 38.69 -52.46 9.16
N TYR A 197 38.79 -51.14 8.97
CA TYR A 197 39.47 -50.27 9.91
C TYR A 197 38.44 -49.73 10.91
N SER A 198 38.16 -50.55 11.92
CA SER A 198 37.17 -50.23 12.94
C SER A 198 37.83 -49.57 14.16
N PHE A 199 37.04 -48.74 14.85
CA PHE A 199 37.52 -48.06 16.04
C PHE A 199 36.38 -47.96 17.04
N THR A 200 36.70 -48.18 18.32
CA THR A 200 35.69 -48.26 19.36
C THR A 200 35.79 -47.13 20.38
N THR A 201 36.95 -46.95 21.01
CA THR A 201 37.06 -46.03 22.13
C THR A 201 37.19 -44.59 21.62
N THR A 202 36.98 -43.64 22.55
CA THR A 202 37.11 -42.23 22.21
C THR A 202 38.55 -41.86 21.86
N ALA A 203 39.52 -42.57 22.42
CA ALA A 203 40.91 -42.36 22.02
C ALA A 203 41.13 -42.75 20.57
N GLU A 204 40.48 -43.82 20.12
CA GLU A 204 40.55 -44.22 18.72
C GLU A 204 39.92 -43.17 17.82
N ARG A 205 38.83 -42.55 18.28
CA ARG A 205 38.18 -41.51 17.48
C ARG A 205 39.10 -40.34 17.22
N GLU A 206 39.98 -40.01 18.17
CA GLU A 206 40.93 -38.94 17.95
C GLU A 206 41.88 -39.27 16.80
N ILE A 207 42.15 -40.55 16.58
CA ILE A 207 42.96 -40.95 15.44
C ILE A 207 42.19 -40.73 14.14
N VAL A 208 40.89 -40.99 14.15
CA VAL A 208 40.09 -40.79 12.94
C VAL A 208 40.05 -39.32 12.55
N ARG A 209 40.03 -38.42 13.53
CA ARG A 209 40.12 -37.00 13.21
C ARG A 209 41.44 -36.69 12.52
N ASP A 210 42.51 -37.39 12.90
CA ASP A 210 43.81 -37.19 12.25
C ASP A 210 43.74 -37.57 10.77
N ILE A 211 43.11 -38.71 10.47
CA ILE A 211 42.99 -39.14 9.07
C ILE A 211 42.17 -38.14 8.28
N LYS A 212 41.15 -37.55 8.89
CA LYS A 212 40.36 -36.53 8.22
C LYS A 212 41.17 -35.26 7.97
N GLU A 213 42.11 -34.94 8.87
CA GLU A 213 42.84 -33.68 8.78
C GLU A 213 43.93 -33.67 7.72
N LYS A 214 44.39 -34.85 7.28
CA LYS A 214 45.50 -34.91 6.34
C LYS A 214 45.23 -35.71 5.07
N LEU A 215 44.12 -36.44 5.00
CA LEU A 215 43.82 -37.24 3.82
C LEU A 215 42.48 -36.93 3.17
N CYS A 216 41.61 -36.16 3.82
CA CYS A 216 40.29 -35.87 3.27
C CYS A 216 40.34 -34.65 2.37
N TYR A 217 39.66 -34.74 1.23
CA TYR A 217 39.57 -33.63 0.29
C TYR A 217 38.22 -33.67 -0.41
N VAL A 218 37.74 -32.50 -0.79
CA VAL A 218 36.44 -32.37 -1.44
C VAL A 218 36.62 -32.57 -2.94
N ALA A 219 35.93 -33.56 -3.49
CA ALA A 219 35.97 -33.81 -4.92
C ALA A 219 35.14 -32.76 -5.65
N LEU A 220 35.54 -32.47 -6.89
CA LEU A 220 34.79 -31.51 -7.70
C LEU A 220 33.44 -32.08 -8.13
N ASP A 221 33.31 -33.40 -8.18
CA ASP A 221 32.08 -34.06 -8.56
C ASP A 221 32.14 -35.53 -8.18
N PHE A 222 31.00 -36.10 -7.82
CA PHE A 222 30.95 -37.52 -7.46
C PHE A 222 31.06 -38.43 -8.68
N GLU A 223 30.13 -38.29 -9.62
CA GLU A 223 29.92 -39.31 -10.64
C GLU A 223 31.21 -39.59 -11.43
N GLN A 224 31.98 -38.55 -11.73
CA GLN A 224 33.25 -38.77 -12.41
C GLN A 224 34.29 -39.38 -11.47
N GLU A 225 34.37 -38.88 -10.24
CA GLU A 225 35.37 -39.39 -9.31
C GLU A 225 35.00 -40.76 -8.77
N MET A 226 33.72 -40.98 -8.47
CA MET A 226 33.30 -42.28 -7.94
C MET A 226 33.56 -43.39 -8.94
N ALA A 227 33.26 -43.16 -10.21
CA ALA A 227 33.58 -44.14 -11.25
C ALA A 227 35.09 -44.31 -11.38
N THR A 228 35.84 -43.19 -11.32
CA THR A 228 37.29 -43.26 -11.40
C THR A 228 37.88 -44.01 -10.21
N ALA A 229 37.35 -43.75 -9.01
CA ALA A 229 37.88 -44.41 -7.81
C ALA A 229 37.67 -45.92 -7.86
N ALA A 230 36.57 -46.37 -8.46
CA ALA A 230 36.29 -47.80 -8.57
C ALA A 230 36.95 -48.45 -9.77
N SER A 231 37.69 -47.68 -10.58
CA SER A 231 38.32 -48.21 -11.78
C SER A 231 39.84 -48.33 -11.68
N SER A 232 40.47 -47.64 -10.74
CA SER A 232 41.92 -47.67 -10.60
C SER A 232 42.28 -47.46 -9.14
N SER A 233 43.58 -47.32 -8.86
CA SER A 233 44.08 -47.13 -7.50
C SER A 233 45.08 -46.00 -7.43
N SER A 234 44.91 -44.97 -8.28
CA SER A 234 45.82 -43.84 -8.28
C SER A 234 45.58 -42.92 -7.09
N LEU A 235 44.36 -42.91 -6.55
CA LEU A 235 43.99 -42.03 -5.45
C LEU A 235 44.25 -42.65 -4.08
N GLU A 236 44.84 -43.84 -4.02
CA GLU A 236 45.12 -44.49 -2.74
C GLU A 236 46.13 -43.68 -1.94
N LYS A 237 45.90 -43.64 -0.63
CA LYS A 237 46.82 -42.99 0.31
C LYS A 237 47.11 -43.93 1.45
N SER A 238 48.37 -43.96 1.88
CA SER A 238 48.82 -44.83 2.96
C SER A 238 49.06 -44.00 4.21
N TYR A 239 48.26 -44.25 5.24
CA TYR A 239 48.40 -43.57 6.53
C TYR A 239 48.70 -44.61 7.60
N GLU A 240 49.71 -44.32 8.42
CA GLU A 240 50.06 -45.18 9.53
C GLU A 240 49.33 -44.72 10.79
N LEU A 241 48.68 -45.66 11.47
CA LEU A 241 47.99 -45.30 12.69
C LEU A 241 49.02 -45.27 13.84
N PRO A 242 48.82 -44.42 14.86
CA PRO A 242 49.89 -44.16 15.83
C PRO A 242 50.57 -45.36 16.49
N ASP A 243 50.02 -46.57 16.32
CA ASP A 243 50.73 -47.73 16.85
C ASP A 243 51.91 -48.15 15.97
N GLY A 244 51.79 -47.97 14.65
CA GLY A 244 52.85 -48.36 13.74
C GLY A 244 52.39 -48.99 12.45
N GLN A 245 51.24 -49.69 12.48
CA GLN A 245 50.73 -50.34 11.29
C GLN A 245 50.10 -49.31 10.36
N VAL A 246 50.21 -49.55 9.06
CA VAL A 246 49.71 -48.63 8.04
C VAL A 246 48.36 -49.13 7.53
N ILE A 247 47.51 -48.18 7.13
CA ILE A 247 46.22 -48.47 6.53
C ILE A 247 46.09 -47.69 5.24
N THR A 248 45.26 -48.20 4.33
CA THR A 248 45.04 -47.59 3.03
C THR A 248 43.55 -47.28 2.87
N ILE A 249 43.24 -46.02 2.59
CA ILE A 249 41.87 -45.57 2.39
C ILE A 249 41.70 -45.13 0.94
N GLY A 250 40.53 -45.42 0.38
CA GLY A 250 40.26 -45.14 -1.01
C GLY A 250 39.20 -44.07 -1.24
N ASN A 251 37.98 -44.49 -1.55
CA ASN A 251 36.89 -43.56 -1.79
C ASN A 251 36.50 -42.76 -0.55
N GLU A 252 36.96 -43.16 0.63
CA GLU A 252 36.65 -42.41 1.84
C GLU A 252 37.28 -41.02 1.83
N ARG A 253 38.27 -40.78 0.96
CA ARG A 253 38.91 -39.46 0.92
C ARG A 253 37.91 -38.38 0.52
N PHE A 254 37.07 -38.65 -0.47
CA PHE A 254 36.12 -37.66 -0.98
C PHE A 254 34.68 -37.96 -0.62
N ARG A 255 34.43 -38.97 0.21
CA ARG A 255 33.06 -39.29 0.60
C ARG A 255 32.65 -38.58 1.89
N CYS A 256 33.51 -38.64 2.92
CA CYS A 256 33.20 -37.97 4.17
C CYS A 256 33.10 -36.46 4.02
N PRO A 257 34.05 -35.76 3.37
CA PRO A 257 33.90 -34.30 3.24
C PRO A 257 32.63 -33.86 2.52
N GLU A 258 32.18 -34.63 1.51
CA GLU A 258 31.04 -34.21 0.72
C GLU A 258 29.73 -34.34 1.47
N ALA A 259 29.73 -35.00 2.64
CA ALA A 259 28.53 -35.02 3.47
C ALA A 259 28.12 -33.62 3.90
N LEU A 260 29.04 -32.66 3.87
CA LEU A 260 28.68 -31.27 4.11
C LEU A 260 27.68 -30.78 3.08
N PHE A 261 27.84 -31.20 1.82
CA PHE A 261 27.00 -30.75 0.72
C PHE A 261 25.81 -31.68 0.45
N GLN A 262 25.88 -32.93 0.89
CA GLN A 262 24.80 -33.89 0.72
C GLN A 262 24.52 -34.54 2.07
N PRO A 263 23.78 -33.85 2.95
CA PRO A 263 23.53 -34.39 4.29
C PRO A 263 22.70 -35.66 4.32
N SER A 264 22.14 -36.09 3.18
CA SER A 264 21.34 -37.31 3.15
C SER A 264 22.16 -38.54 3.52
N PHE A 265 23.48 -38.49 3.34
CA PHE A 265 24.32 -39.60 3.76
C PHE A 265 24.26 -39.80 5.26
N LEU A 266 24.29 -38.71 6.03
CA LEU A 266 24.21 -38.80 7.48
C LEU A 266 22.82 -39.18 7.96
N GLY A 267 21.81 -39.05 7.10
CA GLY A 267 20.43 -39.26 7.48
C GLY A 267 19.69 -38.00 7.87
N MET A 268 20.41 -36.90 8.08
CA MET A 268 19.77 -35.64 8.43
C MET A 268 19.11 -35.02 7.22
N GLU A 269 17.92 -34.44 7.42
CA GLU A 269 17.12 -33.91 6.34
C GLU A 269 17.55 -32.51 5.89
N SER A 270 18.37 -31.81 6.67
CA SER A 270 18.68 -30.42 6.37
C SER A 270 19.47 -30.32 5.06
N ALA A 271 19.50 -29.11 4.50
CA ALA A 271 20.18 -28.86 3.25
C ALA A 271 21.69 -28.81 3.46
N GLY A 272 22.42 -28.80 2.35
CA GLY A 272 23.87 -28.79 2.39
C GLY A 272 24.44 -27.39 2.62
N ILE A 273 25.77 -27.32 2.56
CA ILE A 273 26.46 -26.05 2.77
C ILE A 273 26.10 -25.06 1.67
N HIS A 274 26.11 -25.52 0.42
CA HIS A 274 25.79 -24.63 -0.71
C HIS A 274 24.35 -24.16 -0.64
N GLU A 275 23.42 -25.04 -0.30
CA GLU A 275 22.01 -24.66 -0.26
C GLU A 275 21.71 -23.76 0.93
N THR A 276 22.40 -23.99 2.06
CA THR A 276 22.20 -23.12 3.21
C THR A 276 22.62 -21.69 2.90
N THR A 277 23.77 -21.52 2.22
CA THR A 277 24.16 -20.20 1.75
C THR A 277 23.16 -19.66 0.73
N PHE A 278 22.70 -20.52 -0.18
CA PHE A 278 21.74 -20.10 -1.20
C PHE A 278 20.43 -19.65 -0.57
N ASN A 279 19.93 -20.40 0.43
CA ASN A 279 18.67 -20.03 1.05
C ASN A 279 18.81 -18.81 1.96
N SER A 280 20.00 -18.61 2.54
CA SER A 280 20.19 -17.46 3.43
C SER A 280 20.14 -16.15 2.67
N ILE A 281 20.64 -16.14 1.43
CA ILE A 281 20.67 -14.90 0.66
C ILE A 281 19.28 -14.46 0.24
N MET A 282 18.43 -15.40 -0.17
CA MET A 282 17.07 -15.04 -0.57
C MET A 282 16.25 -14.52 0.60
N LYS A 283 16.58 -14.91 1.83
CA LYS A 283 15.92 -14.32 2.98
C LYS A 283 16.25 -12.84 3.13
N CYS A 284 17.36 -12.39 2.54
CA CYS A 284 17.70 -10.98 2.52
C CYS A 284 16.97 -10.26 1.39
N ASP A 285 17.06 -8.94 1.41
CA ASP A 285 16.38 -8.12 0.41
C ASP A 285 17.05 -8.26 -0.95
N VAL A 286 16.28 -7.97 -1.99
CA VAL A 286 16.76 -8.15 -3.36
C VAL A 286 17.89 -7.17 -3.67
N ASP A 287 17.82 -5.96 -3.13
CA ASP A 287 18.80 -4.93 -3.47
C ASP A 287 20.18 -5.21 -2.89
N ILE A 288 20.29 -6.13 -1.93
CA ILE A 288 21.57 -6.45 -1.30
C ILE A 288 22.07 -7.84 -1.67
N ARG A 289 21.28 -8.61 -2.43
CA ARG A 289 21.74 -9.94 -2.83
C ARG A 289 22.95 -9.85 -3.74
N LYS A 290 22.99 -8.83 -4.60
CA LYS A 290 24.11 -8.69 -5.54
C LYS A 290 25.43 -8.50 -4.81
N ASP A 291 25.43 -7.70 -3.74
CA ASP A 291 26.66 -7.47 -2.99
C ASP A 291 27.10 -8.72 -2.24
N LEU A 292 26.15 -9.45 -1.64
CA LEU A 292 26.50 -10.62 -0.86
C LEU A 292 27.06 -11.74 -1.74
N TYR A 293 26.55 -11.88 -2.97
CA TYR A 293 27.01 -12.96 -3.84
C TYR A 293 28.50 -12.83 -4.16
N ALA A 294 29.02 -11.61 -4.21
CA ALA A 294 30.40 -11.37 -4.61
C ALA A 294 31.34 -11.16 -3.43
N ASN A 295 30.89 -11.40 -2.21
CA ASN A 295 31.73 -11.18 -1.04
C ASN A 295 31.57 -12.29 -0.01
N THR A 296 31.29 -13.51 -0.46
CA THR A 296 31.14 -14.63 0.47
C THR A 296 32.47 -14.92 1.16
N VAL A 297 32.40 -15.12 2.48
CA VAL A 297 33.58 -15.36 3.30
C VAL A 297 33.46 -16.73 3.94
N LEU A 298 34.58 -17.43 4.06
CA LEU A 298 34.64 -18.75 4.66
C LEU A 298 35.50 -18.72 5.91
N SER A 299 35.16 -19.55 6.88
CA SER A 299 35.92 -19.65 8.12
C SER A 299 35.61 -20.99 8.79
N GLY A 300 36.43 -21.33 9.77
CA GLY A 300 36.24 -22.54 10.54
C GLY A 300 37.18 -23.65 10.12
N GLY A 301 37.42 -24.58 11.04
CA GLY A 301 38.31 -25.69 10.76
C GLY A 301 37.76 -26.63 9.71
N THR A 302 36.45 -26.87 9.73
CA THR A 302 35.84 -27.75 8.75
C THR A 302 36.05 -27.23 7.33
N THR A 303 35.99 -25.91 7.15
CA THR A 303 36.18 -25.29 5.85
C THR A 303 37.61 -25.47 5.32
N MET A 304 38.55 -25.85 6.16
CA MET A 304 39.95 -25.99 5.74
C MET A 304 40.18 -27.19 4.82
N TYR A 305 39.11 -27.83 4.34
CA TYR A 305 39.27 -28.91 3.37
C TYR A 305 39.89 -28.38 2.09
N PRO A 306 40.75 -29.15 1.43
CA PRO A 306 41.35 -28.70 0.16
C PRO A 306 40.31 -28.68 -0.94
N GLY A 307 40.17 -27.52 -1.58
CA GLY A 307 39.28 -27.41 -2.72
C GLY A 307 37.82 -27.20 -2.38
N ILE A 308 37.49 -26.85 -1.13
CA ILE A 308 36.09 -26.61 -0.79
C ILE A 308 35.58 -25.33 -1.44
N ALA A 309 36.46 -24.35 -1.67
CA ALA A 309 36.04 -23.13 -2.34
C ALA A 309 35.70 -23.38 -3.80
N ASP A 310 36.49 -24.21 -4.48
CA ASP A 310 36.24 -24.50 -5.88
C ASP A 310 34.90 -25.20 -6.07
N ARG A 311 34.59 -26.18 -5.23
CA ARG A 311 33.32 -26.88 -5.35
C ARG A 311 32.15 -25.99 -4.98
N MET A 312 32.29 -25.19 -3.92
CA MET A 312 31.21 -24.29 -3.54
C MET A 312 31.00 -23.21 -4.60
N GLN A 313 32.06 -22.81 -5.28
CA GLN A 313 31.92 -21.84 -6.37
C GLN A 313 31.06 -22.40 -7.50
N LYS A 314 31.26 -23.67 -7.85
CA LYS A 314 30.49 -24.28 -8.93
C LYS A 314 29.04 -24.49 -8.52
N GLU A 315 28.82 -25.07 -7.33
CA GLU A 315 27.46 -25.44 -6.92
C GLU A 315 26.57 -24.21 -6.76
N ILE A 316 27.10 -23.15 -6.14
CA ILE A 316 26.30 -21.93 -6.00
C ILE A 316 26.05 -21.29 -7.37
N THR A 317 27.03 -21.37 -8.27
CA THR A 317 26.87 -20.79 -9.59
C THR A 317 25.73 -21.45 -10.35
N ALA A 318 25.60 -22.77 -10.23
CA ALA A 318 24.50 -23.47 -10.88
C ALA A 318 23.16 -23.02 -10.33
N LEU A 319 23.07 -22.84 -9.01
CA LEU A 319 21.82 -22.38 -8.41
C LEU A 319 21.58 -20.90 -8.70
N ALA A 320 22.62 -20.07 -8.57
CA ALA A 320 22.48 -18.64 -8.79
C ALA A 320 22.29 -18.34 -10.27
N PRO A 321 21.73 -17.18 -10.61
CA PRO A 321 21.62 -16.80 -12.02
C PRO A 321 22.98 -16.66 -12.67
N SER A 322 23.01 -16.92 -13.99
CA SER A 322 24.28 -16.94 -14.72
C SER A 322 24.96 -15.57 -14.70
N THR A 323 24.18 -14.50 -14.84
CA THR A 323 24.75 -13.15 -14.87
C THR A 323 25.41 -12.78 -13.54
N MET A 324 25.03 -13.43 -12.44
CA MET A 324 25.63 -13.14 -11.16
C MET A 324 27.07 -13.63 -11.11
N LYS A 325 27.91 -12.89 -10.36
CA LYS A 325 29.31 -13.24 -10.17
C LYS A 325 29.51 -13.78 -8.76
N ILE A 326 30.13 -14.96 -8.68
CA ILE A 326 30.38 -15.62 -7.40
C ILE A 326 31.87 -15.54 -7.13
N LYS A 327 32.24 -15.00 -5.98
CA LYS A 327 33.64 -14.84 -5.58
C LYS A 327 33.75 -15.29 -4.12
N ILE A 328 34.20 -16.52 -3.92
CA ILE A 328 34.27 -17.12 -2.59
C ILE A 328 35.62 -16.73 -2.01
N ILE A 329 35.64 -15.67 -1.20
CA ILE A 329 36.87 -15.23 -0.57
C ILE A 329 37.19 -16.14 0.61
N ALA A 330 38.44 -16.61 0.67
CA ALA A 330 38.88 -17.51 1.73
C ALA A 330 40.38 -17.29 1.95
N PRO A 331 40.75 -16.53 2.98
CA PRO A 331 42.17 -16.33 3.24
C PRO A 331 42.85 -17.63 3.63
N PRO A 332 44.16 -17.77 3.37
CA PRO A 332 44.83 -19.03 3.73
C PRO A 332 44.77 -19.35 5.22
N GLU A 333 44.81 -18.34 6.08
CA GLU A 333 44.72 -18.54 7.52
C GLU A 333 43.28 -18.35 7.99
N ARG A 334 42.40 -19.21 7.49
CA ARG A 334 40.98 -19.17 7.83
C ARG A 334 40.64 -19.98 9.08
N LYS A 335 41.59 -20.72 9.63
CA LYS A 335 41.32 -21.52 10.82
C LYS A 335 41.20 -20.63 12.05
N TYR A 336 42.07 -19.63 12.17
CA TYR A 336 42.04 -18.69 13.29
C TYR A 336 41.39 -17.36 12.92
N SER A 337 40.46 -17.39 11.98
CA SER A 337 39.82 -16.15 11.53
C SER A 337 38.99 -15.51 12.64
N VAL A 338 38.30 -16.33 13.44
CA VAL A 338 37.45 -15.79 14.49
C VAL A 338 38.29 -15.05 15.53
N TRP A 339 39.40 -15.68 15.96
CA TRP A 339 40.23 -15.05 17.00
C TRP A 339 40.89 -13.78 16.48
N ILE A 340 41.38 -13.81 15.23
CA ILE A 340 42.06 -12.63 14.68
C ILE A 340 41.11 -11.46 14.62
N GLY A 341 39.87 -11.69 14.19
CA GLY A 341 38.87 -10.64 14.23
C GLY A 341 38.57 -10.18 15.64
N GLY A 342 38.61 -11.10 16.60
CA GLY A 342 38.38 -10.73 17.98
C GLY A 342 39.47 -9.88 18.57
N SER A 343 40.70 -10.02 18.06
CA SER A 343 41.79 -9.18 18.53
C SER A 343 41.63 -7.74 18.07
N ILE A 344 41.15 -7.56 16.83
CA ILE A 344 40.94 -6.20 16.31
C ILE A 344 39.84 -5.49 17.08
N LEU A 345 38.75 -6.20 17.35
CA LEU A 345 37.62 -5.57 18.06
C LEU A 345 38.03 -5.12 19.46
N ALA A 346 38.81 -5.93 20.17
CA ALA A 346 39.19 -5.58 21.53
C ALA A 346 40.15 -4.39 21.56
N SER A 347 40.90 -4.17 20.48
CA SER A 347 41.86 -3.08 20.42
C SER A 347 41.28 -1.79 19.83
N LEU A 348 40.01 -1.80 19.42
CA LEU A 348 39.40 -0.60 18.87
C LEU A 348 39.12 0.40 19.98
N SER A 349 39.39 1.68 19.69
CA SER A 349 39.13 2.73 20.67
C SER A 349 37.64 2.89 20.93
N THR A 350 36.82 2.80 19.87
CA THR A 350 35.38 2.97 20.02
C THR A 350 34.74 1.84 20.82
N PHE A 351 35.39 0.68 20.90
CA PHE A 351 34.82 -0.47 21.59
C PHE A 351 34.89 -0.36 23.11
N GLN A 352 35.68 0.57 23.65
CA GLN A 352 35.85 0.65 25.09
C GLN A 352 34.59 1.08 25.82
N GLN A 353 33.59 1.62 25.11
CA GLN A 353 32.35 2.02 25.77
C GLN A 353 31.38 0.86 25.92
N MET A 354 31.47 -0.15 25.06
CA MET A 354 30.54 -1.28 25.10
C MET A 354 30.93 -2.34 26.10
N TRP A 355 32.05 -2.17 26.81
CA TRP A 355 32.44 -3.13 27.84
C TRP A 355 31.40 -3.18 28.94
N ILE A 356 31.08 -4.38 29.40
CA ILE A 356 30.15 -4.58 30.50
C ILE A 356 30.92 -4.39 31.81
N SER A 357 30.68 -3.29 32.51
CA SER A 357 31.39 -3.01 33.74
C SER A 357 30.91 -3.93 34.85
N LYS A 358 31.73 -4.02 35.91
CA LYS A 358 31.35 -4.83 37.06
C LYS A 358 30.12 -4.29 37.76
N GLN A 359 29.97 -2.96 37.80
CA GLN A 359 28.79 -2.36 38.43
C GLN A 359 27.51 -2.68 37.67
N GLU A 360 27.59 -2.77 36.35
CA GLU A 360 26.40 -3.07 35.56
C GLU A 360 25.92 -4.49 35.74
N TYR A 361 26.80 -5.42 36.17
CA TYR A 361 26.38 -6.79 36.35
C TYR A 361 25.50 -6.95 37.60
N ASP A 362 25.91 -6.33 38.71
CA ASP A 362 25.20 -6.54 39.97
C ASP A 362 23.84 -5.85 39.97
N GLU A 363 23.68 -4.76 39.23
CA GLU A 363 22.41 -4.04 39.23
C GLU A 363 21.32 -4.83 38.51
N SER A 364 21.67 -5.59 37.49
CA SER A 364 20.69 -6.33 36.69
C SER A 364 20.91 -7.83 36.72
N GLY A 365 21.82 -8.32 37.55
CA GLY A 365 22.10 -9.74 37.62
C GLY A 365 22.72 -10.25 36.33
N PRO A 366 22.52 -11.54 36.04
CA PRO A 366 23.07 -12.12 34.81
C PRO A 366 22.33 -11.71 33.54
N SER A 367 21.26 -10.91 33.65
CA SER A 367 20.50 -10.49 32.49
C SER A 367 21.17 -9.39 31.69
N ILE A 368 22.28 -8.84 32.18
CA ILE A 368 22.97 -7.76 31.48
C ILE A 368 23.52 -8.21 30.14
N VAL A 369 23.73 -9.52 29.96
CA VAL A 369 24.31 -10.00 28.70
C VAL A 369 23.32 -9.83 27.56
N HIS A 370 22.03 -10.03 27.82
CA HIS A 370 21.03 -9.91 26.77
C HIS A 370 20.88 -8.46 26.30
N ARG A 371 20.85 -7.52 27.23
CA ARG A 371 20.56 -6.13 26.89
C ARG A 371 21.76 -5.44 26.26
N LYS A 372 22.98 -5.83 26.62
CA LYS A 372 24.19 -5.16 26.15
C LYS A 372 24.86 -5.89 24.98
N CYS A 373 24.48 -7.12 24.70
CA CYS A 373 25.08 -7.87 23.59
C CYS A 373 24.00 -8.47 22.68
N ALA B 5 -25.68 -31.87 -7.73
CA ALA B 5 -24.92 -31.76 -6.50
C ALA B 5 -23.52 -31.21 -6.77
N ALA B 6 -23.40 -29.89 -6.73
CA ALA B 6 -22.13 -29.23 -7.03
C ALA B 6 -21.17 -29.40 -5.87
N LEU B 7 -19.98 -29.96 -6.15
CA LEU B 7 -18.94 -30.01 -5.14
C LEU B 7 -18.45 -28.60 -4.82
N VAL B 8 -17.99 -28.42 -3.60
CA VAL B 8 -17.33 -27.18 -3.18
C VAL B 8 -16.00 -27.58 -2.56
N VAL B 9 -14.92 -27.26 -3.25
CA VAL B 9 -13.56 -27.60 -2.80
C VAL B 9 -12.80 -26.30 -2.60
N ASP B 10 -12.29 -26.10 -1.39
CA ASP B 10 -11.47 -24.94 -1.06
C ASP B 10 -10.07 -25.47 -0.79
N ASN B 11 -9.21 -25.39 -1.80
CA ASN B 11 -7.84 -25.88 -1.71
C ASN B 11 -6.94 -24.75 -1.20
N GLY B 12 -7.02 -24.52 0.11
CA GLY B 12 -6.19 -23.50 0.72
C GLY B 12 -4.75 -23.94 0.90
N SER B 13 -3.92 -22.98 1.31
CA SER B 13 -2.51 -23.29 1.54
C SER B 13 -2.34 -24.27 2.69
N GLY B 14 -3.24 -24.25 3.66
CA GLY B 14 -3.21 -25.22 4.73
C GLY B 14 -4.07 -26.43 4.43
N MET B 15 -4.89 -26.85 5.39
CA MET B 15 -5.81 -27.95 5.15
C MET B 15 -6.87 -27.56 4.15
N CYS B 16 -7.25 -28.51 3.29
CA CYS B 16 -8.26 -28.29 2.28
C CYS B 16 -9.60 -28.88 2.73
N LYS B 17 -10.66 -28.12 2.54
CA LYS B 17 -12.00 -28.51 2.95
C LYS B 17 -12.81 -28.89 1.70
N ALA B 18 -13.33 -30.11 1.69
CA ALA B 18 -14.10 -30.61 0.55
C ALA B 18 -15.40 -31.22 1.04
N GLY B 19 -16.48 -30.93 0.32
CA GLY B 19 -17.78 -31.46 0.68
C GLY B 19 -18.83 -30.98 -0.29
N PHE B 20 -20.00 -31.60 -0.19
CA PHE B 20 -21.11 -31.27 -1.08
C PHE B 20 -21.72 -29.93 -0.72
N ALA B 21 -22.49 -29.38 -1.66
CA ALA B 21 -23.20 -28.13 -1.46
C ALA B 21 -24.59 -28.41 -0.88
N GLY B 22 -25.14 -27.39 -0.24
CA GLY B 22 -26.42 -27.51 0.43
C GLY B 22 -26.35 -28.01 1.86
N ASP B 23 -25.16 -28.41 2.32
CA ASP B 23 -24.97 -28.85 3.69
C ASP B 23 -24.43 -27.70 4.53
N ASP B 24 -24.12 -27.99 5.79
CA ASP B 24 -23.62 -26.99 6.72
C ASP B 24 -22.16 -27.19 7.12
N ALA B 25 -21.61 -28.39 6.94
CA ALA B 25 -20.24 -28.68 7.32
C ALA B 25 -19.54 -29.43 6.20
N PRO B 26 -18.21 -29.28 6.10
CA PRO B 26 -17.47 -30.04 5.08
C PRO B 26 -17.57 -31.54 5.31
N ARG B 27 -17.62 -32.29 4.21
CA ARG B 27 -17.69 -33.74 4.30
C ARG B 27 -16.38 -34.33 4.79
N ALA B 28 -15.25 -33.89 4.22
CA ALA B 28 -13.95 -34.43 4.56
C ALA B 28 -12.92 -33.32 4.59
N VAL B 29 -12.18 -33.23 5.68
CA VAL B 29 -11.10 -32.25 5.83
C VAL B 29 -9.83 -33.01 6.19
N PHE B 30 -8.71 -32.62 5.57
CA PHE B 30 -7.44 -33.26 5.82
C PHE B 30 -6.32 -32.30 5.44
N PRO B 31 -5.15 -32.40 6.07
CA PRO B 31 -4.05 -31.51 5.70
C PRO B 31 -3.61 -31.73 4.26
N SER B 32 -3.20 -30.64 3.62
CA SER B 32 -2.75 -30.68 2.22
C SER B 32 -1.23 -30.83 2.19
N ILE B 33 -0.78 -32.01 2.61
CA ILE B 33 0.64 -32.35 2.66
C ILE B 33 0.85 -33.64 1.89
N VAL B 34 1.89 -33.65 1.05
CA VAL B 34 2.29 -34.85 0.31
C VAL B 34 3.72 -35.16 0.70
N GLY B 35 3.96 -36.37 1.18
CA GLY B 35 5.26 -36.77 1.66
C GLY B 35 5.70 -38.10 1.06
N ARG B 36 7.01 -38.29 1.00
CA ARG B 36 7.64 -39.51 0.51
C ARG B 36 8.68 -39.96 1.51
N PRO B 37 8.97 -41.28 1.55
CA PRO B 37 9.88 -41.79 2.59
C PRO B 37 11.25 -41.14 2.52
N ARG B 38 11.83 -40.89 3.70
CA ARG B 38 13.12 -40.23 3.79
C ARG B 38 14.23 -41.14 3.30
N HIS B 39 15.20 -40.55 2.59
CA HIS B 39 16.38 -41.25 2.12
C HIS B 39 16.01 -42.48 1.29
N GLN B 40 16.27 -43.67 1.82
CA GLN B 40 15.96 -44.91 1.12
C GLN B 40 14.81 -45.66 1.80
N GLY B 47 5.01 -53.09 1.31
CA GLY B 47 4.42 -52.52 0.11
C GLY B 47 4.05 -51.05 0.27
N GLN B 48 4.99 -50.27 0.79
CA GLN B 48 4.76 -48.84 0.98
C GLN B 48 4.70 -48.13 -0.36
N LYS B 49 3.67 -47.31 -0.55
CA LYS B 49 3.53 -46.56 -1.79
C LYS B 49 4.47 -45.35 -1.78
N ASP B 50 4.74 -44.82 -2.98
CA ASP B 50 5.76 -43.80 -3.14
C ASP B 50 5.39 -42.52 -2.41
N SER B 51 4.17 -42.02 -2.61
CA SER B 51 3.75 -40.73 -2.09
C SER B 51 2.51 -40.91 -1.23
N TYR B 52 2.61 -40.51 0.04
CA TYR B 52 1.46 -40.51 0.94
C TYR B 52 0.87 -39.12 0.99
N VAL B 53 -0.45 -39.02 0.81
CA VAL B 53 -1.15 -37.75 0.77
C VAL B 53 -2.22 -37.73 1.83
N GLY B 54 -2.63 -36.52 2.22
CA GLY B 54 -3.72 -36.38 3.16
C GLY B 54 -3.37 -36.82 4.58
N ASP B 55 -4.37 -37.36 5.27
CA ASP B 55 -4.20 -37.76 6.65
C ASP B 55 -3.20 -38.90 6.80
N GLU B 56 -2.99 -39.69 5.74
CA GLU B 56 -2.04 -40.79 5.82
C GLU B 56 -0.62 -40.29 6.05
N ALA B 57 -0.29 -39.14 5.46
CA ALA B 57 1.04 -38.56 5.69
C ALA B 57 1.20 -38.10 7.14
N GLN B 58 0.12 -37.62 7.76
CA GLN B 58 0.20 -37.18 9.14
C GLN B 58 0.51 -38.34 10.08
N SER B 59 -0.09 -39.51 9.82
CA SER B 59 0.14 -40.65 10.69
C SER B 59 1.60 -41.09 10.67
N LYS B 60 2.21 -41.12 9.49
CA LYS B 60 3.61 -41.52 9.33
C LYS B 60 4.53 -40.33 9.13
N ARG B 61 4.24 -39.19 9.78
CA ARG B 61 5.01 -37.98 9.56
C ARG B 61 6.44 -38.09 10.06
N GLY B 62 6.74 -39.08 10.91
CA GLY B 62 8.10 -39.24 11.41
C GLY B 62 9.06 -39.84 10.41
N ILE B 63 8.58 -40.31 9.26
CA ILE B 63 9.41 -40.93 8.24
C ILE B 63 9.39 -40.13 6.94
N LEU B 64 8.20 -39.75 6.47
CA LEU B 64 8.08 -39.10 5.18
C LEU B 64 8.60 -37.67 5.22
N THR B 65 9.01 -37.18 4.05
CA THR B 65 9.47 -35.80 3.88
C THR B 65 8.24 -34.97 3.54
N LEU B 66 7.64 -34.38 4.57
CA LEU B 66 6.41 -33.61 4.38
C LEU B 66 6.70 -32.34 3.59
N LYS B 67 5.93 -32.11 2.54
CA LYS B 67 6.10 -30.96 1.66
C LYS B 67 4.75 -30.42 1.26
N TYR B 68 4.59 -29.10 1.32
CA TYR B 68 3.31 -28.46 1.03
C TYR B 68 3.25 -28.11 -0.45
N PRO B 69 2.32 -28.68 -1.22
CA PRO B 69 2.21 -28.32 -2.64
C PRO B 69 1.84 -26.87 -2.87
N ILE B 70 1.12 -26.23 -1.97
CA ILE B 70 0.69 -24.84 -2.12
C ILE B 70 1.51 -23.98 -1.17
N GLU B 71 2.13 -22.94 -1.69
CA GLU B 71 2.88 -22.00 -0.88
C GLU B 71 2.42 -20.58 -1.15
N HIC B 72 1.97 -19.90 -0.10
CA HIC B 72 1.46 -18.54 -0.19
C HIC B 72 0.30 -18.41 -1.20
O HIC B 72 0.22 -17.43 -1.94
CB HIC B 72 2.58 -17.55 -0.56
CG HIC B 72 3.53 -17.33 0.55
ND1 HIC B 72 3.13 -17.23 1.85
CD2 HIC B 72 4.89 -17.19 0.49
CE1 HIC B 72 4.22 -17.03 2.55
NE2 HIC B 72 5.32 -17.00 1.77
CZ HIC B 72 6.67 -16.79 2.22
N GLY B 73 -0.56 -19.42 -1.22
CA GLY B 73 -1.73 -19.40 -2.07
C GLY B 73 -1.43 -19.60 -3.55
N ILE B 74 -0.21 -20.03 -3.86
CA ILE B 74 0.23 -20.27 -5.23
C ILE B 74 0.66 -21.72 -5.34
N VAL B 75 0.12 -22.42 -6.35
CA VAL B 75 0.48 -23.80 -6.58
C VAL B 75 1.89 -23.84 -7.16
N THR B 76 2.82 -24.46 -6.45
CA THR B 76 4.21 -24.50 -6.87
C THR B 76 4.56 -25.76 -7.63
N ASN B 77 3.92 -26.89 -7.34
CA ASN B 77 4.18 -28.14 -8.07
C ASN B 77 2.83 -28.66 -8.57
N TRP B 78 2.60 -28.51 -9.88
CA TRP B 78 1.36 -28.96 -10.48
C TRP B 78 1.27 -30.48 -10.56
N ASP B 79 2.37 -31.18 -10.34
CA ASP B 79 2.31 -32.64 -10.26
C ASP B 79 1.72 -33.09 -8.93
N ASP B 80 1.95 -32.32 -7.86
CA ASP B 80 1.40 -32.67 -6.55
C ASP B 80 -0.08 -32.35 -6.44
N MET B 81 -0.52 -31.23 -7.01
CA MET B 81 -1.92 -30.83 -6.88
C MET B 81 -2.85 -31.82 -7.58
N GLU B 82 -2.35 -32.50 -8.61
CA GLU B 82 -3.15 -33.55 -9.24
C GLU B 82 -3.34 -34.72 -8.29
N LYS B 83 -2.38 -34.96 -7.40
CA LYS B 83 -2.49 -36.08 -6.47
C LYS B 83 -3.54 -35.82 -5.40
N ILE B 84 -3.53 -34.62 -4.82
CA ILE B 84 -4.49 -34.30 -3.75
C ILE B 84 -5.91 -34.31 -4.29
N TRP B 85 -6.12 -33.69 -5.46
CA TRP B 85 -7.44 -33.68 -6.08
C TRP B 85 -7.89 -35.10 -6.43
N HIS B 86 -6.97 -35.92 -6.93
CA HIS B 86 -7.30 -37.32 -7.19
C HIS B 86 -7.66 -38.06 -5.90
N HIS B 87 -7.06 -37.67 -4.78
CA HIS B 87 -7.37 -38.31 -3.51
C HIS B 87 -8.71 -37.84 -2.96
N THR B 88 -9.03 -36.55 -3.10
CA THR B 88 -10.28 -36.02 -2.58
C THR B 88 -11.49 -36.63 -3.29
N PHE B 89 -11.44 -36.69 -4.62
CA PHE B 89 -12.60 -37.11 -5.40
C PHE B 89 -12.83 -38.61 -5.35
N TYR B 90 -11.78 -39.41 -5.21
CA TYR B 90 -11.90 -40.86 -5.32
C TYR B 90 -11.70 -41.60 -4.00
N ASN B 91 -11.26 -40.94 -2.94
CA ASN B 91 -11.05 -41.62 -1.68
C ASN B 91 -11.85 -41.04 -0.52
N GLU B 92 -11.97 -39.72 -0.43
CA GLU B 92 -12.70 -39.11 0.68
C GLU B 92 -14.19 -38.98 0.37
N LEU B 93 -14.53 -38.25 -0.69
CA LEU B 93 -15.93 -38.08 -1.06
C LEU B 93 -16.46 -39.30 -1.81
N ARG B 94 -15.59 -40.05 -2.48
CA ARG B 94 -15.94 -41.29 -3.16
C ARG B 94 -17.06 -41.09 -4.17
N VAL B 95 -16.92 -40.03 -4.97
CA VAL B 95 -17.89 -39.71 -6.01
C VAL B 95 -17.17 -39.50 -7.34
N ALA B 96 -17.89 -39.77 -8.42
CA ALA B 96 -17.34 -39.59 -9.77
C ALA B 96 -17.47 -38.13 -10.17
N PRO B 97 -16.36 -37.46 -10.55
CA PRO B 97 -16.46 -36.03 -10.92
C PRO B 97 -17.01 -35.79 -12.31
N GLU B 98 -17.39 -36.84 -13.04
CA GLU B 98 -17.82 -36.70 -14.43
C GLU B 98 -19.28 -36.32 -14.57
N GLU B 99 -20.02 -36.18 -13.47
CA GLU B 99 -21.42 -35.78 -13.54
C GLU B 99 -21.78 -34.61 -12.64
N HIS B 100 -20.90 -34.20 -11.73
CA HIS B 100 -21.18 -33.08 -10.85
C HIS B 100 -20.25 -31.91 -11.15
N PRO B 101 -20.74 -30.68 -11.11
CA PRO B 101 -19.87 -29.51 -11.23
C PRO B 101 -18.98 -29.36 -10.00
N VAL B 102 -17.87 -28.65 -10.20
CA VAL B 102 -16.87 -28.44 -9.15
C VAL B 102 -16.62 -26.94 -9.02
N LEU B 103 -16.59 -26.45 -7.78
CA LEU B 103 -16.34 -25.05 -7.48
C LEU B 103 -15.02 -24.93 -6.72
N LEU B 104 -14.21 -23.95 -7.09
CA LEU B 104 -12.90 -23.73 -6.49
C LEU B 104 -12.83 -22.33 -5.88
N THR B 105 -11.94 -22.19 -4.90
CA THR B 105 -11.69 -20.93 -4.23
C THR B 105 -10.22 -20.56 -4.37
N GLU B 106 -9.95 -19.30 -4.64
CA GLU B 106 -8.58 -18.82 -4.83
C GLU B 106 -8.42 -17.45 -4.21
N ALA B 107 -7.20 -17.16 -3.75
CA ALA B 107 -6.92 -15.87 -3.15
C ALA B 107 -6.90 -14.77 -4.22
N PRO B 108 -7.19 -13.53 -3.84
CA PRO B 108 -7.12 -12.44 -4.80
C PRO B 108 -5.68 -12.04 -5.10
N LEU B 109 -5.52 -11.28 -6.18
CA LEU B 109 -4.21 -10.78 -6.61
C LEU B 109 -3.22 -11.93 -6.84
N ASN B 110 -3.72 -13.01 -7.40
CA ASN B 110 -2.91 -14.18 -7.69
C ASN B 110 -2.40 -14.14 -9.12
N PRO B 111 -1.30 -14.84 -9.42
CA PRO B 111 -0.82 -14.89 -10.81
C PRO B 111 -1.87 -15.47 -11.74
N LYS B 112 -1.91 -14.92 -12.96
CA LYS B 112 -2.89 -15.38 -13.94
C LYS B 112 -2.62 -16.82 -14.37
N ALA B 113 -1.37 -17.26 -14.31
CA ALA B 113 -1.04 -18.64 -14.66
C ALA B 113 -1.52 -19.64 -13.63
N ASN B 114 -1.91 -19.19 -12.44
CA ASN B 114 -2.38 -20.11 -11.41
C ASN B 114 -3.76 -20.65 -11.75
N ARG B 115 -4.74 -19.77 -11.96
CA ARG B 115 -6.09 -20.21 -12.24
C ARG B 115 -6.25 -20.76 -13.64
N GLU B 116 -5.36 -20.40 -14.57
CA GLU B 116 -5.43 -20.96 -15.91
C GLU B 116 -5.16 -22.46 -15.90
N LYS B 117 -4.20 -22.90 -15.08
CA LYS B 117 -3.85 -24.32 -15.04
C LYS B 117 -4.91 -25.15 -14.31
N MET B 118 -5.56 -24.57 -13.30
CA MET B 118 -6.62 -25.30 -12.59
C MET B 118 -7.75 -25.65 -13.54
N THR B 119 -8.15 -24.72 -14.39
CA THR B 119 -9.18 -24.99 -15.39
C THR B 119 -8.74 -26.07 -16.35
N GLN B 120 -7.46 -26.04 -16.75
CA GLN B 120 -6.96 -27.03 -17.70
C GLN B 120 -7.00 -28.44 -17.13
N ILE B 121 -6.68 -28.59 -15.85
CA ILE B 121 -6.54 -29.92 -15.26
C ILE B 121 -7.89 -30.62 -15.17
N MET B 122 -8.84 -30.02 -14.45
CA MET B 122 -10.12 -30.69 -14.20
C MET B 122 -10.92 -30.87 -15.49
N PHE B 123 -10.89 -29.87 -16.37
CA PHE B 123 -11.65 -29.98 -17.62
C PHE B 123 -11.13 -31.10 -18.50
N GLU B 124 -9.83 -31.37 -18.46
CA GLU B 124 -9.23 -32.39 -19.32
C GLU B 124 -9.07 -33.72 -18.59
N THR B 125 -8.53 -33.69 -17.38
CA THR B 125 -8.28 -34.94 -16.66
C THR B 125 -9.52 -35.45 -15.95
N PHE B 126 -10.09 -34.64 -15.06
CA PHE B 126 -11.22 -35.07 -14.25
C PHE B 126 -12.56 -35.01 -14.98
N ASN B 127 -12.62 -34.33 -16.12
CA ASN B 127 -13.82 -34.33 -16.97
C ASN B 127 -15.03 -33.76 -16.25
N THR B 128 -14.82 -32.70 -15.47
CA THR B 128 -15.92 -32.06 -14.77
C THR B 128 -16.76 -31.24 -15.75
N PRO B 129 -18.07 -31.47 -15.83
CA PRO B 129 -18.88 -30.76 -16.83
C PRO B 129 -18.88 -29.25 -16.67
N ALA B 130 -18.77 -28.74 -15.44
CA ALA B 130 -18.82 -27.30 -15.21
C ALA B 130 -17.73 -26.91 -14.24
N MET B 131 -17.60 -25.60 -14.02
CA MET B 131 -16.57 -25.06 -13.15
C MET B 131 -16.80 -23.58 -12.90
N TYR B 132 -16.44 -23.12 -11.69
CA TYR B 132 -16.43 -21.72 -11.34
C TYR B 132 -15.34 -21.48 -10.31
N VAL B 133 -14.68 -20.33 -10.41
CA VAL B 133 -13.61 -19.95 -9.48
C VAL B 133 -14.03 -18.64 -8.82
N ALA B 134 -14.06 -18.63 -7.49
CA ALA B 134 -14.50 -17.47 -6.73
C ALA B 134 -13.45 -17.11 -5.68
N ILE B 135 -13.38 -15.81 -5.37
CA ILE B 135 -12.43 -15.34 -4.38
C ILE B 135 -12.82 -15.85 -3.00
N GLN B 136 -11.81 -16.21 -2.20
CA GLN B 136 -12.08 -16.75 -0.87
C GLN B 136 -12.75 -15.72 0.03
N ALA B 137 -12.33 -14.47 -0.06
CA ALA B 137 -12.90 -13.43 0.80
C ALA B 137 -14.37 -13.20 0.50
N VAL B 138 -14.74 -13.20 -0.78
CA VAL B 138 -16.13 -12.98 -1.16
C VAL B 138 -17.02 -14.10 -0.62
N LEU B 139 -16.56 -15.35 -0.74
CA LEU B 139 -17.33 -16.47 -0.23
C LEU B 139 -17.53 -16.38 1.29
N SER B 140 -16.56 -15.80 2.00
CA SER B 140 -16.68 -15.70 3.45
C SER B 140 -17.84 -14.82 3.85
N LEU B 141 -18.18 -13.81 3.04
CA LEU B 141 -19.28 -12.92 3.38
C LEU B 141 -20.64 -13.58 3.21
N TYR B 142 -20.74 -14.60 2.35
CA TYR B 142 -22.00 -15.32 2.21
C TYR B 142 -22.37 -16.07 3.49
N ALA B 143 -21.37 -16.64 4.18
CA ALA B 143 -21.65 -17.47 5.34
C ALA B 143 -22.31 -16.67 6.45
N SER B 144 -21.83 -15.46 6.71
CA SER B 144 -22.41 -14.63 7.76
C SER B 144 -23.80 -14.12 7.42
N GLY B 145 -24.23 -14.24 6.16
CA GLY B 145 -25.50 -13.69 5.73
C GLY B 145 -25.48 -12.21 5.48
N ARG B 146 -24.33 -11.56 5.63
CA ARG B 146 -24.21 -10.12 5.45
C ARG B 146 -24.09 -9.78 3.96
N THR B 147 -24.14 -8.48 3.66
CA THR B 147 -23.97 -8.01 2.30
C THR B 147 -22.88 -6.96 2.14
N THR B 148 -22.45 -6.31 3.22
CA THR B 148 -21.40 -5.32 3.17
C THR B 148 -20.33 -5.65 4.21
N GLY B 149 -19.36 -4.75 4.34
CA GLY B 149 -18.31 -4.92 5.32
C GLY B 149 -17.08 -5.58 4.75
N ILE B 150 -15.90 -5.14 5.17
CA ILE B 150 -14.65 -5.71 4.68
C ILE B 150 -14.50 -7.11 5.28
N VAL B 151 -13.80 -7.98 4.56
CA VAL B 151 -13.59 -9.36 5.00
C VAL B 151 -12.10 -9.57 5.18
N MET B 152 -11.63 -9.56 6.43
CA MET B 152 -10.23 -9.81 6.74
C MET B 152 -10.03 -11.31 6.83
N ASP B 153 -9.61 -11.92 5.72
CA ASP B 153 -9.36 -13.35 5.66
C ASP B 153 -7.87 -13.59 5.82
N SER B 154 -7.50 -14.38 6.82
CA SER B 154 -6.10 -14.71 7.09
C SER B 154 -5.98 -16.23 7.17
N GLY B 155 -5.43 -16.82 6.13
CA GLY B 155 -5.25 -18.26 6.05
C GLY B 155 -3.88 -18.70 6.49
N ASP B 156 -3.44 -19.84 5.94
CA ASP B 156 -2.12 -20.36 6.27
C ASP B 156 -1.01 -19.55 5.61
N GLY B 157 -1.20 -19.15 4.36
CA GLY B 157 -0.14 -18.47 3.64
C GLY B 157 -0.51 -17.12 3.06
N VAL B 158 -1.81 -16.79 3.07
CA VAL B 158 -2.30 -15.57 2.45
C VAL B 158 -3.21 -14.84 3.43
N THR B 159 -2.97 -13.54 3.60
CA THR B 159 -3.82 -12.67 4.41
C THR B 159 -4.27 -11.50 3.55
N HIS B 160 -5.57 -11.44 3.26
CA HIS B 160 -6.11 -10.42 2.37
C HIS B 160 -7.36 -9.81 2.99
N THR B 161 -7.59 -8.54 2.67
CA THR B 161 -8.76 -7.81 3.14
C THR B 161 -9.48 -7.27 1.91
N VAL B 162 -10.65 -7.82 1.60
CA VAL B 162 -11.41 -7.40 0.43
C VAL B 162 -12.67 -6.67 0.87
N PRO B 163 -12.72 -5.34 0.76
CA PRO B 163 -13.93 -4.61 1.15
C PRO B 163 -15.03 -4.76 0.13
N ILE B 164 -16.25 -4.99 0.63
CA ILE B 164 -17.43 -5.14 -0.21
C ILE B 164 -18.53 -4.25 0.34
N TYR B 165 -19.17 -3.49 -0.54
CA TYR B 165 -20.29 -2.62 -0.16
C TYR B 165 -21.47 -2.92 -1.09
N GLU B 166 -22.55 -3.45 -0.52
CA GLU B 166 -23.78 -3.75 -1.24
C GLU B 166 -23.53 -4.73 -2.39
N GLY B 167 -22.50 -5.57 -2.28
CA GLY B 167 -22.15 -6.52 -3.31
C GLY B 167 -21.30 -5.98 -4.42
N TYR B 168 -20.96 -4.69 -4.40
CA TYR B 168 -20.10 -4.08 -5.40
C TYR B 168 -18.69 -4.01 -4.83
N ALA B 169 -17.87 -5.01 -5.17
CA ALA B 169 -16.51 -5.07 -4.65
C ALA B 169 -15.67 -3.92 -5.18
N LEU B 170 -14.69 -3.50 -4.39
CA LEU B 170 -13.79 -2.41 -4.74
C LEU B 170 -12.41 -2.99 -5.03
N PRO B 171 -12.09 -3.27 -6.29
CA PRO B 171 -10.79 -3.91 -6.60
C PRO B 171 -9.58 -3.09 -6.20
N HIS B 172 -9.66 -1.76 -6.27
CA HIS B 172 -8.50 -0.94 -5.97
C HIS B 172 -8.20 -0.84 -4.49
N ALA B 173 -9.11 -1.28 -3.62
CA ALA B 173 -8.91 -1.25 -2.18
C ALA B 173 -8.53 -2.61 -1.61
N ILE B 174 -8.27 -3.60 -2.45
CA ILE B 174 -7.90 -4.93 -1.98
C ILE B 174 -6.41 -4.93 -1.65
N LEU B 175 -6.08 -5.36 -0.44
CA LEU B 175 -4.70 -5.45 0.02
C LEU B 175 -4.37 -6.89 0.37
N ARG B 176 -3.19 -7.33 -0.05
CA ARG B 176 -2.72 -8.68 0.20
C ARG B 176 -1.39 -8.65 0.92
N LEU B 177 -1.28 -9.43 1.99
CA LEU B 177 -0.07 -9.51 2.80
C LEU B 177 0.33 -10.98 2.91
N ASP B 178 1.60 -11.27 2.62
CA ASP B 178 2.06 -12.64 2.59
C ASP B 178 2.21 -13.24 3.99
N LEU B 179 2.36 -12.40 5.02
CA LEU B 179 2.46 -12.89 6.38
C LEU B 179 1.14 -13.52 6.81
N ALA B 180 1.21 -14.75 7.30
CA ALA B 180 0.01 -15.51 7.63
C ALA B 180 0.40 -16.58 8.65
N GLY B 181 -0.49 -17.57 8.82
CA GLY B 181 -0.30 -18.58 9.86
C GLY B 181 0.99 -19.36 9.71
N ARG B 182 1.33 -19.76 8.49
CA ARG B 182 2.52 -20.58 8.29
C ARG B 182 3.78 -19.83 8.67
N ASP B 183 3.84 -18.53 8.37
CA ASP B 183 5.01 -17.74 8.73
C ASP B 183 5.16 -17.63 10.24
N LEU B 184 4.05 -17.66 10.98
CA LEU B 184 4.12 -17.66 12.44
C LEU B 184 4.69 -18.96 12.96
N THR B 185 4.41 -20.09 12.29
CA THR B 185 4.95 -21.37 12.72
C THR B 185 6.47 -21.37 12.65
N ASP B 186 7.04 -20.79 11.59
CA ASP B 186 8.48 -20.69 11.49
C ASP B 186 9.05 -19.76 12.56
N TYR B 187 8.34 -18.66 12.86
CA TYR B 187 8.84 -17.72 13.86
C TYR B 187 8.79 -18.32 15.26
N LEU B 188 7.70 -19.02 15.59
CA LEU B 188 7.62 -19.68 16.89
C LEU B 188 8.72 -20.72 17.03
N MET B 189 9.03 -21.44 15.96
CA MET B 189 10.15 -22.36 15.97
C MET B 189 11.48 -21.64 16.18
N LYS B 190 11.56 -20.38 15.74
CA LYS B 190 12.80 -19.62 15.90
C LYS B 190 13.00 -19.19 17.34
N ILE B 191 11.93 -18.73 18.01
CA ILE B 191 12.06 -18.28 19.39
C ILE B 191 11.97 -19.42 20.39
N LEU B 192 11.64 -20.63 19.95
CA LEU B 192 11.69 -21.78 20.84
C LEU B 192 13.12 -22.22 21.10
N THR B 193 14.01 -22.07 20.11
CA THR B 193 15.43 -22.30 20.33
C THR B 193 16.01 -21.33 21.36
N GLU B 194 15.37 -20.18 21.54
CA GLU B 194 15.79 -19.26 22.59
C GLU B 194 15.65 -19.89 23.97
N ARG B 195 14.56 -20.61 24.20
CA ARG B 195 14.35 -21.25 25.50
C ARG B 195 15.26 -22.46 25.68
N GLY B 196 15.46 -23.24 24.62
CA GLY B 196 16.32 -24.40 24.71
C GLY B 196 15.83 -25.61 23.94
N TYR B 197 14.65 -25.50 23.32
CA TYR B 197 14.09 -26.58 22.52
C TYR B 197 14.32 -26.29 21.04
N SER B 198 14.86 -27.28 20.32
CA SER B 198 15.26 -27.11 18.93
C SER B 198 14.42 -28.03 18.06
N PHE B 199 13.77 -27.44 17.05
CA PHE B 199 13.06 -28.18 16.01
C PHE B 199 13.60 -27.72 14.65
N THR B 200 14.08 -28.66 13.85
CA THR B 200 14.66 -28.33 12.55
C THR B 200 13.94 -28.99 11.39
N THR B 201 13.66 -30.28 11.47
CA THR B 201 13.09 -31.00 10.35
C THR B 201 11.61 -30.64 10.16
N THR B 202 11.14 -30.80 8.92
CA THR B 202 9.73 -30.54 8.63
C THR B 202 8.80 -31.51 9.33
N ALA B 203 9.31 -32.66 9.78
CA ALA B 203 8.50 -33.56 10.59
C ALA B 203 8.17 -32.94 11.94
N GLU B 204 9.13 -32.21 12.52
CA GLU B 204 8.91 -31.54 13.79
C GLU B 204 8.11 -30.25 13.67
N ARG B 205 7.94 -29.74 12.45
CA ARG B 205 7.15 -28.52 12.28
C ARG B 205 5.70 -28.74 12.66
N GLU B 206 5.13 -29.90 12.32
CA GLU B 206 3.77 -30.22 12.69
C GLU B 206 3.59 -30.32 14.21
N ILE B 207 4.67 -30.63 14.94
CA ILE B 207 4.60 -30.59 16.39
C ILE B 207 4.47 -29.15 16.88
N VAL B 208 5.20 -28.23 16.26
CA VAL B 208 5.11 -26.82 16.63
C VAL B 208 3.72 -26.28 16.30
N ARG B 209 3.18 -26.65 15.14
CA ARG B 209 1.84 -26.20 14.77
C ARG B 209 0.80 -26.67 15.77
N ASP B 210 1.00 -27.85 16.37
CA ASP B 210 0.11 -28.31 17.43
C ASP B 210 0.21 -27.42 18.66
N ILE B 211 1.43 -26.97 18.98
CA ILE B 211 1.62 -26.07 20.13
C ILE B 211 0.91 -24.75 19.88
N LYS B 212 1.04 -24.20 18.68
CA LYS B 212 0.46 -22.89 18.39
C LYS B 212 -1.06 -22.93 18.45
N GLU B 213 -1.66 -24.04 18.04
CA GLU B 213 -3.12 -24.13 18.04
C GLU B 213 -3.68 -24.14 19.45
N LYS B 214 -3.02 -24.84 20.37
CA LYS B 214 -3.60 -25.11 21.68
C LYS B 214 -3.26 -24.09 22.75
N LEU B 215 -2.00 -23.63 22.80
CA LEU B 215 -1.54 -22.78 23.90
C LEU B 215 -1.32 -21.34 23.52
N CYS B 216 -1.19 -21.04 22.23
CA CYS B 216 -0.80 -19.71 21.81
C CYS B 216 -2.00 -18.75 21.80
N TYR B 217 -1.76 -17.52 22.22
CA TYR B 217 -2.84 -16.53 22.33
C TYR B 217 -2.28 -15.13 22.12
N VAL B 218 -3.19 -14.15 22.10
CA VAL B 218 -2.87 -12.76 21.82
C VAL B 218 -2.99 -11.95 23.10
N ALA B 219 -1.99 -11.11 23.37
CA ALA B 219 -2.00 -10.25 24.55
C ALA B 219 -2.69 -8.92 24.24
N LEU B 220 -3.56 -8.49 25.15
CA LEU B 220 -4.28 -7.23 24.96
C LEU B 220 -3.33 -6.04 25.01
N ASP B 221 -2.50 -5.97 26.05
CA ASP B 221 -1.48 -4.92 26.19
C ASP B 221 -0.13 -5.63 26.24
N PHE B 222 0.59 -5.58 25.11
CA PHE B 222 1.77 -6.43 24.94
C PHE B 222 2.91 -5.99 25.85
N GLU B 223 3.09 -4.68 26.03
CA GLU B 223 4.20 -4.21 26.86
C GLU B 223 4.04 -4.63 28.31
N GLN B 224 2.82 -4.59 28.83
CA GLN B 224 2.59 -4.95 30.23
C GLN B 224 2.75 -6.45 30.46
N GLU B 225 2.63 -7.25 29.40
CA GLU B 225 2.68 -8.70 29.57
C GLU B 225 4.09 -9.21 29.80
N MET B 226 5.09 -8.62 29.13
CA MET B 226 6.47 -9.05 29.32
C MET B 226 6.91 -8.86 30.77
N ALA B 227 6.67 -7.68 31.34
CA ALA B 227 7.11 -7.41 32.70
C ALA B 227 6.41 -8.33 33.70
N THR B 228 5.10 -8.53 33.53
CA THR B 228 4.36 -9.40 34.44
C THR B 228 4.81 -10.86 34.29
N ALA B 229 5.03 -11.32 33.07
CA ALA B 229 5.43 -12.70 32.85
C ALA B 229 6.87 -12.96 33.27
N ALA B 230 7.70 -11.93 33.35
CA ALA B 230 9.09 -12.12 33.76
C ALA B 230 9.17 -12.58 35.21
N SER B 231 8.34 -12.02 36.09
CA SER B 231 8.43 -12.32 37.51
C SER B 231 7.72 -13.62 37.86
N SER B 232 6.42 -13.67 37.62
CA SER B 232 5.59 -14.81 38.02
C SER B 232 5.41 -15.78 36.86
N SER B 233 5.19 -17.05 37.20
CA SER B 233 4.99 -18.11 36.22
C SER B 233 3.51 -18.38 35.95
N SER B 234 2.65 -17.40 36.15
CA SER B 234 1.23 -17.59 35.87
C SER B 234 0.94 -17.77 34.39
N LEU B 235 1.84 -17.30 33.52
CA LEU B 235 1.68 -17.43 32.08
C LEU B 235 2.37 -18.67 31.51
N GLU B 236 2.95 -19.51 32.36
CA GLU B 236 3.65 -20.69 31.88
C GLU B 236 2.68 -21.87 31.80
N LYS B 237 2.60 -22.48 30.62
CA LYS B 237 1.81 -23.69 30.41
C LYS B 237 2.72 -24.79 29.91
N SER B 238 2.43 -26.02 30.34
CA SER B 238 3.25 -27.18 30.03
C SER B 238 2.56 -28.02 28.96
N TYR B 239 3.30 -28.39 27.93
CA TYR B 239 2.80 -29.20 26.83
C TYR B 239 3.56 -30.52 26.78
N GLU B 240 2.86 -31.57 26.34
CA GLU B 240 3.42 -32.91 26.29
C GLU B 240 3.77 -33.27 24.85
N LEU B 241 5.04 -33.57 24.61
CA LEU B 241 5.48 -33.97 23.29
C LEU B 241 5.00 -35.38 22.97
N PRO B 242 4.85 -35.71 21.69
CA PRO B 242 4.42 -37.07 21.33
C PRO B 242 5.36 -38.15 21.80
N ASP B 243 6.64 -37.84 22.01
CA ASP B 243 7.61 -38.82 22.45
C ASP B 243 7.60 -39.02 23.97
N GLY B 244 6.76 -38.31 24.69
CA GLY B 244 6.67 -38.42 26.14
C GLY B 244 7.33 -37.28 26.89
N GLN B 245 8.17 -36.49 26.24
CA GLN B 245 8.78 -35.34 26.91
C GLN B 245 7.74 -34.27 27.17
N VAL B 246 7.93 -33.55 28.27
CA VAL B 246 7.05 -32.45 28.67
C VAL B 246 7.86 -31.16 28.62
N ILE B 247 7.40 -30.19 27.84
CA ILE B 247 8.07 -28.92 27.67
C ILE B 247 7.22 -27.83 28.31
N THR B 248 7.88 -26.75 28.72
CA THR B 248 7.21 -25.61 29.34
C THR B 248 7.57 -24.35 28.58
N ILE B 249 6.55 -23.61 28.13
CA ILE B 249 6.73 -22.39 27.37
C ILE B 249 6.07 -21.25 28.13
N GLY B 250 6.82 -20.16 28.33
CA GLY B 250 6.34 -19.03 29.11
C GLY B 250 5.93 -17.84 28.27
N ASN B 251 6.82 -16.84 28.19
CA ASN B 251 6.51 -15.60 27.47
C ASN B 251 6.42 -15.79 25.97
N GLU B 252 6.81 -16.95 25.44
CA GLU B 252 6.69 -17.22 24.02
C GLU B 252 5.25 -17.41 23.57
N ARG B 253 4.31 -17.51 24.50
CA ARG B 253 2.92 -17.78 24.15
C ARG B 253 2.29 -16.60 23.41
N PHE B 254 2.62 -15.38 23.81
CA PHE B 254 2.02 -14.20 23.19
C PHE B 254 2.89 -13.56 22.13
N ARG B 255 4.18 -13.90 22.08
CA ARG B 255 5.06 -13.30 21.08
C ARG B 255 4.77 -13.81 19.68
N CYS B 256 4.36 -15.08 19.56
CA CYS B 256 4.12 -15.66 18.25
C CYS B 256 3.01 -14.95 17.48
N PRO B 257 1.84 -14.67 18.05
CA PRO B 257 0.80 -13.97 17.28
C PRO B 257 1.02 -12.48 17.19
N GLU B 258 1.91 -11.91 18.01
CA GLU B 258 2.14 -10.47 17.94
C GLU B 258 2.85 -10.08 16.66
N ALA B 259 3.45 -11.06 15.98
CA ALA B 259 4.03 -10.80 14.67
C ALA B 259 2.96 -10.43 13.66
N LEU B 260 1.71 -10.82 13.91
CA LEU B 260 0.59 -10.39 13.09
C LEU B 260 0.44 -8.88 13.13
N PHE B 261 0.62 -8.30 14.30
CA PHE B 261 0.42 -6.87 14.49
C PHE B 261 1.72 -6.07 14.39
N GLN B 262 2.87 -6.71 14.62
CA GLN B 262 4.18 -6.07 14.48
C GLN B 262 5.05 -6.96 13.61
N PRO B 263 4.91 -6.87 12.29
CA PRO B 263 5.72 -7.70 11.39
C PRO B 263 7.21 -7.38 11.40
N SER B 264 7.65 -6.35 12.13
CA SER B 264 9.06 -6.02 12.19
C SER B 264 9.87 -7.11 12.87
N PHE B 265 9.23 -7.98 13.65
CA PHE B 265 9.94 -9.08 14.29
C PHE B 265 10.51 -10.04 13.25
N LEU B 266 9.75 -10.33 12.20
CA LEU B 266 10.18 -11.22 11.13
C LEU B 266 11.07 -10.53 10.10
N GLY B 267 11.28 -9.22 10.25
CA GLY B 267 12.07 -8.47 9.28
C GLY B 267 11.30 -7.88 8.14
N MET B 268 10.01 -8.18 8.02
CA MET B 268 9.19 -7.65 6.94
C MET B 268 8.90 -6.17 7.17
N GLU B 269 8.90 -5.41 6.09
CA GLU B 269 8.60 -3.98 6.15
C GLU B 269 7.11 -3.69 6.12
N SER B 270 6.27 -4.68 5.82
CA SER B 270 4.84 -4.47 5.75
C SER B 270 4.26 -4.23 7.13
N ALA B 271 3.11 -3.57 7.16
CA ALA B 271 2.43 -3.25 8.41
C ALA B 271 1.64 -4.46 8.91
N GLY B 272 1.13 -4.35 10.13
CA GLY B 272 0.38 -5.41 10.74
C GLY B 272 -1.01 -5.55 10.15
N ILE B 273 -1.75 -6.55 10.65
CA ILE B 273 -3.09 -6.81 10.17
C ILE B 273 -4.03 -5.66 10.55
N HIS B 274 -3.81 -5.07 11.74
CA HIS B 274 -4.63 -3.94 12.16
C HIS B 274 -4.41 -2.73 11.25
N GLU B 275 -3.17 -2.49 10.84
CA GLU B 275 -2.88 -1.36 9.95
C GLU B 275 -3.28 -1.69 8.52
N THR B 276 -3.12 -2.94 8.10
CA THR B 276 -3.55 -3.34 6.75
C THR B 276 -5.05 -3.18 6.59
N THR B 277 -5.81 -3.59 7.61
CA THR B 277 -7.26 -3.37 7.58
C THR B 277 -7.59 -1.89 7.52
N PHE B 278 -6.90 -1.07 8.32
CA PHE B 278 -7.15 0.35 8.33
C PHE B 278 -6.84 1.00 6.99
N ASN B 279 -5.74 0.59 6.35
CA ASN B 279 -5.37 1.16 5.06
C ASN B 279 -6.36 0.75 3.97
N SER B 280 -6.88 -0.47 4.05
CA SER B 280 -7.85 -0.93 3.07
C SER B 280 -9.12 -0.09 3.10
N ILE B 281 -9.59 0.27 4.29
CA ILE B 281 -10.77 1.10 4.42
C ILE B 281 -10.49 2.52 3.93
N MET B 282 -9.28 3.02 4.20
CA MET B 282 -8.95 4.39 3.80
C MET B 282 -8.94 4.55 2.28
N LYS B 283 -8.49 3.52 1.56
CA LYS B 283 -8.52 3.58 0.11
C LYS B 283 -9.94 3.65 -0.45
N CYS B 284 -10.95 3.27 0.35
CA CYS B 284 -12.33 3.38 -0.05
C CYS B 284 -12.81 4.83 0.10
N ASP B 285 -13.99 5.09 -0.45
CA ASP B 285 -14.56 6.43 -0.41
C ASP B 285 -15.05 6.78 1.00
N VAL B 286 -15.31 8.06 1.21
CA VAL B 286 -15.76 8.53 2.51
C VAL B 286 -17.16 8.03 2.83
N ASP B 287 -18.04 8.00 1.83
CA ASP B 287 -19.45 7.73 2.08
C ASP B 287 -19.68 6.28 2.51
N ILE B 288 -18.78 5.36 2.14
CA ILE B 288 -18.95 3.96 2.53
C ILE B 288 -18.13 3.59 3.75
N ARG B 289 -17.33 4.52 4.29
CA ARG B 289 -16.62 4.26 5.53
C ARG B 289 -17.56 4.17 6.72
N LYS B 290 -18.79 4.67 6.57
CA LYS B 290 -19.81 4.50 7.60
C LYS B 290 -20.10 3.03 7.85
N ASP B 291 -20.27 2.27 6.77
CA ASP B 291 -20.72 0.87 6.87
C ASP B 291 -19.57 -0.12 7.00
N LEU B 292 -18.37 0.25 6.52
CA LEU B 292 -17.24 -0.69 6.61
C LEU B 292 -16.72 -0.80 8.03
N TYR B 293 -16.76 0.29 8.79
CA TYR B 293 -16.28 0.26 10.18
C TYR B 293 -17.15 -0.64 11.04
N ALA B 294 -18.46 -0.61 10.85
CA ALA B 294 -19.40 -1.30 11.70
C ALA B 294 -19.73 -2.72 11.22
N ASN B 295 -19.06 -3.20 10.18
CA ASN B 295 -19.35 -4.53 9.66
C ASN B 295 -18.07 -5.29 9.31
N THR B 296 -16.99 -5.05 10.05
CA THR B 296 -15.75 -5.78 9.82
C THR B 296 -15.95 -7.26 10.18
N VAL B 297 -15.49 -8.14 9.30
CA VAL B 297 -15.69 -9.58 9.45
C VAL B 297 -14.33 -10.27 9.43
N LEU B 298 -14.14 -11.21 10.36
CA LEU B 298 -12.93 -12.03 10.41
C LEU B 298 -13.23 -13.43 9.90
N SER B 299 -12.21 -14.07 9.33
CA SER B 299 -12.34 -15.44 8.82
C SER B 299 -10.96 -16.05 8.74
N GLY B 300 -10.93 -17.37 8.54
CA GLY B 300 -9.69 -18.10 8.44
C GLY B 300 -9.17 -18.57 9.78
N GLY B 301 -8.26 -19.55 9.73
CA GLY B 301 -7.74 -20.15 10.94
C GLY B 301 -6.73 -19.29 11.68
N THR B 302 -6.10 -18.34 10.99
CA THR B 302 -5.11 -17.49 11.66
C THR B 302 -5.75 -16.53 12.63
N THR B 303 -7.04 -16.24 12.47
CA THR B 303 -7.77 -15.37 13.37
C THR B 303 -8.56 -16.13 14.43
N MET B 304 -8.18 -17.38 14.70
CA MET B 304 -8.83 -18.20 15.71
C MET B 304 -8.15 -18.15 17.07
N TYR B 305 -7.12 -17.31 17.22
CA TYR B 305 -6.46 -17.19 18.51
C TYR B 305 -7.44 -16.64 19.55
N PRO B 306 -7.45 -17.18 20.76
CA PRO B 306 -8.35 -16.65 21.79
C PRO B 306 -7.98 -15.23 22.19
N GLY B 307 -8.84 -14.27 21.87
CA GLY B 307 -8.60 -12.88 22.20
C GLY B 307 -8.08 -12.01 21.07
N ILE B 308 -7.96 -12.55 19.85
CA ILE B 308 -7.50 -11.74 18.74
C ILE B 308 -8.56 -10.71 18.35
N ALA B 309 -9.84 -11.05 18.50
CA ALA B 309 -10.90 -10.10 18.16
C ALA B 309 -10.86 -8.89 19.08
N ASP B 310 -10.60 -9.09 20.37
CA ASP B 310 -10.54 -7.97 21.30
C ASP B 310 -9.39 -7.03 20.97
N ARG B 311 -8.22 -7.58 20.63
CA ARG B 311 -7.07 -6.74 20.33
C ARG B 311 -7.29 -5.94 19.05
N MET B 312 -7.88 -6.56 18.03
CA MET B 312 -8.10 -5.87 16.76
C MET B 312 -9.04 -4.68 16.93
N GLN B 313 -10.07 -4.84 17.75
CA GLN B 313 -11.00 -3.73 17.98
C GLN B 313 -10.30 -2.55 18.64
N LYS B 314 -9.42 -2.83 19.61
CA LYS B 314 -8.72 -1.74 20.29
C LYS B 314 -7.74 -1.03 19.36
N GLU B 315 -6.99 -1.78 18.57
CA GLU B 315 -5.98 -1.17 17.70
C GLU B 315 -6.62 -0.28 16.64
N ILE B 316 -7.72 -0.74 16.03
CA ILE B 316 -8.37 0.04 14.99
C ILE B 316 -9.02 1.28 15.58
N THR B 317 -9.61 1.15 16.78
CA THR B 317 -10.28 2.30 17.41
C THR B 317 -9.30 3.43 17.68
N ALA B 318 -8.04 3.12 17.98
CA ALA B 318 -7.05 4.17 18.19
C ALA B 318 -6.81 4.96 16.91
N LEU B 319 -6.69 4.26 15.77
CA LEU B 319 -6.48 4.95 14.50
C LEU B 319 -7.75 5.64 14.02
N ALA B 320 -8.89 4.96 14.13
CA ALA B 320 -10.15 5.51 13.67
C ALA B 320 -10.62 6.63 14.61
N PRO B 321 -11.44 7.56 14.09
CA PRO B 321 -11.99 8.60 14.96
C PRO B 321 -12.83 8.01 16.08
N SER B 322 -12.78 8.67 17.24
CA SER B 322 -13.50 8.17 18.42
C SER B 322 -15.01 8.20 18.21
N THR B 323 -15.51 9.11 17.37
CA THR B 323 -16.94 9.15 17.08
C THR B 323 -17.39 7.86 16.38
N MET B 324 -16.58 7.36 15.46
CA MET B 324 -16.92 6.14 14.74
C MET B 324 -16.92 4.95 15.68
N LYS B 325 -17.70 3.94 15.32
CA LYS B 325 -17.80 2.70 16.08
C LYS B 325 -17.12 1.58 15.30
N ILE B 326 -16.23 0.85 15.97
CA ILE B 326 -15.53 -0.28 15.37
C ILE B 326 -16.17 -1.54 15.93
N LYS B 327 -16.77 -2.34 15.05
CA LYS B 327 -17.43 -3.58 15.43
C LYS B 327 -16.76 -4.73 14.69
N ILE B 328 -16.08 -5.60 15.44
CA ILE B 328 -15.37 -6.75 14.88
C ILE B 328 -16.31 -7.94 14.98
N ILE B 329 -16.95 -8.30 13.87
CA ILE B 329 -17.83 -9.45 13.83
C ILE B 329 -16.98 -10.71 13.83
N ALA B 330 -17.20 -11.58 14.81
CA ALA B 330 -16.40 -12.79 14.99
C ALA B 330 -17.33 -13.99 15.11
N PRO B 331 -17.79 -14.53 13.98
CA PRO B 331 -18.62 -15.72 14.04
C PRO B 331 -17.85 -16.89 14.63
N PRO B 332 -18.53 -17.77 15.35
CA PRO B 332 -17.81 -18.89 16.00
C PRO B 332 -17.26 -19.91 15.03
N GLU B 333 -17.79 -19.97 13.79
CA GLU B 333 -17.34 -20.92 12.79
C GLU B 333 -16.47 -20.27 11.73
N ARG B 334 -15.66 -19.27 12.10
CA ARG B 334 -14.83 -18.58 11.12
C ARG B 334 -13.72 -19.46 10.55
N LYS B 335 -13.47 -20.62 11.14
CA LYS B 335 -12.47 -21.53 10.58
C LYS B 335 -12.95 -22.14 9.27
N TYR B 336 -14.26 -22.39 9.14
CA TYR B 336 -14.84 -22.96 7.93
C TYR B 336 -15.74 -21.96 7.21
N SER B 337 -15.50 -20.66 7.43
CA SER B 337 -16.36 -19.65 6.81
C SER B 337 -16.23 -19.64 5.29
N VAL B 338 -15.02 -19.90 4.78
CA VAL B 338 -14.82 -19.87 3.33
C VAL B 338 -15.63 -20.96 2.66
N TRP B 339 -15.61 -22.18 3.22
CA TRP B 339 -16.35 -23.28 2.62
C TRP B 339 -17.85 -23.12 2.78
N ILE B 340 -18.30 -22.66 3.95
CA ILE B 340 -19.73 -22.57 4.21
C ILE B 340 -20.38 -21.58 3.26
N GLY B 341 -19.74 -20.43 3.04
CA GLY B 341 -20.27 -19.46 2.09
C GLY B 341 -20.37 -20.01 0.68
N GLY B 342 -19.41 -20.84 0.28
CA GLY B 342 -19.45 -21.45 -1.04
C GLY B 342 -20.56 -22.46 -1.20
N SER B 343 -21.03 -23.05 -0.09
CA SER B 343 -22.17 -23.96 -0.17
C SER B 343 -23.44 -23.23 -0.59
N ILE B 344 -23.64 -22.01 -0.09
CA ILE B 344 -24.82 -21.23 -0.45
C ILE B 344 -24.75 -20.81 -1.92
N LEU B 345 -23.56 -20.43 -2.39
CA LEU B 345 -23.43 -19.96 -3.76
C LEU B 345 -23.76 -21.05 -4.77
N ALA B 346 -23.30 -22.28 -4.52
CA ALA B 346 -23.56 -23.37 -5.46
C ALA B 346 -25.02 -23.78 -5.45
N SER B 347 -25.72 -23.59 -4.33
CA SER B 347 -27.11 -23.99 -4.22
C SER B 347 -28.09 -22.90 -4.66
N LEU B 348 -27.60 -21.68 -4.93
CA LEU B 348 -28.48 -20.61 -5.37
C LEU B 348 -28.93 -20.83 -6.80
N SER B 349 -30.20 -20.49 -7.08
CA SER B 349 -30.73 -20.67 -8.43
C SER B 349 -30.16 -19.66 -9.40
N THR B 350 -29.84 -18.45 -8.93
CA THR B 350 -29.27 -17.42 -9.80
C THR B 350 -27.89 -17.80 -10.29
N PHE B 351 -27.12 -18.54 -9.49
CA PHE B 351 -25.75 -18.89 -9.85
C PHE B 351 -25.68 -19.88 -11.00
N GLN B 352 -26.78 -20.53 -11.35
CA GLN B 352 -26.76 -21.58 -12.36
C GLN B 352 -26.44 -21.07 -13.77
N GLN B 353 -26.47 -19.76 -13.99
CA GLN B 353 -26.17 -19.20 -15.30
C GLN B 353 -24.72 -18.78 -15.45
N MET B 354 -23.89 -18.95 -14.41
CA MET B 354 -22.50 -18.52 -14.45
C MET B 354 -21.52 -19.67 -14.49
N TRP B 355 -21.99 -20.91 -14.60
CA TRP B 355 -21.09 -22.05 -14.70
C TRP B 355 -20.34 -22.02 -16.03
N ILE B 356 -19.04 -22.30 -15.97
CA ILE B 356 -18.22 -22.38 -17.17
C ILE B 356 -18.45 -23.76 -17.78
N SER B 357 -19.33 -23.82 -18.78
CA SER B 357 -19.65 -25.09 -19.41
C SER B 357 -18.49 -25.59 -20.25
N LYS B 358 -18.55 -26.87 -20.62
CA LYS B 358 -17.48 -27.47 -21.40
C LYS B 358 -17.35 -26.82 -22.77
N GLN B 359 -18.47 -26.49 -23.41
CA GLN B 359 -18.44 -25.92 -24.74
C GLN B 359 -17.75 -24.57 -24.76
N GLU B 360 -17.99 -23.74 -23.74
CA GLU B 360 -17.39 -22.41 -23.72
C GLU B 360 -15.87 -22.50 -23.55
N TYR B 361 -15.39 -23.43 -22.72
CA TYR B 361 -13.95 -23.63 -22.60
C TYR B 361 -13.36 -24.23 -23.87
N ASP B 362 -14.14 -25.07 -24.56
CA ASP B 362 -13.65 -25.72 -25.77
C ASP B 362 -13.35 -24.69 -26.86
N GLU B 363 -14.20 -23.67 -26.99
CA GLU B 363 -14.04 -22.68 -28.05
C GLU B 363 -13.11 -21.55 -27.66
N SER B 364 -12.97 -21.24 -26.37
CA SER B 364 -12.18 -20.11 -25.92
C SER B 364 -10.86 -20.50 -25.25
N GLY B 365 -10.61 -21.79 -25.08
CA GLY B 365 -9.38 -22.25 -24.47
C GLY B 365 -9.34 -21.96 -22.98
N PRO B 366 -8.16 -22.12 -22.38
CA PRO B 366 -8.03 -21.88 -20.93
C PRO B 366 -8.28 -20.45 -20.51
N SER B 367 -8.22 -19.49 -21.45
CA SER B 367 -8.39 -18.09 -21.12
C SER B 367 -9.81 -17.73 -20.70
N ILE B 368 -10.77 -18.65 -20.86
CA ILE B 368 -12.15 -18.36 -20.50
C ILE B 368 -12.31 -18.09 -19.01
N VAL B 369 -11.42 -18.62 -18.18
CA VAL B 369 -11.58 -18.46 -16.74
C VAL B 369 -11.37 -17.00 -16.33
N HIS B 370 -10.67 -16.22 -17.12
CA HIS B 370 -10.47 -14.81 -16.78
C HIS B 370 -11.73 -13.99 -17.04
N ARG B 371 -12.50 -14.36 -18.06
CA ARG B 371 -13.64 -13.57 -18.51
C ARG B 371 -14.93 -13.89 -17.78
N LYS B 372 -15.04 -15.07 -17.17
CA LYS B 372 -16.28 -15.50 -16.53
C LYS B 372 -16.16 -15.64 -15.02
N CYS B 373 -15.04 -15.24 -14.43
CA CYS B 373 -14.85 -15.28 -12.99
C CYS B 373 -14.21 -13.99 -12.52
N PHE B 374 -14.45 -13.65 -11.26
CA PHE B 374 -13.91 -12.43 -10.68
C PHE B 374 -12.46 -12.65 -10.24
N ALA C 5 24.06 35.81 -7.02
CA ALA C 5 23.30 34.77 -7.70
C ALA C 5 22.18 34.25 -6.83
N ALA C 6 21.23 33.54 -7.43
CA ALA C 6 20.06 33.02 -6.74
C ALA C 6 20.11 31.50 -6.74
N LEU C 7 19.89 30.91 -5.56
CA LEU C 7 19.88 29.45 -5.41
C LEU C 7 18.50 28.92 -5.79
N VAL C 8 18.30 28.75 -7.10
CA VAL C 8 17.04 28.24 -7.60
C VAL C 8 16.87 26.79 -7.15
N VAL C 9 15.75 26.51 -6.48
CA VAL C 9 15.47 25.18 -5.94
C VAL C 9 14.13 24.72 -6.48
N ASP C 10 14.04 23.45 -6.86
CA ASP C 10 12.86 22.87 -7.49
C ASP C 10 12.39 21.65 -6.72
N ASN C 11 12.21 21.81 -5.41
CA ASN C 11 11.74 20.72 -4.57
C ASN C 11 10.45 20.12 -5.10
N GLY C 12 10.39 18.79 -5.09
CA GLY C 12 9.25 18.09 -5.66
C GLY C 12 9.07 16.74 -5.02
N SER C 13 8.02 16.03 -5.45
CA SER C 13 7.74 14.71 -4.92
C SER C 13 8.87 13.73 -5.24
N GLY C 14 9.40 13.79 -6.46
CA GLY C 14 10.51 12.92 -6.84
C GLY C 14 11.85 13.58 -6.59
N MET C 15 12.74 13.50 -7.58
CA MET C 15 14.05 14.14 -7.46
C MET C 15 13.90 15.65 -7.38
N CYS C 16 14.70 16.28 -6.52
CA CYS C 16 14.67 17.72 -6.34
C CYS C 16 15.86 18.36 -7.05
N LYS C 17 15.57 19.32 -7.92
CA LYS C 17 16.60 19.98 -8.71
C LYS C 17 17.08 21.23 -7.97
N ALA C 18 18.38 21.33 -7.77
CA ALA C 18 18.98 22.46 -7.08
C ALA C 18 20.24 22.89 -7.81
N GLY C 19 20.40 24.20 -7.99
CA GLY C 19 21.55 24.72 -8.69
C GLY C 19 21.76 26.21 -8.49
N PHE C 20 22.21 26.90 -9.54
CA PHE C 20 22.45 28.33 -9.49
C PHE C 20 21.70 29.02 -10.62
N ALA C 21 21.34 30.28 -10.38
CA ALA C 21 20.71 31.08 -11.42
C ALA C 21 21.71 31.44 -12.51
N GLY C 22 21.22 31.52 -13.74
CA GLY C 22 22.06 31.81 -14.88
C GLY C 22 22.66 30.59 -15.56
N ASP C 23 22.49 29.40 -14.99
CA ASP C 23 22.98 28.18 -15.61
C ASP C 23 21.90 27.57 -16.50
N ASP C 24 22.31 26.62 -17.32
CA ASP C 24 21.41 25.92 -18.22
C ASP C 24 21.05 24.52 -17.75
N ALA C 25 21.59 24.08 -16.62
CA ALA C 25 21.33 22.74 -16.11
C ALA C 25 21.51 22.75 -14.60
N PRO C 26 20.72 21.96 -13.87
CA PRO C 26 20.88 21.90 -12.41
C PRO C 26 22.25 21.36 -12.03
N ARG C 27 22.80 21.91 -10.95
CA ARG C 27 24.10 21.46 -10.47
C ARG C 27 24.02 20.08 -9.81
N ALA C 28 22.99 19.88 -8.98
CA ALA C 28 22.82 18.63 -8.26
C ALA C 28 21.39 18.13 -8.42
N VAL C 29 21.23 16.88 -8.82
CA VAL C 29 19.93 16.25 -8.99
C VAL C 29 19.97 14.91 -8.25
N PHE C 30 19.26 14.83 -7.14
CA PHE C 30 19.21 13.61 -6.33
C PHE C 30 17.78 13.36 -5.89
N PRO C 31 17.41 12.11 -5.65
CA PRO C 31 16.05 11.82 -5.18
C PRO C 31 15.78 12.44 -3.82
N SER C 32 14.54 12.86 -3.62
CA SER C 32 14.13 13.49 -2.35
C SER C 32 13.51 12.44 -1.45
N ILE C 33 14.37 11.53 -0.97
CA ILE C 33 13.97 10.47 -0.06
C ILE C 33 14.81 10.56 1.19
N VAL C 34 14.22 10.11 2.30
CA VAL C 34 14.90 10.04 3.60
C VAL C 34 14.66 8.65 4.16
N GLY C 35 15.73 7.95 4.50
CA GLY C 35 15.64 6.59 5.00
C GLY C 35 16.43 6.41 6.28
N ARG C 36 15.97 5.49 7.12
CA ARG C 36 16.63 5.14 8.35
C ARG C 36 16.79 3.62 8.45
N PRO C 37 17.87 3.14 9.07
CA PRO C 37 18.08 1.69 9.15
C PRO C 37 17.12 1.04 10.13
N ARG C 38 16.35 0.07 9.65
CA ARG C 38 15.42 -0.65 10.52
C ARG C 38 16.14 -1.64 11.41
N HIS C 39 17.20 -2.28 10.91
CA HIS C 39 17.93 -3.25 11.70
C HIS C 39 18.81 -2.54 12.74
N GLN C 40 19.53 -3.33 13.52
CA GLN C 40 20.43 -2.81 14.54
C GLN C 40 21.88 -2.94 14.08
N GLY C 41 22.68 -1.92 14.38
CA GLY C 41 24.08 -1.97 14.01
C GLY C 41 24.86 -2.93 14.88
N VAL C 42 25.66 -3.78 14.26
CA VAL C 42 26.49 -4.75 14.96
C VAL C 42 27.97 -4.40 14.81
N MET C 43 28.42 -4.17 13.59
CA MET C 43 29.80 -3.75 13.37
C MET C 43 30.01 -2.35 13.91
N VAL C 44 31.06 -2.17 14.71
CA VAL C 44 31.32 -0.89 15.36
C VAL C 44 32.45 -0.11 14.69
N GLY C 45 33.18 -0.72 13.76
CA GLY C 45 34.30 -0.03 13.14
C GLY C 45 33.89 1.20 12.35
N MET C 46 32.87 1.05 11.51
CA MET C 46 32.44 2.15 10.66
C MET C 46 31.24 2.87 11.27
N GLY C 47 31.03 4.10 10.82
CA GLY C 47 29.96 4.92 11.38
C GLY C 47 28.59 4.48 10.88
N GLN C 48 27.60 4.56 11.78
CA GLN C 48 26.21 4.24 11.49
C GLN C 48 25.38 5.51 11.71
N LYS C 49 25.25 6.32 10.67
CA LYS C 49 24.47 7.55 10.79
C LYS C 49 23.00 7.23 11.02
N ASP C 50 22.32 8.13 11.73
CA ASP C 50 20.93 7.90 12.10
C ASP C 50 20.04 7.81 10.86
N SER C 51 20.26 8.68 9.88
CA SER C 51 19.44 8.71 8.69
C SER C 51 20.28 9.14 7.49
N TYR C 52 20.02 8.51 6.35
CA TYR C 52 20.68 8.84 5.09
C TYR C 52 19.69 9.54 4.18
N VAL C 53 20.10 10.67 3.61
CA VAL C 53 19.23 11.53 2.82
C VAL C 53 19.85 11.74 1.44
N GLY C 54 19.05 11.56 0.40
CA GLY C 54 19.50 11.85 -0.95
C GLY C 54 20.05 10.65 -1.69
N ASP C 55 21.07 10.89 -2.53
CA ASP C 55 21.67 9.81 -3.29
C ASP C 55 22.41 8.81 -2.41
N GLU C 56 22.79 9.21 -1.20
CA GLU C 56 23.43 8.26 -0.28
C GLU C 56 22.48 7.15 0.11
N ALA C 57 21.20 7.48 0.32
CA ALA C 57 20.23 6.46 0.71
C ALA C 57 19.87 5.54 -0.44
N GLN C 58 20.00 6.02 -1.68
CA GLN C 58 19.65 5.18 -2.83
C GLN C 58 20.63 4.02 -3.00
N SER C 59 21.92 4.28 -2.76
CA SER C 59 22.91 3.21 -2.89
C SER C 59 22.69 2.12 -1.86
N LYS C 60 22.36 2.50 -0.62
CA LYS C 60 22.12 1.55 0.46
C LYS C 60 20.63 1.39 0.76
N ARG C 61 19.79 1.42 -0.28
CA ARG C 61 18.35 1.36 -0.09
C ARG C 61 17.86 -0.02 0.33
N GLY C 62 18.72 -1.04 0.29
CA GLY C 62 18.28 -2.37 0.69
C GLY C 62 17.93 -2.47 2.15
N ILE C 63 18.70 -1.81 3.01
CA ILE C 63 18.53 -1.90 4.45
C ILE C 63 17.88 -0.64 5.02
N LEU C 64 17.19 0.13 4.18
CA LEU C 64 16.57 1.38 4.60
C LEU C 64 15.07 1.34 4.35
N THR C 65 14.32 2.00 5.23
CA THR C 65 12.89 2.18 5.06
C THR C 65 12.68 3.55 4.42
N LEU C 66 12.78 3.59 3.09
CA LEU C 66 12.65 4.85 2.37
C LEU C 66 11.26 5.43 2.56
N LYS C 67 11.20 6.71 2.93
CA LYS C 67 9.94 7.42 3.06
C LYS C 67 10.09 8.80 2.43
N TYR C 68 9.09 9.23 1.69
CA TYR C 68 9.14 10.50 0.98
C TYR C 68 8.52 11.60 1.83
N PRO C 69 9.25 12.67 2.15
CA PRO C 69 8.62 13.80 2.85
C PRO C 69 7.49 14.44 2.05
N ILE C 70 7.53 14.36 0.73
CA ILE C 70 6.54 14.98 -0.14
C ILE C 70 5.55 13.92 -0.61
N GLU C 71 4.26 14.22 -0.46
CA GLU C 71 3.21 13.37 -1.01
C GLU C 71 2.18 14.26 -1.69
N HIC C 72 2.06 14.10 -3.01
CA HIC C 72 1.15 14.90 -3.83
C HIC C 72 1.44 16.40 -3.72
O HIC C 72 0.52 17.21 -3.73
CB HIC C 72 -0.31 14.63 -3.46
CG HIC C 72 -0.70 13.22 -3.70
ND1 HIC C 72 -1.57 12.55 -2.87
CD2 HIC C 72 -0.31 12.38 -4.71
CE1 HIC C 72 -1.69 11.35 -3.38
NE2 HIC C 72 -0.94 11.19 -4.49
CZ HIC C 72 -0.84 10.00 -5.30
N GLY C 73 2.72 16.75 -3.62
CA GLY C 73 3.13 18.14 -3.59
C GLY C 73 2.91 18.86 -2.27
N ILE C 74 2.58 18.10 -1.23
CA ILE C 74 2.35 18.64 0.11
C ILE C 74 3.36 18.01 1.06
N VAL C 75 4.05 18.85 1.83
CA VAL C 75 5.05 18.36 2.77
C VAL C 75 4.33 17.68 3.92
N THR C 76 4.34 16.35 3.95
CA THR C 76 3.65 15.62 5.01
C THR C 76 4.38 15.71 6.34
N ASN C 77 5.71 15.66 6.31
CA ASN C 77 6.52 15.71 7.52
C ASN C 77 7.55 16.80 7.33
N TRP C 78 7.57 17.77 8.25
CA TRP C 78 8.49 18.90 8.17
C TRP C 78 9.83 18.65 8.83
N ASP C 79 9.99 17.53 9.55
CA ASP C 79 11.30 17.22 10.11
C ASP C 79 12.25 16.73 9.02
N ASP C 80 11.74 15.94 8.08
CA ASP C 80 12.59 15.37 7.04
C ASP C 80 12.95 16.39 5.96
N MET C 81 12.03 17.32 5.64
CA MET C 81 12.36 18.34 4.65
C MET C 81 13.48 19.25 5.12
N GLU C 82 13.60 19.47 6.42
CA GLU C 82 14.74 20.22 6.94
C GLU C 82 16.04 19.49 6.63
N LYS C 83 16.04 18.16 6.75
CA LYS C 83 17.23 17.38 6.44
C LYS C 83 17.60 17.49 4.96
N ILE C 84 16.62 17.43 4.08
CA ILE C 84 16.90 17.46 2.64
C ILE C 84 17.47 18.82 2.24
N TRP C 85 16.83 19.90 2.70
CA TRP C 85 17.31 21.23 2.36
C TRP C 85 18.69 21.49 2.92
N HIS C 86 18.94 21.05 4.15
CA HIS C 86 20.28 21.18 4.73
C HIS C 86 21.30 20.38 3.93
N HIS C 87 20.91 19.20 3.44
CA HIS C 87 21.80 18.42 2.60
C HIS C 87 22.05 19.09 1.26
N THR C 88 21.05 19.79 0.72
CA THR C 88 21.22 20.47 -0.56
C THR C 88 22.22 21.62 -0.45
N PHE C 89 22.04 22.48 0.54
CA PHE C 89 22.84 23.71 0.60
C PHE C 89 24.26 23.44 1.07
N TYR C 90 24.42 22.57 2.06
CA TYR C 90 25.71 22.39 2.72
C TYR C 90 26.46 21.13 2.28
N ASN C 91 25.86 20.28 1.44
CA ASN C 91 26.52 19.07 0.99
C ASN C 91 26.53 18.89 -0.52
N GLU C 92 25.66 19.57 -1.27
CA GLU C 92 25.63 19.46 -2.71
C GLU C 92 26.08 20.74 -3.40
N LEU C 93 25.45 21.87 -3.10
CA LEU C 93 25.85 23.14 -3.68
C LEU C 93 27.08 23.73 -3.01
N ARG C 94 27.39 23.30 -1.78
CA ARG C 94 28.57 23.72 -1.05
C ARG C 94 28.64 25.25 -0.90
N VAL C 95 27.49 25.87 -0.60
CA VAL C 95 27.42 27.30 -0.37
C VAL C 95 26.52 27.56 0.83
N ALA C 96 26.67 28.74 1.42
CA ALA C 96 25.89 29.15 2.57
C ALA C 96 24.73 30.02 2.12
N PRO C 97 23.48 29.63 2.36
CA PRO C 97 22.34 30.47 1.94
C PRO C 97 22.24 31.79 2.67
N GLU C 98 23.08 32.03 3.69
CA GLU C 98 23.03 33.29 4.41
C GLU C 98 23.45 34.48 3.56
N GLU C 99 24.07 34.25 2.39
CA GLU C 99 24.50 35.32 1.52
C GLU C 99 23.78 35.34 0.18
N HIS C 100 23.07 34.27 -0.19
CA HIS C 100 22.44 34.18 -1.49
C HIS C 100 20.92 34.04 -1.36
N PRO C 101 20.16 34.77 -2.17
CA PRO C 101 18.69 34.59 -2.16
C PRO C 101 18.32 33.21 -2.67
N VAL C 102 17.17 32.72 -2.20
CA VAL C 102 16.67 31.40 -2.53
C VAL C 102 15.32 31.54 -3.21
N LEU C 103 15.13 30.84 -4.32
CA LEU C 103 13.87 30.78 -5.04
C LEU C 103 13.31 29.37 -4.92
N LEU C 104 12.02 29.27 -4.63
CA LEU C 104 11.37 27.98 -4.43
C LEU C 104 10.08 27.92 -5.27
N THR C 105 9.60 26.70 -5.47
CA THR C 105 8.42 26.46 -6.29
C THR C 105 7.42 25.62 -5.51
N GLU C 106 6.13 25.89 -5.74
CA GLU C 106 5.05 25.17 -5.10
C GLU C 106 3.94 24.92 -6.12
N ALA C 107 3.39 23.70 -6.10
CA ALA C 107 2.30 23.35 -7.01
C ALA C 107 1.06 24.18 -6.69
N PRO C 108 0.26 24.51 -7.71
CA PRO C 108 -0.92 25.33 -7.47
C PRO C 108 -2.01 24.56 -6.75
N LEU C 109 -2.95 25.31 -6.16
CA LEU C 109 -4.06 24.75 -5.39
C LEU C 109 -3.54 23.88 -4.24
N ASN C 110 -2.57 24.40 -3.52
CA ASN C 110 -1.94 23.75 -2.39
C ASN C 110 -2.42 24.38 -1.08
N PRO C 111 -2.38 23.65 0.02
CA PRO C 111 -2.79 24.22 1.31
C PRO C 111 -1.94 25.44 1.67
N LYS C 112 -2.60 26.44 2.25
CA LYS C 112 -1.90 27.67 2.62
C LYS C 112 -0.88 27.44 3.73
N ALA C 113 -1.04 26.39 4.52
CA ALA C 113 -0.06 26.06 5.56
C ALA C 113 1.20 25.44 4.98
N ASN C 114 1.14 24.91 3.76
CA ASN C 114 2.32 24.30 3.16
C ASN C 114 3.40 25.34 2.87
N ARG C 115 3.03 26.44 2.22
CA ARG C 115 3.99 27.50 1.94
C ARG C 115 4.22 28.42 3.12
N GLU C 116 3.41 28.31 4.18
CA GLU C 116 3.65 29.11 5.37
C GLU C 116 4.88 28.62 6.13
N LYS C 117 5.02 27.30 6.28
CA LYS C 117 6.20 26.75 6.94
C LYS C 117 7.43 26.82 6.04
N MET C 118 7.23 26.84 4.71
CA MET C 118 8.36 26.96 3.80
C MET C 118 9.08 28.29 4.00
N THR C 119 8.33 29.39 4.11
CA THR C 119 8.94 30.68 4.39
C THR C 119 9.49 30.72 5.82
N GLN C 120 8.79 30.07 6.74
CA GLN C 120 9.22 30.08 8.14
C GLN C 120 10.57 29.41 8.32
N ILE C 121 10.80 28.29 7.63
CA ILE C 121 12.02 27.52 7.85
C ILE C 121 13.24 28.31 7.36
N MET C 122 13.19 28.84 6.13
CA MET C 122 14.34 29.53 5.59
C MET C 122 14.69 30.79 6.38
N PHE C 123 13.66 31.55 6.78
CA PHE C 123 13.91 32.85 7.39
C PHE C 123 14.38 32.76 8.84
N GLU C 124 14.33 31.58 9.46
CA GLU C 124 14.79 31.42 10.84
C GLU C 124 15.82 30.32 11.02
N THR C 125 15.79 29.26 10.23
CA THR C 125 16.78 28.19 10.35
C THR C 125 17.99 28.44 9.45
N PHE C 126 17.76 28.74 8.18
CA PHE C 126 18.84 29.02 7.25
C PHE C 126 19.17 30.50 7.11
N ASN C 127 18.20 31.38 7.43
CA ASN C 127 18.41 32.82 7.45
C ASN C 127 18.89 33.34 6.08
N THR C 128 18.02 33.17 5.08
CA THR C 128 18.38 33.69 3.77
C THR C 128 17.94 35.15 3.63
N PRO C 129 18.75 35.97 2.98
CA PRO C 129 18.37 37.39 2.81
C PRO C 129 17.05 37.61 2.09
N ALA C 130 16.69 36.74 1.15
CA ALA C 130 15.48 36.94 0.37
C ALA C 130 14.83 35.59 0.07
N MET C 131 13.65 35.65 -0.55
CA MET C 131 12.90 34.46 -0.89
C MET C 131 11.86 34.82 -1.95
N TYR C 132 11.39 33.79 -2.65
CA TYR C 132 10.25 33.93 -3.54
C TYR C 132 9.68 32.55 -3.81
N VAL C 133 8.37 32.48 -3.93
CA VAL C 133 7.66 31.24 -4.23
C VAL C 133 6.83 31.46 -5.48
N ALA C 134 7.00 30.58 -6.47
CA ALA C 134 6.29 30.69 -7.74
C ALA C 134 5.68 29.36 -8.10
N ILE C 135 4.59 29.42 -8.88
CA ILE C 135 3.93 28.21 -9.33
C ILE C 135 4.87 27.41 -10.24
N GLN C 136 4.86 26.09 -10.08
CA GLN C 136 5.76 25.24 -10.87
C GLN C 136 5.45 25.35 -12.36
N ALA C 137 4.17 25.28 -12.72
CA ALA C 137 3.81 25.24 -14.13
C ALA C 137 3.96 26.61 -14.80
N VAL C 138 3.88 27.69 -14.02
CA VAL C 138 4.05 29.02 -14.59
C VAL C 138 5.47 29.18 -15.15
N LEU C 139 6.47 28.70 -14.41
CA LEU C 139 7.85 28.79 -14.88
C LEU C 139 8.10 27.95 -16.12
N SER C 140 7.24 26.96 -16.41
CA SER C 140 7.47 26.10 -17.56
C SER C 140 7.37 26.86 -18.88
N LEU C 141 6.54 27.90 -18.94
CA LEU C 141 6.48 28.72 -20.15
C LEU C 141 7.70 29.61 -20.28
N TYR C 142 8.34 29.96 -19.16
CA TYR C 142 9.56 30.76 -19.22
C TYR C 142 10.68 30.00 -19.90
N ALA C 143 10.80 28.70 -19.63
CA ALA C 143 11.81 27.89 -20.32
C ALA C 143 11.52 27.79 -21.81
N SER C 144 10.25 27.61 -22.17
CA SER C 144 9.87 27.50 -23.58
C SER C 144 9.93 28.83 -24.31
N GLY C 145 10.10 29.94 -23.60
CA GLY C 145 10.16 31.25 -24.24
C GLY C 145 8.86 31.68 -24.88
N ARG C 146 7.73 31.38 -24.24
CA ARG C 146 6.42 31.76 -24.73
C ARG C 146 5.64 32.44 -23.63
N THR C 147 4.71 33.31 -24.04
CA THR C 147 3.80 33.97 -23.10
C THR C 147 2.38 33.43 -23.18
N THR C 148 2.11 32.53 -24.12
CA THR C 148 0.79 31.93 -24.26
C THR C 148 0.92 30.41 -24.17
N GLY C 149 -0.20 29.75 -23.92
CA GLY C 149 -0.24 28.30 -23.91
C GLY C 149 -0.59 27.69 -22.56
N ILE C 150 -1.39 26.63 -22.59
CA ILE C 150 -1.78 25.94 -21.37
C ILE C 150 -0.66 24.97 -20.98
N VAL C 151 -0.22 25.06 -19.73
CA VAL C 151 0.88 24.21 -19.26
C VAL C 151 0.31 22.90 -18.74
N MET C 152 0.70 21.80 -19.34
CA MET C 152 0.31 20.47 -18.87
C MET C 152 1.49 19.89 -18.07
N ASP C 153 1.59 20.32 -16.82
CA ASP C 153 2.64 19.84 -15.94
C ASP C 153 2.20 18.53 -15.31
N SER C 154 3.09 17.53 -15.33
CA SER C 154 2.79 16.21 -14.77
C SER C 154 4.05 15.75 -14.01
N GLY C 155 4.06 15.99 -12.71
CA GLY C 155 5.17 15.63 -11.87
C GLY C 155 5.07 14.22 -11.33
N ASP C 156 5.74 14.00 -10.19
CA ASP C 156 5.71 12.69 -9.55
C ASP C 156 4.39 12.47 -8.81
N GLY C 157 3.84 13.53 -8.22
CA GLY C 157 2.67 13.36 -7.37
C GLY C 157 1.46 14.17 -7.78
N VAL C 158 1.63 15.14 -8.68
CA VAL C 158 0.54 16.01 -9.08
C VAL C 158 0.55 16.18 -10.60
N THR C 159 -0.61 16.55 -11.15
CA THR C 159 -0.76 16.85 -12.56
C THR C 159 -1.73 18.01 -12.67
N HIS C 160 -1.22 19.21 -12.95
CA HIS C 160 -2.01 20.43 -12.95
C HIS C 160 -1.85 21.16 -14.26
N THR C 161 -2.94 21.69 -14.78
CA THR C 161 -2.94 22.50 -15.99
C THR C 161 -3.39 23.92 -15.64
N VAL C 162 -2.55 24.89 -15.95
CA VAL C 162 -2.87 26.29 -15.71
C VAL C 162 -2.74 27.08 -17.01
N PRO C 163 -3.85 27.48 -17.64
CA PRO C 163 -3.75 28.23 -18.89
C PRO C 163 -3.20 29.63 -18.66
N ILE C 164 -2.27 30.04 -19.51
CA ILE C 164 -1.68 31.37 -19.45
C ILE C 164 -1.86 31.97 -20.85
N TYR C 165 -2.96 32.70 -21.05
CA TYR C 165 -3.20 33.30 -22.37
C TYR C 165 -2.19 34.38 -22.68
N GLU C 166 -1.85 35.19 -21.68
CA GLU C 166 -0.89 36.28 -21.83
C GLU C 166 -0.18 36.45 -20.50
N GLY C 167 0.46 37.60 -20.29
CA GLY C 167 1.07 37.91 -19.02
C GLY C 167 0.16 37.70 -17.83
N TYR C 168 -1.14 37.76 -18.07
CA TYR C 168 -2.14 37.46 -17.04
C TYR C 168 -2.51 35.99 -17.08
N ALA C 169 -2.59 35.37 -15.90
CA ALA C 169 -2.92 33.96 -15.76
C ALA C 169 -4.37 33.83 -15.31
N LEU C 170 -5.15 33.06 -16.06
CA LEU C 170 -6.55 32.84 -15.70
C LEU C 170 -6.64 31.97 -14.46
N PRO C 171 -7.24 32.44 -13.37
CA PRO C 171 -7.25 31.67 -12.12
C PRO C 171 -8.48 30.79 -11.91
N HIS C 172 -9.48 30.87 -12.78
CA HIS C 172 -10.68 30.04 -12.66
C HIS C 172 -10.59 28.76 -13.46
N ALA C 173 -9.44 28.47 -14.07
CA ALA C 173 -9.25 27.25 -14.84
C ALA C 173 -7.97 26.51 -14.44
N ILE C 174 -7.49 26.72 -13.22
CA ILE C 174 -6.26 26.06 -12.75
C ILE C 174 -6.70 24.74 -12.14
N LEU C 175 -6.86 23.74 -12.99
CA LEU C 175 -7.23 22.41 -12.53
C LEU C 175 -6.02 21.71 -11.91
N ARG C 176 -6.28 20.61 -11.20
CA ARG C 176 -5.22 19.88 -10.53
C ARG C 176 -5.70 18.45 -10.29
N LEU C 177 -4.99 17.48 -10.86
CA LEU C 177 -5.24 16.06 -10.64
C LEU C 177 -4.07 15.45 -9.88
N ASP C 178 -4.40 14.53 -8.97
CA ASP C 178 -3.38 13.87 -8.16
C ASP C 178 -2.86 12.59 -8.79
N LEU C 179 -3.30 12.27 -10.00
CA LEU C 179 -2.78 11.11 -10.73
C LEU C 179 -1.49 11.51 -11.42
N ALA C 180 -0.39 10.87 -11.03
CA ALA C 180 0.93 11.23 -11.54
C ALA C 180 1.80 9.98 -11.54
N GLY C 181 3.11 10.17 -11.64
CA GLY C 181 4.02 9.05 -11.76
C GLY C 181 4.01 8.12 -10.56
N ARG C 182 3.91 8.69 -9.36
CA ARG C 182 3.93 7.87 -8.16
C ARG C 182 2.74 6.91 -8.11
N ASP C 183 1.56 7.40 -8.51
CA ASP C 183 0.39 6.52 -8.55
C ASP C 183 0.56 5.45 -9.63
N LEU C 184 1.15 5.81 -10.76
CA LEU C 184 1.39 4.84 -11.82
C LEU C 184 2.36 3.75 -11.35
N THR C 185 3.39 4.12 -10.59
CA THR C 185 4.30 3.13 -10.04
C THR C 185 3.58 2.16 -9.12
N ASP C 186 2.67 2.67 -8.28
CA ASP C 186 1.87 1.79 -7.44
C ASP C 186 0.96 0.90 -8.28
N TYR C 187 0.50 1.40 -9.42
CA TYR C 187 -0.34 0.59 -10.30
C TYR C 187 0.46 -0.45 -11.05
N LEU C 188 1.72 -0.15 -11.39
CA LEU C 188 2.53 -1.09 -12.18
C LEU C 188 2.77 -2.38 -11.42
N MET C 189 3.09 -2.29 -10.13
CA MET C 189 3.29 -3.49 -9.34
C MET C 189 1.99 -4.21 -9.01
N LYS C 190 0.84 -3.52 -9.16
CA LYS C 190 -0.44 -4.19 -8.94
C LYS C 190 -0.77 -5.12 -10.09
N ILE C 191 -0.44 -4.73 -11.32
CA ILE C 191 -0.67 -5.59 -12.48
C ILE C 191 0.53 -6.48 -12.79
N LEU C 192 1.68 -6.22 -12.18
CA LEU C 192 2.84 -7.10 -12.37
C LEU C 192 2.66 -8.43 -11.66
N THR C 193 1.85 -8.48 -10.60
CA THR C 193 1.56 -9.74 -9.94
C THR C 193 0.77 -10.69 -10.82
N GLU C 194 0.15 -10.18 -11.89
CA GLU C 194 -0.58 -11.05 -12.81
C GLU C 194 0.35 -11.99 -13.57
N ARG C 195 1.65 -11.70 -13.60
CA ARG C 195 2.61 -12.55 -14.28
C ARG C 195 3.43 -13.41 -13.32
N GLY C 196 3.52 -13.03 -12.05
CA GLY C 196 4.27 -13.78 -11.07
C GLY C 196 5.39 -13.02 -10.37
N TYR C 197 5.46 -11.70 -10.53
CA TYR C 197 6.47 -10.88 -9.88
C TYR C 197 5.83 -10.11 -8.74
N SER C 198 6.41 -10.21 -7.55
CA SER C 198 5.85 -9.61 -6.34
C SER C 198 6.81 -8.55 -5.81
N PHE C 199 6.48 -7.28 -6.03
CA PHE C 199 7.21 -6.15 -5.48
C PHE C 199 6.33 -5.50 -4.42
N THR C 200 6.69 -5.71 -3.14
CA THR C 200 5.82 -5.26 -2.06
C THR C 200 6.56 -4.49 -0.97
N THR C 201 7.80 -4.07 -1.22
CA THR C 201 8.57 -3.30 -0.25
C THR C 201 9.06 -2.01 -0.90
N THR C 202 9.34 -1.02 -0.06
CA THR C 202 9.81 0.26 -0.56
C THR C 202 11.17 0.13 -1.24
N ALA C 203 11.99 -0.83 -0.82
CA ALA C 203 13.22 -1.12 -1.54
C ALA C 203 12.91 -1.62 -2.95
N GLU C 204 11.88 -2.47 -3.08
CA GLU C 204 11.45 -2.92 -4.39
C GLU C 204 10.64 -1.88 -5.14
N ARG C 205 10.20 -0.82 -4.47
CA ARG C 205 9.52 0.27 -5.15
C ARG C 205 10.44 0.96 -6.15
N GLU C 206 11.71 1.14 -5.79
CA GLU C 206 12.65 1.80 -6.69
C GLU C 206 12.92 0.96 -7.93
N ILE C 207 12.93 -0.36 -7.80
CA ILE C 207 13.15 -1.22 -8.95
C ILE C 207 12.02 -1.08 -9.95
N VAL C 208 10.78 -0.96 -9.46
CA VAL C 208 9.64 -0.80 -10.36
C VAL C 208 9.74 0.53 -11.09
N ARG C 209 10.19 1.58 -10.42
CA ARG C 209 10.29 2.89 -11.05
C ARG C 209 11.29 2.86 -12.21
N ASP C 210 12.38 2.11 -12.07
CA ASP C 210 13.34 1.99 -13.16
C ASP C 210 12.72 1.32 -14.38
N ILE C 211 11.89 0.29 -14.15
CA ILE C 211 11.21 -0.38 -15.25
C ILE C 211 10.29 0.58 -15.98
N LYS C 212 9.57 1.42 -15.23
CA LYS C 212 8.64 2.36 -15.85
C LYS C 212 9.35 3.35 -16.75
N GLU C 213 10.54 3.82 -16.33
CA GLU C 213 11.27 4.81 -17.10
C GLU C 213 11.94 4.25 -18.34
N LYS C 214 12.13 2.92 -18.42
CA LYS C 214 12.92 2.32 -19.48
C LYS C 214 12.12 1.52 -20.48
N LEU C 215 11.00 0.90 -20.08
CA LEU C 215 10.25 0.02 -20.96
C LEU C 215 8.83 0.49 -21.24
N CYS C 216 8.21 1.25 -20.34
CA CYS C 216 6.84 1.68 -20.55
C CYS C 216 6.72 2.65 -21.71
N TYR C 217 5.60 2.57 -22.42
CA TYR C 217 5.33 3.49 -23.53
C TYR C 217 3.83 3.53 -23.74
N VAL C 218 3.38 4.59 -24.43
CA VAL C 218 1.97 4.83 -24.67
C VAL C 218 1.62 4.41 -26.09
N ALA C 219 0.60 3.56 -26.22
CA ALA C 219 0.15 3.11 -27.53
C ALA C 219 -0.81 4.13 -28.14
N LEU C 220 -0.73 4.27 -29.47
CA LEU C 220 -1.60 5.22 -30.16
C LEU C 220 -3.07 4.80 -30.06
N ASP C 221 -3.35 3.51 -30.23
CA ASP C 221 -4.70 2.97 -30.13
C ASP C 221 -4.68 1.80 -29.16
N PHE C 222 -5.30 1.97 -28.00
CA PHE C 222 -5.21 0.96 -26.94
C PHE C 222 -5.89 -0.34 -27.33
N GLU C 223 -7.07 -0.24 -27.97
CA GLU C 223 -7.83 -1.45 -28.26
C GLU C 223 -7.12 -2.32 -29.30
N GLN C 224 -6.61 -1.70 -30.37
CA GLN C 224 -5.91 -2.46 -31.40
C GLN C 224 -4.59 -3.00 -30.89
N GLU C 225 -3.89 -2.21 -30.08
CA GLU C 225 -2.61 -2.66 -29.52
C GLU C 225 -2.81 -3.83 -28.56
N MET C 226 -3.97 -3.89 -27.89
CA MET C 226 -4.24 -4.99 -26.97
C MET C 226 -4.27 -6.33 -27.70
N ALA C 227 -4.86 -6.36 -28.90
CA ALA C 227 -4.90 -7.60 -29.68
C ALA C 227 -3.50 -8.05 -30.06
N THR C 228 -2.64 -7.11 -30.45
CA THR C 228 -1.27 -7.46 -30.82
C THR C 228 -0.51 -8.05 -29.64
N ALA C 229 -0.67 -7.45 -28.46
CA ALA C 229 0.01 -7.95 -27.27
C ALA C 229 -0.52 -9.33 -26.86
N ALA C 230 -1.82 -9.57 -27.04
CA ALA C 230 -2.40 -10.86 -26.71
C ALA C 230 -1.91 -11.97 -27.63
N SER C 231 -1.32 -11.62 -28.76
CA SER C 231 -0.79 -12.60 -29.71
C SER C 231 0.65 -12.97 -29.46
N SER C 232 1.26 -12.47 -28.37
CA SER C 232 2.65 -12.74 -28.01
C SER C 232 3.60 -12.32 -29.14
N SER C 233 3.44 -11.06 -29.56
CA SER C 233 4.29 -10.48 -30.59
C SER C 233 5.61 -10.02 -30.02
N SER C 234 6.38 -9.27 -30.79
CA SER C 234 7.68 -8.73 -30.37
C SER C 234 7.56 -7.67 -29.27
N LEU C 235 6.35 -7.41 -28.75
CA LEU C 235 6.20 -6.44 -27.68
C LEU C 235 6.91 -6.87 -26.42
N GLU C 236 7.05 -8.18 -26.20
CA GLU C 236 7.70 -8.66 -25.00
C GLU C 236 9.16 -8.25 -24.96
N LYS C 237 9.60 -7.71 -23.82
CA LYS C 237 10.97 -7.26 -23.63
C LYS C 237 11.55 -7.95 -22.40
N SER C 238 12.85 -7.76 -22.20
CA SER C 238 13.57 -8.36 -21.09
C SER C 238 14.26 -7.28 -20.28
N TYR C 239 14.08 -7.32 -18.97
CA TYR C 239 14.71 -6.39 -18.04
C TYR C 239 15.50 -7.18 -17.00
N GLU C 240 16.63 -6.63 -16.58
CA GLU C 240 17.53 -7.31 -15.65
C GLU C 240 17.43 -6.63 -14.29
N LEU C 241 17.03 -7.40 -13.29
CA LEU C 241 16.93 -6.91 -11.92
C LEU C 241 18.32 -6.82 -11.28
N PRO C 242 18.45 -6.07 -10.19
CA PRO C 242 19.74 -6.02 -9.48
C PRO C 242 20.21 -7.39 -9.01
N ASP C 243 19.29 -8.30 -8.70
CA ASP C 243 19.67 -9.68 -8.38
C ASP C 243 20.41 -10.32 -9.54
N GLY C 244 20.00 -10.04 -10.77
CA GLY C 244 20.49 -10.72 -11.96
C GLY C 244 19.44 -11.56 -12.64
N GLN C 245 18.25 -11.68 -12.06
CA GLN C 245 17.16 -12.38 -12.71
C GLN C 245 16.64 -11.60 -13.90
N VAL C 246 16.12 -12.32 -14.88
CA VAL C 246 15.57 -11.73 -16.11
C VAL C 246 14.06 -11.87 -16.08
N ILE C 247 13.35 -10.75 -16.14
CA ILE C 247 11.90 -10.74 -16.14
C ILE C 247 11.41 -10.19 -17.47
N THR C 248 10.27 -10.71 -17.93
CA THR C 248 9.69 -10.32 -19.20
C THR C 248 8.30 -9.74 -18.95
N ILE C 249 8.03 -8.58 -19.54
CA ILE C 249 6.73 -7.92 -19.43
C ILE C 249 6.16 -7.76 -20.83
N GLY C 250 4.91 -8.17 -21.01
CA GLY C 250 4.27 -8.12 -22.30
C GLY C 250 3.31 -6.96 -22.45
N ASN C 251 2.01 -7.22 -22.28
CA ASN C 251 1.00 -6.18 -22.40
C ASN C 251 1.07 -5.16 -21.27
N GLU C 252 1.86 -5.43 -20.22
CA GLU C 252 2.02 -4.46 -19.14
C GLU C 252 2.82 -3.24 -19.55
N ARG C 253 3.48 -3.27 -20.71
CA ARG C 253 4.27 -2.13 -21.14
C ARG C 253 3.41 -0.90 -21.37
N PHE C 254 2.25 -1.07 -22.02
CA PHE C 254 1.36 0.05 -22.32
C PHE C 254 0.13 0.10 -21.43
N ARG C 255 -0.07 -0.88 -20.55
CA ARG C 255 -1.21 -0.84 -19.64
C ARG C 255 -0.99 0.18 -18.53
N CYS C 256 0.23 0.25 -17.98
CA CYS C 256 0.52 1.21 -16.93
C CYS C 256 0.40 2.65 -17.38
N PRO C 257 0.99 3.09 -18.49
CA PRO C 257 0.78 4.49 -18.92
C PRO C 257 -0.63 4.77 -19.40
N GLU C 258 -1.41 3.74 -19.73
CA GLU C 258 -2.78 3.95 -20.16
C GLU C 258 -3.69 4.39 -19.02
N ALA C 259 -3.25 4.23 -17.77
CA ALA C 259 -4.05 4.68 -16.64
C ALA C 259 -4.19 6.19 -16.61
N LEU C 260 -3.28 6.92 -17.26
CA LEU C 260 -3.39 8.38 -17.31
C LEU C 260 -4.63 8.82 -18.07
N PHE C 261 -4.88 8.21 -19.23
CA PHE C 261 -6.01 8.61 -20.06
C PHE C 261 -7.31 7.91 -19.67
N GLN C 262 -7.23 6.81 -18.92
CA GLN C 262 -8.41 6.10 -18.44
C GLN C 262 -8.23 5.83 -16.95
N PRO C 263 -8.45 6.83 -16.11
CA PRO C 263 -8.26 6.64 -14.66
C PRO C 263 -9.25 5.67 -14.03
N SER C 264 -10.23 5.16 -14.78
CA SER C 264 -11.15 4.17 -14.24
C SER C 264 -10.43 2.88 -13.85
N PHE C 265 -9.25 2.63 -14.42
CA PHE C 265 -8.47 1.47 -14.03
C PHE C 265 -8.02 1.57 -12.58
N LEU C 266 -7.79 2.79 -12.10
CA LEU C 266 -7.36 3.03 -10.73
C LEU C 266 -8.53 3.28 -9.77
N GLY C 267 -9.76 3.25 -10.26
CA GLY C 267 -10.91 3.50 -9.42
C GLY C 267 -11.19 4.95 -9.14
N MET C 268 -10.55 5.88 -9.84
CA MET C 268 -10.75 7.30 -9.63
C MET C 268 -11.74 7.83 -10.65
N GLU C 269 -12.75 8.58 -10.18
CA GLU C 269 -13.77 9.12 -11.06
C GLU C 269 -13.25 10.29 -11.90
N SER C 270 -12.13 10.89 -11.52
CA SER C 270 -11.60 12.02 -12.26
C SER C 270 -11.31 11.64 -13.70
N ALA C 271 -11.59 12.56 -14.62
CA ALA C 271 -11.45 12.29 -16.04
C ALA C 271 -9.98 12.13 -16.41
N GLY C 272 -9.75 11.67 -17.64
CA GLY C 272 -8.41 11.39 -18.09
C GLY C 272 -7.58 12.65 -18.29
N ILE C 273 -6.29 12.44 -18.51
CA ILE C 273 -5.37 13.55 -18.72
C ILE C 273 -5.71 14.30 -20.01
N HIS C 274 -6.11 13.56 -21.05
CA HIS C 274 -6.52 14.22 -22.29
C HIS C 274 -7.78 15.04 -22.09
N GLU C 275 -8.69 14.58 -21.22
CA GLU C 275 -9.93 15.30 -20.99
C GLU C 275 -9.72 16.51 -20.08
N THR C 276 -8.84 16.40 -19.08
CA THR C 276 -8.67 17.50 -18.14
C THR C 276 -8.01 18.71 -18.79
N THR C 277 -7.20 18.50 -19.83
CA THR C 277 -6.69 19.62 -20.60
C THR C 277 -7.80 20.24 -21.45
N PHE C 278 -8.69 19.39 -21.98
CA PHE C 278 -9.82 19.90 -22.76
C PHE C 278 -10.75 20.74 -21.89
N ASN C 279 -10.99 20.31 -20.65
CA ASN C 279 -11.87 21.05 -19.75
C ASN C 279 -11.29 22.42 -19.41
N SER C 280 -9.97 22.48 -19.17
CA SER C 280 -9.33 23.74 -18.79
C SER C 280 -9.44 24.76 -19.91
N ILE C 281 -9.32 24.31 -21.16
CA ILE C 281 -9.44 25.23 -22.30
C ILE C 281 -10.86 25.76 -22.41
N MET C 282 -11.85 24.91 -22.15
CA MET C 282 -13.25 25.32 -22.29
C MET C 282 -13.63 26.40 -21.28
N LYS C 283 -13.11 26.30 -20.05
CA LYS C 283 -13.46 27.28 -19.02
C LYS C 283 -12.91 28.66 -19.35
N CYS C 284 -11.99 28.76 -20.30
CA CYS C 284 -11.46 30.05 -20.72
C CYS C 284 -12.44 30.73 -21.67
N ASP C 285 -12.10 31.96 -22.06
CA ASP C 285 -12.98 32.75 -22.91
C ASP C 285 -13.03 32.18 -24.32
N VAL C 286 -14.02 32.66 -25.08
CA VAL C 286 -14.23 32.14 -26.44
C VAL C 286 -13.06 32.52 -27.35
N ASP C 287 -12.67 33.79 -27.33
CA ASP C 287 -11.59 34.24 -28.21
C ASP C 287 -10.24 33.77 -27.73
N ILE C 288 -10.12 33.39 -26.46
CA ILE C 288 -8.84 32.91 -25.93
C ILE C 288 -8.51 31.52 -26.47
N ARG C 289 -9.52 30.68 -26.67
CA ARG C 289 -9.27 29.29 -27.04
C ARG C 289 -8.52 29.15 -28.35
N LYS C 290 -8.56 30.16 -29.21
CA LYS C 290 -7.86 30.08 -30.49
C LYS C 290 -6.34 30.04 -30.31
N ASP C 291 -5.83 30.50 -29.18
CA ASP C 291 -4.39 30.49 -28.92
C ASP C 291 -3.95 29.37 -27.98
N LEU C 292 -4.81 28.96 -27.05
CA LEU C 292 -4.43 27.88 -26.14
C LEU C 292 -4.38 26.54 -26.84
N TYR C 293 -5.22 26.33 -27.86
CA TYR C 293 -5.20 25.08 -28.59
C TYR C 293 -3.88 24.87 -29.31
N ALA C 294 -3.33 25.93 -29.90
CA ALA C 294 -2.16 25.82 -30.75
C ALA C 294 -0.84 26.04 -29.99
N ASN C 295 -0.88 26.15 -28.67
CA ASN C 295 0.33 26.40 -27.90
C ASN C 295 0.40 25.53 -26.64
N THR C 296 -0.24 24.36 -26.67
CA THR C 296 -0.15 23.45 -25.53
C THR C 296 1.29 23.02 -25.33
N VAL C 297 1.76 23.07 -24.08
CA VAL C 297 3.13 22.77 -23.73
C VAL C 297 3.14 21.71 -22.63
N LEU C 298 3.81 20.60 -22.88
CA LEU C 298 3.97 19.57 -21.87
C LEU C 298 5.16 19.90 -20.97
N SER C 299 5.22 19.21 -19.84
CA SER C 299 6.32 19.37 -18.88
C SER C 299 6.28 18.20 -17.91
N GLY C 300 7.32 18.13 -17.08
CA GLY C 300 7.39 17.12 -16.05
C GLY C 300 7.93 15.80 -16.54
N GLY C 301 8.37 14.98 -15.57
CA GLY C 301 8.89 13.67 -15.91
C GLY C 301 7.84 12.72 -16.45
N THR C 302 6.61 12.83 -15.96
CA THR C 302 5.56 11.90 -16.33
C THR C 302 5.22 11.97 -17.82
N THR C 303 5.51 13.10 -18.47
CA THR C 303 5.25 13.26 -19.90
C THR C 303 6.47 12.93 -20.74
N MET C 304 7.36 12.08 -20.23
CA MET C 304 8.54 11.64 -20.96
C MET C 304 8.33 10.30 -21.66
N TYR C 305 7.15 9.72 -21.57
CA TYR C 305 6.89 8.47 -22.25
C TYR C 305 6.97 8.68 -23.76
N PRO C 306 7.55 7.73 -24.51
CA PRO C 306 7.56 7.85 -25.97
C PRO C 306 6.16 7.67 -26.53
N GLY C 307 5.68 8.68 -27.26
CA GLY C 307 4.37 8.65 -27.85
C GLY C 307 3.30 9.42 -27.10
N ILE C 308 3.63 10.01 -25.94
CA ILE C 308 2.66 10.80 -25.21
C ILE C 308 2.26 12.05 -25.97
N ALA C 309 3.15 12.58 -26.82
CA ALA C 309 2.82 13.76 -27.60
C ALA C 309 1.83 13.44 -28.71
N ASP C 310 2.01 12.30 -29.39
CA ASP C 310 1.11 11.94 -30.48
C ASP C 310 -0.24 11.46 -29.95
N ARG C 311 -0.24 10.67 -28.87
CA ARG C 311 -1.49 10.14 -28.34
C ARG C 311 -2.39 11.26 -27.83
N MET C 312 -1.82 12.23 -27.13
CA MET C 312 -2.63 13.34 -26.62
C MET C 312 -3.20 14.17 -27.75
N GLN C 313 -2.45 14.34 -28.84
CA GLN C 313 -2.94 15.11 -29.98
C GLN C 313 -4.17 14.46 -30.61
N LYS C 314 -4.15 13.14 -30.75
CA LYS C 314 -5.29 12.45 -31.35
C LYS C 314 -6.53 12.57 -30.48
N GLU C 315 -6.38 12.42 -29.17
CA GLU C 315 -7.52 12.49 -28.27
C GLU C 315 -8.15 13.88 -28.27
N ILE C 316 -7.32 14.92 -28.24
CA ILE C 316 -7.83 16.28 -28.22
C ILE C 316 -8.50 16.63 -29.56
N THR C 317 -7.95 16.13 -30.67
CA THR C 317 -8.51 16.43 -31.97
C THR C 317 -9.95 15.93 -32.10
N ALA C 318 -10.24 14.75 -31.54
CA ALA C 318 -11.61 14.25 -31.56
C ALA C 318 -12.55 15.15 -30.77
N LEU C 319 -12.12 15.58 -29.58
CA LEU C 319 -12.99 16.42 -28.75
C LEU C 319 -13.10 17.83 -29.31
N ALA C 320 -11.98 18.42 -29.72
CA ALA C 320 -11.98 19.78 -30.21
C ALA C 320 -12.63 19.86 -31.60
N PRO C 321 -13.14 21.03 -31.99
CA PRO C 321 -13.64 21.19 -33.35
C PRO C 321 -12.53 20.98 -34.37
N SER C 322 -12.93 20.49 -35.54
CA SER C 322 -11.96 20.10 -36.56
C SER C 322 -11.17 21.30 -37.07
N THR C 323 -11.81 22.47 -37.14
CA THR C 323 -11.14 23.65 -37.68
C THR C 323 -9.94 24.05 -36.81
N MET C 324 -10.10 24.00 -35.50
CA MET C 324 -9.00 24.37 -34.60
C MET C 324 -7.83 23.41 -34.76
N LYS C 325 -6.63 23.96 -34.82
CA LYS C 325 -5.41 23.17 -34.95
C LYS C 325 -4.78 22.96 -33.58
N ILE C 326 -4.51 21.70 -33.25
CA ILE C 326 -3.91 21.33 -31.96
C ILE C 326 -2.44 21.03 -32.23
N LYS C 327 -1.58 21.96 -31.82
CA LYS C 327 -0.13 21.81 -31.99
C LYS C 327 0.48 21.57 -30.62
N ILE C 328 0.58 20.30 -30.25
CA ILE C 328 1.17 19.93 -28.95
C ILE C 328 2.68 20.11 -29.04
N ILE C 329 3.22 20.93 -28.15
CA ILE C 329 4.64 21.25 -28.15
C ILE C 329 5.31 20.43 -27.04
N ALA C 330 6.33 19.65 -27.42
CA ALA C 330 7.04 18.79 -26.50
C ALA C 330 8.53 19.06 -26.63
N PRO C 331 9.06 19.99 -25.85
CA PRO C 331 10.49 20.28 -25.91
C PRO C 331 11.29 19.06 -25.49
N PRO C 332 12.46 18.84 -26.10
CA PRO C 332 13.26 17.66 -25.74
C PRO C 332 13.79 17.69 -24.32
N GLU C 333 13.86 18.86 -23.69
CA GLU C 333 14.39 19.03 -22.34
C GLU C 333 13.28 19.38 -21.36
N ARG C 334 12.11 18.74 -21.51
CA ARG C 334 10.96 19.09 -20.68
C ARG C 334 11.05 18.50 -19.28
N LYS C 335 12.02 17.63 -19.00
CA LYS C 335 12.17 17.10 -17.65
C LYS C 335 12.57 18.19 -16.67
N TYR C 336 13.54 19.03 -17.05
CA TYR C 336 14.02 20.12 -16.21
C TYR C 336 13.45 21.47 -16.64
N SER C 337 12.29 21.47 -17.30
CA SER C 337 11.72 22.73 -17.80
C SER C 337 11.38 23.68 -16.66
N VAL C 338 10.86 23.15 -15.55
CA VAL C 338 10.46 24.00 -14.45
C VAL C 338 11.67 24.73 -13.86
N TRP C 339 12.77 24.01 -13.68
CA TRP C 339 13.98 24.63 -13.13
C TRP C 339 14.52 25.70 -14.06
N ILE C 340 14.55 25.41 -15.37
CA ILE C 340 15.13 26.35 -16.32
C ILE C 340 14.36 27.66 -16.31
N GLY C 341 13.03 27.60 -16.16
CA GLY C 341 12.26 28.82 -16.01
C GLY C 341 12.64 29.60 -14.78
N GLY C 342 12.94 28.91 -13.67
CA GLY C 342 13.37 29.60 -12.47
C GLY C 342 14.70 30.30 -12.64
N SER C 343 15.61 29.69 -13.38
CA SER C 343 16.92 30.31 -13.62
C SER C 343 16.77 31.58 -14.46
N ILE C 344 15.89 31.56 -15.46
CA ILE C 344 15.67 32.74 -16.28
C ILE C 344 14.99 33.84 -15.48
N LEU C 345 14.01 33.47 -14.65
CA LEU C 345 13.28 34.46 -13.88
C LEU C 345 14.20 35.18 -12.89
N ALA C 346 15.08 34.45 -12.23
CA ALA C 346 15.94 35.06 -11.21
C ALA C 346 16.89 36.07 -11.83
N SER C 347 17.44 35.77 -13.00
CA SER C 347 18.43 36.65 -13.60
C SER C 347 17.83 37.94 -14.15
N LEU C 348 16.51 37.99 -14.34
CA LEU C 348 15.88 39.18 -14.89
C LEU C 348 16.01 40.35 -13.93
N SER C 349 16.29 41.54 -14.49
CA SER C 349 16.44 42.73 -13.66
C SER C 349 15.12 43.15 -13.02
N THR C 350 14.01 42.94 -13.73
CA THR C 350 12.71 43.34 -13.20
C THR C 350 12.34 42.55 -11.96
N PHE C 351 12.79 41.29 -11.87
CA PHE C 351 12.45 40.43 -10.74
C PHE C 351 13.13 40.85 -9.44
N GLN C 352 14.13 41.74 -9.49
CA GLN C 352 14.89 42.08 -8.31
C GLN C 352 14.04 42.74 -7.22
N GLN C 353 12.90 43.32 -7.58
CA GLN C 353 12.05 43.98 -6.59
C GLN C 353 10.96 43.06 -6.05
N MET C 354 10.78 41.88 -6.62
CA MET C 354 9.78 40.92 -6.15
C MET C 354 10.26 40.12 -4.94
N TRP C 355 11.52 40.27 -4.55
CA TRP C 355 12.06 39.50 -3.43
C TRP C 355 11.37 39.86 -2.12
N ILE C 356 11.35 38.90 -1.20
CA ILE C 356 10.86 39.12 0.15
C ILE C 356 12.06 39.45 1.02
N SER C 357 12.18 40.70 1.42
CA SER C 357 13.31 41.12 2.24
C SER C 357 13.19 40.54 3.65
N LYS C 358 14.33 40.43 4.32
CA LYS C 358 14.34 39.92 5.69
C LYS C 358 13.56 40.84 6.62
N GLN C 359 13.71 42.16 6.45
CA GLN C 359 12.95 43.10 7.26
C GLN C 359 11.46 43.02 6.96
N GLU C 360 11.09 42.66 5.73
CA GLU C 360 9.68 42.53 5.39
C GLU C 360 9.03 41.40 6.18
N TYR C 361 9.70 40.26 6.29
CA TYR C 361 9.17 39.14 7.05
C TYR C 361 9.15 39.45 8.54
N ASP C 362 10.10 40.26 9.02
CA ASP C 362 10.20 40.54 10.45
C ASP C 362 9.00 41.30 10.99
N GLU C 363 8.34 42.11 10.15
CA GLU C 363 7.27 42.98 10.63
C GLU C 363 5.89 42.31 10.61
N SER C 364 5.68 41.33 9.74
CA SER C 364 4.36 40.75 9.56
C SER C 364 4.35 39.22 9.64
N GLY C 365 5.48 38.60 9.98
CA GLY C 365 5.53 37.17 10.12
C GLY C 365 5.40 36.44 8.80
N PRO C 366 5.03 35.16 8.86
CA PRO C 366 4.96 34.35 7.63
C PRO C 366 3.78 34.66 6.73
N SER C 367 2.91 35.60 7.11
CA SER C 367 1.75 35.92 6.29
C SER C 367 2.11 36.68 5.02
N ILE C 368 3.37 37.10 4.88
CA ILE C 368 3.79 37.85 3.69
C ILE C 368 3.69 37.00 2.44
N VAL C 369 3.98 35.70 2.56
CA VAL C 369 4.06 34.82 1.40
C VAL C 369 2.74 34.76 0.63
N HIS C 370 1.63 35.10 1.26
CA HIS C 370 0.34 35.16 0.56
C HIS C 370 0.09 36.50 -0.13
N ARG C 371 0.96 37.49 0.08
CA ARG C 371 0.76 38.83 -0.46
C ARG C 371 1.64 39.11 -1.66
N LYS C 372 2.96 38.90 -1.54
CA LYS C 372 3.87 39.21 -2.63
C LYS C 372 3.95 38.07 -3.64
N CYS C 373 4.20 36.86 -3.16
CA CYS C 373 4.29 35.71 -4.04
C CYS C 373 2.90 35.31 -4.53
N PHE C 374 2.79 35.01 -5.82
CA PHE C 374 1.53 34.57 -6.40
C PHE C 374 1.47 33.05 -6.45
N ALA D 5 -57.21 15.38 -9.70
CA ALA D 5 -56.64 16.72 -9.68
C ALA D 5 -55.33 16.77 -10.46
N ALA D 6 -54.82 17.97 -10.67
CA ALA D 6 -53.58 18.13 -11.42
C ALA D 6 -52.38 17.70 -10.60
N LEU D 7 -51.26 17.49 -11.30
CA LEU D 7 -49.99 17.11 -10.68
C LEU D 7 -49.01 18.26 -10.89
N VAL D 8 -48.80 19.07 -9.85
CA VAL D 8 -47.84 20.16 -9.91
C VAL D 8 -46.45 19.54 -9.77
N VAL D 9 -45.78 19.30 -10.88
CA VAL D 9 -44.46 18.69 -10.91
C VAL D 9 -43.46 19.79 -11.26
N ASP D 10 -42.77 20.31 -10.26
CA ASP D 10 -41.78 21.37 -10.47
C ASP D 10 -40.40 20.73 -10.53
N ASN D 11 -40.03 20.29 -11.74
CA ASN D 11 -38.70 19.75 -11.95
C ASN D 11 -37.66 20.85 -11.86
N GLY D 12 -36.49 20.50 -11.33
CA GLY D 12 -35.44 21.48 -11.14
C GLY D 12 -34.08 20.84 -11.20
N SER D 13 -33.05 21.70 -11.12
CA SER D 13 -31.68 21.22 -11.20
C SER D 13 -31.29 20.43 -9.96
N GLY D 14 -31.60 20.96 -8.77
CA GLY D 14 -31.23 20.29 -7.55
C GLY D 14 -32.18 19.18 -7.17
N MET D 15 -33.44 19.51 -6.94
CA MET D 15 -34.46 18.54 -6.60
C MET D 15 -35.73 18.85 -7.39
N CYS D 16 -36.55 17.82 -7.58
CA CYS D 16 -37.84 17.95 -8.24
C CYS D 16 -38.95 17.68 -7.22
N LYS D 17 -40.01 18.47 -7.29
CA LYS D 17 -41.12 18.38 -6.35
C LYS D 17 -42.38 17.90 -7.05
N ALA D 18 -43.08 16.97 -6.41
CA ALA D 18 -44.30 16.40 -6.96
C ALA D 18 -45.39 16.38 -5.90
N GLY D 19 -46.64 16.55 -6.35
CA GLY D 19 -47.75 16.56 -5.43
C GLY D 19 -49.05 16.76 -6.17
N PHE D 20 -50.06 17.22 -5.43
CA PHE D 20 -51.39 17.49 -5.98
C PHE D 20 -51.77 18.93 -5.73
N ALA D 21 -52.75 19.40 -6.50
CA ALA D 21 -53.24 20.77 -6.35
C ALA D 21 -54.06 20.91 -5.07
N GLY D 22 -54.09 22.13 -4.55
CA GLY D 22 -54.82 22.42 -3.33
C GLY D 22 -54.10 22.07 -2.05
N ASP D 23 -52.90 21.51 -2.13
CA ASP D 23 -52.13 21.15 -0.95
C ASP D 23 -51.18 22.28 -0.57
N ASP D 24 -50.60 22.17 0.63
CA ASP D 24 -49.69 23.17 1.14
C ASP D 24 -48.22 22.86 0.85
N ALA D 25 -47.84 21.58 0.85
CA ALA D 25 -46.47 21.19 0.63
C ALA D 25 -46.40 20.06 -0.39
N PRO D 26 -45.30 19.97 -1.14
CA PRO D 26 -45.16 18.85 -2.08
C PRO D 26 -45.10 17.52 -1.35
N ARG D 27 -45.70 16.50 -1.97
CA ARG D 27 -45.72 15.17 -1.36
C ARG D 27 -44.36 14.49 -1.46
N ALA D 28 -43.70 14.60 -2.61
CA ALA D 28 -42.42 13.94 -2.85
C ALA D 28 -41.36 15.00 -3.13
N VAL D 29 -40.30 14.99 -2.32
CA VAL D 29 -39.16 15.87 -2.50
C VAL D 29 -37.91 15.00 -2.41
N PHE D 30 -37.25 14.77 -3.53
CA PHE D 30 -36.06 13.94 -3.60
C PHE D 30 -35.06 14.54 -4.57
N PRO D 31 -33.77 14.28 -4.37
CA PRO D 31 -32.77 14.82 -5.30
C PRO D 31 -32.97 14.28 -6.72
N SER D 32 -32.73 15.15 -7.70
CA SER D 32 -32.88 14.80 -9.11
C SER D 32 -31.52 14.39 -9.66
N ILE D 33 -31.12 13.17 -9.31
CA ILE D 33 -29.86 12.60 -9.79
C ILE D 33 -30.13 11.22 -10.35
N VAL D 34 -29.28 10.79 -11.29
CA VAL D 34 -29.36 9.47 -11.90
C VAL D 34 -27.95 8.90 -11.88
N GLY D 35 -27.66 8.06 -10.90
CA GLY D 35 -26.35 7.45 -10.77
C GLY D 35 -26.31 6.05 -11.36
N ARG D 36 -25.15 5.69 -11.89
CA ARG D 36 -24.93 4.37 -12.46
C ARG D 36 -23.70 3.76 -11.81
N PRO D 37 -23.76 2.51 -11.35
CA PRO D 37 -22.59 1.91 -10.68
C PRO D 37 -21.41 1.78 -11.62
N ARG D 38 -20.22 2.04 -11.08
CA ARG D 38 -18.98 1.89 -11.82
C ARG D 38 -18.24 0.61 -11.47
N HIS D 39 -18.20 0.24 -10.20
CA HIS D 39 -17.57 -1.00 -9.79
C HIS D 39 -18.39 -2.21 -10.25
N GLN D 40 -17.70 -3.30 -10.54
CA GLN D 40 -18.36 -4.50 -11.01
C GLN D 40 -19.08 -5.21 -9.85
N GLY D 41 -20.10 -5.98 -10.20
CA GLY D 41 -20.87 -6.73 -9.22
C GLY D 41 -20.25 -8.09 -8.97
N VAL D 42 -20.12 -8.44 -7.68
CA VAL D 42 -19.50 -9.69 -7.31
C VAL D 42 -20.46 -10.63 -6.58
N MET D 43 -21.56 -10.13 -6.03
CA MET D 43 -22.50 -10.96 -5.29
C MET D 43 -23.73 -11.25 -6.14
N VAL D 44 -24.12 -12.52 -6.20
CA VAL D 44 -25.31 -12.91 -6.93
C VAL D 44 -26.51 -12.92 -5.99
N GLY D 45 -27.70 -12.77 -6.56
CA GLY D 45 -28.92 -12.78 -5.80
C GLY D 45 -29.31 -11.46 -5.18
N MET D 46 -28.40 -10.47 -5.15
CA MET D 46 -28.76 -9.18 -4.60
C MET D 46 -29.63 -8.38 -5.55
N GLY D 47 -29.52 -8.64 -6.85
CA GLY D 47 -30.38 -8.00 -7.83
C GLY D 47 -30.23 -6.50 -7.94
N GLN D 48 -29.00 -6.01 -8.04
CA GLN D 48 -28.79 -4.58 -8.19
C GLN D 48 -29.43 -4.06 -9.47
N LYS D 49 -30.07 -2.90 -9.37
CA LYS D 49 -30.68 -2.30 -10.55
C LYS D 49 -29.60 -1.72 -11.48
N ASP D 50 -29.97 -1.55 -12.74
CA ASP D 50 -29.04 -0.99 -13.72
C ASP D 50 -28.66 0.44 -13.35
N SER D 51 -29.63 1.23 -12.90
CA SER D 51 -29.39 2.61 -12.49
C SER D 51 -30.26 2.93 -11.30
N TYR D 52 -29.83 3.93 -10.52
CA TYR D 52 -30.56 4.37 -9.33
C TYR D 52 -30.97 5.82 -9.51
N VAL D 53 -32.23 6.10 -9.16
CA VAL D 53 -32.81 7.42 -9.35
C VAL D 53 -33.36 7.93 -8.02
N GLY D 54 -33.07 9.18 -7.71
CA GLY D 54 -33.65 9.81 -6.53
C GLY D 54 -32.99 9.46 -5.22
N ASP D 55 -33.80 9.25 -4.18
CA ASP D 55 -33.27 9.04 -2.84
C ASP D 55 -32.47 7.75 -2.74
N GLU D 56 -32.79 6.74 -3.56
CA GLU D 56 -32.01 5.52 -3.55
C GLU D 56 -30.58 5.77 -3.99
N ALA D 57 -30.39 6.65 -4.98
CA ALA D 57 -29.05 6.99 -5.44
C ALA D 57 -28.25 7.70 -4.34
N GLN D 58 -28.90 8.60 -3.60
CA GLN D 58 -28.20 9.33 -2.56
C GLN D 58 -27.73 8.40 -1.44
N SER D 59 -28.55 7.42 -1.07
CA SER D 59 -28.17 6.50 0.01
C SER D 59 -26.94 5.68 -0.37
N LYS D 60 -26.87 5.21 -1.61
CA LYS D 60 -25.75 4.41 -2.10
C LYS D 60 -24.82 5.22 -3.00
N ARG D 61 -24.64 6.51 -2.71
CA ARG D 61 -23.84 7.38 -3.55
C ARG D 61 -22.35 7.07 -3.48
N GLY D 62 -21.91 6.24 -2.54
CA GLY D 62 -20.49 5.94 -2.42
C GLY D 62 -19.94 5.09 -3.54
N ILE D 63 -20.80 4.42 -4.30
CA ILE D 63 -20.36 3.54 -5.38
C ILE D 63 -21.05 3.91 -6.67
N LEU D 64 -21.43 5.18 -6.81
CA LEU D 64 -22.15 5.65 -7.98
C LEU D 64 -21.46 6.89 -8.54
N THR D 65 -21.74 7.15 -9.82
CA THR D 65 -21.26 8.34 -10.52
C THR D 65 -22.49 9.24 -10.73
N LEU D 66 -22.77 10.09 -9.75
CA LEU D 66 -23.98 10.91 -9.77
C LEU D 66 -23.89 11.95 -10.88
N LYS D 67 -24.80 11.87 -11.84
CA LYS D 67 -24.91 12.84 -12.92
C LYS D 67 -26.26 13.52 -12.85
N TYR D 68 -26.26 14.85 -12.88
CA TYR D 68 -27.51 15.60 -12.81
C TYR D 68 -28.11 15.70 -14.21
N PRO D 69 -29.33 15.18 -14.42
CA PRO D 69 -29.93 15.25 -15.76
C PRO D 69 -30.27 16.66 -16.20
N ILE D 70 -30.34 17.62 -15.30
CA ILE D 70 -30.57 19.02 -15.62
C ILE D 70 -29.39 19.84 -15.12
N GLU D 71 -28.82 20.65 -16.00
CA GLU D 71 -27.76 21.57 -15.61
C GLU D 71 -28.05 22.95 -16.20
N HIC D 72 -27.97 23.98 -15.35
CA HIC D 72 -28.26 25.37 -15.75
C HIC D 72 -29.67 25.55 -16.28
O HIC D 72 -29.96 26.49 -17.01
CB HIC D 72 -27.24 25.83 -16.80
CG HIC D 72 -25.96 26.31 -16.23
ND1 HIC D 72 -25.88 26.86 -14.98
CD2 HIC D 72 -24.72 26.28 -16.80
CE1 HIC D 72 -24.61 27.16 -14.80
NE2 HIC D 72 -23.87 26.82 -15.87
CZ HIC D 72 -22.45 27.01 -16.02
N GLY D 73 -30.57 24.65 -15.90
CA GLY D 73 -31.96 24.74 -16.31
C GLY D 73 -32.25 24.17 -17.67
N ILE D 74 -31.28 23.46 -18.24
CA ILE D 74 -31.40 22.84 -19.56
C ILE D 74 -31.18 21.34 -19.39
N VAL D 75 -32.08 20.54 -19.98
CA VAL D 75 -32.01 19.09 -19.88
C VAL D 75 -30.89 18.62 -20.80
N THR D 76 -29.72 18.32 -20.22
CA THR D 76 -28.58 17.88 -21.03
C THR D 76 -28.82 16.46 -21.56
N ASN D 77 -29.27 15.56 -20.69
CA ASN D 77 -29.51 14.17 -21.06
C ASN D 77 -31.01 13.91 -20.98
N TRP D 78 -31.64 13.68 -22.14
CA TRP D 78 -33.07 13.46 -22.19
C TRP D 78 -33.46 12.01 -21.93
N ASP D 79 -32.49 11.09 -21.90
CA ASP D 79 -32.82 9.70 -21.57
C ASP D 79 -32.93 9.50 -20.07
N ASP D 80 -32.13 10.21 -19.28
CA ASP D 80 -32.20 10.07 -17.83
C ASP D 80 -33.38 10.83 -17.24
N MET D 81 -33.78 11.94 -17.86
CA MET D 81 -34.94 12.68 -17.35
C MET D 81 -36.24 11.90 -17.51
N GLU D 82 -36.34 11.05 -18.55
CA GLU D 82 -37.49 10.17 -18.66
C GLU D 82 -37.54 9.19 -17.50
N LYS D 83 -36.38 8.79 -16.98
CA LYS D 83 -36.36 7.90 -15.83
C LYS D 83 -36.79 8.62 -14.55
N ILE D 84 -36.37 9.88 -14.39
CA ILE D 84 -36.74 10.64 -13.20
C ILE D 84 -38.24 10.85 -13.16
N TRP D 85 -38.84 11.24 -14.29
CA TRP D 85 -40.29 11.41 -14.35
C TRP D 85 -41.00 10.09 -14.08
N HIS D 86 -40.48 8.99 -14.65
CA HIS D 86 -41.08 7.68 -14.41
C HIS D 86 -41.00 7.31 -12.93
N HIS D 87 -39.87 7.61 -12.28
CA HIS D 87 -39.77 7.38 -10.85
C HIS D 87 -40.73 8.27 -10.07
N THR D 88 -40.88 9.52 -10.50
CA THR D 88 -41.78 10.44 -9.83
C THR D 88 -43.24 10.00 -9.95
N PHE D 89 -43.65 9.60 -11.16
CA PHE D 89 -45.06 9.36 -11.43
C PHE D 89 -45.52 7.97 -11.03
N TYR D 90 -44.63 7.09 -10.60
CA TYR D 90 -45.02 5.70 -10.39
C TYR D 90 -44.69 5.19 -9.00
N ASN D 91 -43.61 5.68 -8.39
CA ASN D 91 -43.12 5.15 -7.13
C ASN D 91 -43.38 6.11 -5.96
N GLU D 92 -42.88 7.34 -6.03
CA GLU D 92 -43.08 8.27 -4.92
C GLU D 92 -44.51 8.78 -4.87
N LEU D 93 -44.95 9.45 -5.94
CA LEU D 93 -46.29 10.02 -5.96
C LEU D 93 -47.36 8.95 -6.19
N ARG D 94 -47.03 7.92 -6.97
CA ARG D 94 -47.81 6.68 -7.05
C ARG D 94 -49.23 6.92 -7.57
N VAL D 95 -49.36 7.64 -8.68
CA VAL D 95 -50.64 7.78 -9.36
C VAL D 95 -50.40 7.70 -10.86
N ALA D 96 -51.23 6.93 -11.55
CA ALA D 96 -51.07 6.77 -12.99
C ALA D 96 -51.38 8.08 -13.70
N PRO D 97 -50.44 8.62 -14.50
CA PRO D 97 -50.66 9.94 -15.10
C PRO D 97 -51.72 9.96 -16.19
N GLU D 98 -52.13 8.80 -16.72
CA GLU D 98 -53.07 8.77 -17.84
C GLU D 98 -54.47 9.27 -17.47
N GLU D 99 -54.76 9.44 -16.19
CA GLU D 99 -56.09 9.89 -15.77
C GLU D 99 -56.11 11.32 -15.24
N HIS D 100 -54.95 11.95 -15.05
CA HIS D 100 -54.92 13.28 -14.46
C HIS D 100 -54.05 14.21 -15.29
N PRO D 101 -54.45 15.47 -15.44
CA PRO D 101 -53.60 16.43 -16.16
C PRO D 101 -52.35 16.77 -15.38
N VAL D 102 -51.28 17.08 -16.11
CA VAL D 102 -49.95 17.29 -15.53
C VAL D 102 -49.48 18.70 -15.88
N LEU D 103 -48.95 19.40 -14.87
CA LEU D 103 -48.44 20.75 -15.02
C LEU D 103 -46.95 20.75 -14.72
N LEU D 104 -46.18 21.52 -15.49
CA LEU D 104 -44.74 21.62 -15.32
C LEU D 104 -44.33 23.08 -15.18
N THR D 105 -43.13 23.28 -14.64
CA THR D 105 -42.53 24.60 -14.49
C THR D 105 -41.21 24.64 -15.26
N GLU D 106 -40.88 25.81 -15.79
CA GLU D 106 -39.78 25.94 -16.72
C GLU D 106 -39.16 27.34 -16.60
N ALA D 107 -37.84 27.40 -16.79
CA ALA D 107 -37.12 28.66 -16.63
C ALA D 107 -37.50 29.65 -17.73
N PRO D 108 -37.42 30.96 -17.46
CA PRO D 108 -37.88 31.96 -18.43
C PRO D 108 -37.10 31.95 -19.74
N LEU D 109 -35.79 32.11 -19.68
CA LEU D 109 -34.93 32.12 -20.87
C LEU D 109 -34.25 30.76 -20.97
N ASN D 110 -34.65 29.98 -21.96
CA ASN D 110 -34.17 28.63 -22.15
C ASN D 110 -34.31 28.26 -23.62
N PRO D 111 -33.54 27.27 -24.09
CA PRO D 111 -33.69 26.84 -25.48
C PRO D 111 -35.12 26.38 -25.75
N LYS D 112 -35.62 26.73 -26.94
CA LYS D 112 -36.99 26.40 -27.28
C LYS D 112 -37.18 24.90 -27.53
N ALA D 113 -36.09 24.16 -27.73
CA ALA D 113 -36.21 22.71 -27.88
C ALA D 113 -36.44 22.02 -26.55
N ASN D 114 -36.11 22.68 -25.44
CA ASN D 114 -36.33 22.08 -24.12
C ASN D 114 -37.81 21.96 -23.81
N ARG D 115 -38.57 23.03 -24.02
CA ARG D 115 -40.02 22.95 -23.90
C ARG D 115 -40.63 22.11 -25.01
N GLU D 116 -39.92 21.94 -26.13
CA GLU D 116 -40.44 21.17 -27.24
C GLU D 116 -40.44 19.68 -26.92
N LYS D 117 -39.34 19.19 -26.35
CA LYS D 117 -39.23 17.78 -26.00
C LYS D 117 -40.02 17.44 -24.74
N MET D 118 -40.22 18.42 -23.85
CA MET D 118 -41.01 18.18 -22.65
C MET D 118 -42.43 17.79 -23.00
N THR D 119 -43.03 18.48 -23.97
CA THR D 119 -44.40 18.16 -24.38
C THR D 119 -44.46 16.83 -25.12
N GLN D 120 -43.46 16.55 -25.96
CA GLN D 120 -43.49 15.35 -26.78
C GLN D 120 -43.46 14.09 -25.92
N ILE D 121 -42.62 14.07 -24.88
CA ILE D 121 -42.48 12.87 -24.06
C ILE D 121 -43.75 12.61 -23.25
N MET D 122 -44.28 13.65 -22.60
CA MET D 122 -45.44 13.47 -21.75
C MET D 122 -46.67 13.04 -22.54
N PHE D 123 -46.91 13.67 -23.69
CA PHE D 123 -48.14 13.40 -24.44
C PHE D 123 -48.12 12.05 -25.15
N GLU D 124 -46.97 11.38 -25.23
CA GLU D 124 -46.89 10.10 -25.91
C GLU D 124 -46.49 8.96 -24.98
N THR D 125 -45.39 9.12 -24.24
CA THR D 125 -44.92 8.04 -23.37
C THR D 125 -45.87 7.85 -22.19
N PHE D 126 -46.32 8.94 -21.58
CA PHE D 126 -47.20 8.87 -20.43
C PHE D 126 -48.67 9.05 -20.77
N ASN D 127 -48.98 9.63 -21.94
CA ASN D 127 -50.35 9.78 -22.43
C ASN D 127 -51.21 10.57 -21.45
N THR D 128 -50.70 11.72 -21.02
CA THR D 128 -51.44 12.57 -20.11
C THR D 128 -52.60 13.25 -20.84
N PRO D 129 -53.76 13.38 -20.19
CA PRO D 129 -54.90 14.01 -20.88
C PRO D 129 -54.65 15.44 -21.30
N ALA D 130 -53.87 16.21 -20.53
CA ALA D 130 -53.64 17.61 -20.83
C ALA D 130 -52.28 18.03 -20.27
N MET D 131 -51.91 19.28 -20.52
CA MET D 131 -50.61 19.79 -20.08
C MET D 131 -50.65 21.30 -20.02
N TYR D 132 -49.68 21.86 -19.31
CA TYR D 132 -49.46 23.29 -19.26
C TYR D 132 -48.08 23.54 -18.65
N VAL D 133 -47.32 24.44 -19.28
CA VAL D 133 -45.97 24.77 -18.83
C VAL D 133 -45.96 26.26 -18.48
N ALA D 134 -45.46 26.57 -17.28
CA ALA D 134 -45.46 27.94 -16.78
C ALA D 134 -44.05 28.35 -16.38
N ILE D 135 -43.87 29.66 -16.22
CA ILE D 135 -42.58 30.19 -15.80
C ILE D 135 -42.42 29.99 -14.29
N GLN D 136 -41.25 29.51 -13.87
CA GLN D 136 -41.02 29.25 -12.46
C GLN D 136 -41.06 30.52 -11.64
N ALA D 137 -40.48 31.60 -12.17
CA ALA D 137 -40.45 32.87 -11.44
C ALA D 137 -41.86 33.43 -11.26
N VAL D 138 -42.69 33.33 -12.30
CA VAL D 138 -44.04 33.88 -12.22
C VAL D 138 -44.85 33.19 -11.14
N LEU D 139 -44.71 31.87 -11.02
CA LEU D 139 -45.49 31.12 -10.03
C LEU D 139 -45.18 31.54 -8.60
N SER D 140 -44.02 32.15 -8.35
CA SER D 140 -43.68 32.57 -6.99
C SER D 140 -44.65 33.62 -6.47
N LEU D 141 -45.22 34.43 -7.35
CA LEU D 141 -46.16 35.46 -6.92
C LEU D 141 -47.43 34.86 -6.34
N TYR D 142 -47.91 33.76 -6.93
CA TYR D 142 -49.15 33.16 -6.45
C TYR D 142 -49.01 32.67 -5.01
N ALA D 143 -47.85 32.09 -4.68
CA ALA D 143 -47.60 31.71 -3.29
C ALA D 143 -47.58 32.94 -2.39
N SER D 144 -46.97 34.03 -2.84
CA SER D 144 -46.97 35.27 -2.08
C SER D 144 -48.33 35.94 -2.06
N GLY D 145 -49.23 35.58 -2.98
CA GLY D 145 -50.55 36.16 -2.99
C GLY D 145 -50.62 37.59 -3.49
N ARG D 146 -49.64 38.02 -4.28
CA ARG D 146 -49.61 39.38 -4.81
C ARG D 146 -49.44 39.35 -6.32
N THR D 147 -50.01 40.34 -6.98
CA THR D 147 -49.94 40.46 -8.43
C THR D 147 -48.88 41.46 -8.90
N THR D 148 -48.09 42.00 -7.98
CA THR D 148 -47.06 42.97 -8.30
C THR D 148 -45.73 42.53 -7.69
N GLY D 149 -44.70 43.34 -7.88
CA GLY D 149 -43.40 43.06 -7.33
C GLY D 149 -42.58 42.16 -8.25
N ILE D 150 -41.29 42.09 -7.95
CA ILE D 150 -40.34 41.26 -8.70
C ILE D 150 -40.05 40.02 -7.89
N VAL D 151 -39.68 38.94 -8.58
CA VAL D 151 -39.35 37.68 -7.95
C VAL D 151 -37.89 37.36 -8.24
N MET D 152 -37.08 37.28 -7.18
CA MET D 152 -35.66 36.98 -7.32
C MET D 152 -35.43 35.48 -7.13
N ASP D 153 -36.03 34.72 -8.03
CA ASP D 153 -35.88 33.27 -8.00
C ASP D 153 -34.42 32.91 -8.20
N SER D 154 -33.90 32.03 -7.33
CA SER D 154 -32.50 31.61 -7.42
C SER D 154 -32.35 30.32 -6.63
N GLY D 155 -31.99 29.23 -7.31
CA GLY D 155 -31.78 27.96 -6.69
C GLY D 155 -30.53 27.29 -7.23
N ASP D 156 -30.52 25.96 -7.17
CA ASP D 156 -29.46 25.20 -7.80
C ASP D 156 -29.39 25.49 -9.29
N GLY D 157 -30.53 25.78 -9.91
CA GLY D 157 -30.56 26.19 -11.29
C GLY D 157 -30.27 27.67 -11.46
N VAL D 158 -30.45 28.14 -12.70
CA VAL D 158 -30.07 29.50 -13.05
C VAL D 158 -30.96 30.52 -12.35
N THR D 159 -30.36 31.59 -11.86
CA THR D 159 -31.09 32.65 -11.18
C THR D 159 -31.94 33.45 -12.17
N HIS D 160 -33.14 33.82 -11.74
CA HIS D 160 -34.06 34.62 -12.54
C HIS D 160 -34.55 35.82 -11.73
N THR D 161 -34.75 36.94 -12.42
CA THR D 161 -35.37 38.14 -11.83
C THR D 161 -36.42 38.64 -12.82
N VAL D 162 -37.63 38.12 -12.68
CA VAL D 162 -38.73 38.46 -13.58
C VAL D 162 -39.60 39.50 -12.90
N PRO D 163 -39.70 40.72 -13.43
CA PRO D 163 -40.63 41.71 -12.86
C PRO D 163 -42.02 41.60 -13.45
N ILE D 164 -43.02 41.62 -12.57
CA ILE D 164 -44.42 41.57 -12.97
C ILE D 164 -45.17 42.69 -12.28
N TYR D 165 -45.98 43.42 -13.05
CA TYR D 165 -46.81 44.50 -12.54
C TYR D 165 -48.24 44.25 -12.97
N GLU D 166 -49.15 44.15 -11.99
CA GLU D 166 -50.57 43.95 -12.24
C GLU D 166 -50.85 42.71 -13.09
N GLY D 167 -49.99 41.70 -12.98
CA GLY D 167 -50.15 40.50 -13.76
C GLY D 167 -49.64 40.57 -15.19
N TYR D 168 -49.15 41.73 -15.62
CA TYR D 168 -48.60 41.90 -16.96
C TYR D 168 -47.07 41.82 -16.86
N ALA D 169 -46.55 40.62 -17.04
CA ALA D 169 -45.11 40.41 -16.93
C ALA D 169 -44.37 41.18 -18.01
N LEU D 170 -43.28 41.83 -17.61
CA LEU D 170 -42.46 42.59 -18.54
C LEU D 170 -41.37 41.70 -19.11
N PRO D 171 -41.36 41.45 -20.42
CA PRO D 171 -40.37 40.51 -20.98
C PRO D 171 -38.99 41.11 -21.16
N HIS D 172 -38.91 42.40 -21.46
CA HIS D 172 -37.61 43.00 -21.79
C HIS D 172 -36.74 43.19 -20.56
N ALA D 173 -37.33 43.17 -19.37
CA ALA D 173 -36.57 43.37 -18.14
C ALA D 173 -36.16 42.06 -17.48
N ILE D 174 -36.45 40.91 -18.09
CA ILE D 174 -36.08 39.64 -17.50
C ILE D 174 -34.57 39.43 -17.67
N LEU D 175 -33.89 39.15 -16.56
CA LEU D 175 -32.46 38.89 -16.56
C LEU D 175 -32.20 37.47 -16.09
N ARG D 176 -31.20 36.83 -16.70
CA ARG D 176 -30.88 35.42 -16.45
C ARG D 176 -29.39 35.33 -16.13
N LEU D 177 -29.05 35.49 -14.86
CA LEU D 177 -27.67 35.36 -14.42
C LEU D 177 -27.38 33.89 -14.15
N ASP D 178 -26.39 33.33 -14.85
CA ASP D 178 -26.11 31.91 -14.76
C ASP D 178 -25.45 31.50 -13.44
N LEU D 179 -25.03 32.47 -12.62
CA LEU D 179 -24.51 32.13 -11.30
C LEU D 179 -25.62 31.51 -10.46
N ALA D 180 -25.31 30.39 -9.81
CA ALA D 180 -26.35 29.58 -9.16
C ALA D 180 -25.78 28.98 -7.88
N GLY D 181 -26.62 28.22 -7.19
CA GLY D 181 -26.18 27.53 -5.99
C GLY D 181 -25.22 26.39 -6.28
N ARG D 182 -25.27 25.84 -7.50
CA ARG D 182 -24.31 24.80 -7.88
C ARG D 182 -22.92 25.38 -8.07
N ASP D 183 -22.83 26.59 -8.61
CA ASP D 183 -21.53 27.23 -8.80
C ASP D 183 -20.88 27.57 -7.47
N LEU D 184 -21.69 27.87 -6.45
CA LEU D 184 -21.14 28.12 -5.13
C LEU D 184 -20.55 26.85 -4.52
N THR D 185 -21.16 25.70 -4.81
CA THR D 185 -20.62 24.43 -4.34
C THR D 185 -19.23 24.18 -4.93
N ASP D 186 -19.07 24.45 -6.22
CA ASP D 186 -17.74 24.31 -6.83
C ASP D 186 -16.76 25.32 -6.25
N TYR D 187 -17.20 26.55 -6.03
CA TYR D 187 -16.33 27.57 -5.45
C TYR D 187 -15.97 27.22 -4.00
N LEU D 188 -16.94 26.74 -3.23
CA LEU D 188 -16.66 26.40 -1.83
C LEU D 188 -15.66 25.26 -1.73
N MET D 189 -15.80 24.24 -2.58
CA MET D 189 -14.85 23.14 -2.59
C MET D 189 -13.49 23.56 -3.12
N LYS D 190 -13.43 24.64 -3.90
CA LYS D 190 -12.16 25.16 -4.37
C LYS D 190 -11.43 25.95 -3.29
N ILE D 191 -12.18 26.71 -2.47
CA ILE D 191 -11.56 27.48 -1.39
C ILE D 191 -11.38 26.66 -0.13
N LEU D 192 -11.98 25.46 -0.05
CA LEU D 192 -11.74 24.58 1.08
C LEU D 192 -10.44 23.79 0.95
N THR D 193 -9.74 23.92 -0.17
CA THR D 193 -8.43 23.29 -0.31
C THR D 193 -7.33 24.06 0.42
N GLU D 194 -7.62 25.27 0.89
CA GLU D 194 -6.62 26.05 1.61
C GLU D 194 -6.38 25.53 3.02
N ARG D 195 -7.37 24.88 3.62
CA ARG D 195 -7.21 24.29 4.94
C ARG D 195 -6.72 22.84 4.89
N GLY D 196 -6.62 22.26 3.70
CA GLY D 196 -6.19 20.88 3.57
C GLY D 196 -7.28 19.89 3.26
N TYR D 197 -8.49 20.35 2.95
CA TYR D 197 -9.61 19.46 2.62
C TYR D 197 -9.78 19.42 1.11
N SER D 198 -9.80 18.23 0.55
CA SER D 198 -9.87 18.02 -0.89
C SER D 198 -11.07 17.13 -1.21
N PHE D 199 -12.22 17.74 -1.44
CA PHE D 199 -13.43 17.03 -1.86
C PHE D 199 -13.57 17.20 -3.37
N THR D 200 -13.00 16.26 -4.12
CA THR D 200 -13.05 16.29 -5.59
C THR D 200 -13.56 14.93 -6.07
N THR D 201 -14.87 14.76 -6.07
CA THR D 201 -15.57 13.60 -6.60
C THR D 201 -17.04 13.93 -6.66
N THR D 202 -17.78 13.19 -7.49
CA THR D 202 -19.22 13.38 -7.55
C THR D 202 -19.89 13.06 -6.22
N ALA D 203 -19.36 12.07 -5.48
CA ALA D 203 -19.91 11.74 -4.18
C ALA D 203 -19.55 12.77 -3.12
N GLU D 204 -18.31 13.27 -3.14
CA GLU D 204 -17.89 14.23 -2.13
C GLU D 204 -18.51 15.60 -2.36
N ARG D 205 -18.95 15.88 -3.58
CA ARG D 205 -19.64 17.15 -3.85
C ARG D 205 -20.94 17.24 -3.06
N GLU D 206 -21.59 16.10 -2.81
CA GLU D 206 -22.79 16.10 -1.96
C GLU D 206 -22.44 16.49 -0.53
N ILE D 207 -21.28 16.07 -0.04
CA ILE D 207 -20.84 16.47 1.29
C ILE D 207 -20.67 17.98 1.36
N VAL D 208 -20.06 18.58 0.34
CA VAL D 208 -19.88 20.03 0.31
C VAL D 208 -21.23 20.73 0.28
N ARG D 209 -22.20 20.17 -0.44
CA ARG D 209 -23.54 20.75 -0.47
C ARG D 209 -24.16 20.76 0.92
N ASP D 210 -23.88 19.75 1.74
CA ASP D 210 -24.44 19.68 3.09
C ASP D 210 -23.83 20.75 3.99
N ILE D 211 -22.51 20.98 3.87
CA ILE D 211 -21.85 21.99 4.68
C ILE D 211 -22.39 23.38 4.36
N LYS D 212 -22.63 23.65 3.07
CA LYS D 212 -23.08 24.98 2.66
C LYS D 212 -24.45 25.30 3.22
N GLU D 213 -25.33 24.32 3.31
CA GLU D 213 -26.68 24.53 3.81
C GLU D 213 -26.76 24.62 5.32
N LYS D 214 -25.67 24.33 6.03
CA LYS D 214 -25.72 24.28 7.49
C LYS D 214 -24.92 25.39 8.15
N LEU D 215 -23.62 25.48 7.83
CA LEU D 215 -22.74 26.40 8.53
C LEU D 215 -22.57 27.72 7.78
N CYS D 216 -22.73 27.74 6.47
CA CYS D 216 -22.52 28.94 5.68
C CYS D 216 -23.55 30.01 6.01
N TYR D 217 -23.11 31.26 5.98
CA TYR D 217 -23.97 32.40 6.27
C TYR D 217 -23.39 33.63 5.58
N VAL D 218 -24.23 34.64 5.39
CA VAL D 218 -23.86 35.86 4.71
C VAL D 218 -23.48 36.91 5.75
N ALA D 219 -22.30 37.51 5.58
CA ALA D 219 -21.84 38.56 6.48
C ALA D 219 -22.40 39.90 6.04
N LEU D 220 -22.75 40.73 7.03
CA LEU D 220 -23.29 42.05 6.72
C LEU D 220 -22.26 42.92 6.00
N ASP D 221 -21.02 42.89 6.48
CA ASP D 221 -19.91 43.59 5.83
C ASP D 221 -18.80 42.59 5.59
N PHE D 222 -18.37 42.46 4.33
CA PHE D 222 -17.32 41.49 4.01
C PHE D 222 -15.97 41.92 4.55
N GLU D 223 -15.64 43.21 4.42
CA GLU D 223 -14.34 43.68 4.89
C GLU D 223 -14.22 43.60 6.40
N GLN D 224 -15.26 44.03 7.13
CA GLN D 224 -15.21 43.99 8.58
C GLN D 224 -15.16 42.55 9.10
N GLU D 225 -15.96 41.66 8.52
CA GLU D 225 -15.95 40.27 8.95
C GLU D 225 -14.63 39.59 8.58
N MET D 226 -13.97 40.04 7.52
CA MET D 226 -12.65 39.50 7.17
C MET D 226 -11.65 39.81 8.27
N ALA D 227 -11.66 41.04 8.78
CA ALA D 227 -10.78 41.39 9.90
C ALA D 227 -11.19 40.64 11.16
N THR D 228 -12.49 40.51 11.41
CA THR D 228 -12.96 39.78 12.59
C THR D 228 -12.56 38.31 12.53
N ALA D 229 -12.67 37.70 11.34
CA ALA D 229 -12.27 36.31 11.20
C ALA D 229 -10.78 36.12 11.44
N ALA D 230 -9.95 37.06 10.95
CA ALA D 230 -8.52 36.96 11.17
C ALA D 230 -8.16 37.27 12.62
N SER D 231 -8.78 38.29 13.21
CA SER D 231 -8.44 38.69 14.56
C SER D 231 -8.98 37.71 15.59
N SER D 232 -10.22 37.26 15.41
CA SER D 232 -10.89 36.39 16.37
C SER D 232 -11.13 35.02 15.76
N SER D 233 -10.85 33.96 16.53
CA SER D 233 -11.06 32.59 16.11
C SER D 233 -12.40 32.04 16.57
N SER D 234 -13.35 32.91 16.92
CA SER D 234 -14.66 32.48 17.36
C SER D 234 -15.62 32.20 16.22
N LEU D 235 -15.20 32.43 14.98
CA LEU D 235 -16.03 32.19 13.81
C LEU D 235 -15.85 30.79 13.23
N GLU D 236 -15.31 29.87 14.00
CA GLU D 236 -15.06 28.51 13.54
C GLU D 236 -16.10 27.56 14.12
N LYS D 237 -16.75 26.80 13.26
CA LYS D 237 -17.76 25.82 13.65
C LYS D 237 -17.38 24.47 13.08
N SER D 238 -17.08 23.52 13.96
CA SER D 238 -16.66 22.20 13.51
C SER D 238 -17.83 21.45 12.87
N TYR D 239 -17.52 20.68 11.83
CA TYR D 239 -18.49 19.86 11.13
C TYR D 239 -17.95 18.44 11.01
N GLU D 240 -18.82 17.46 11.20
CA GLU D 240 -18.42 16.06 11.14
C GLU D 240 -18.76 15.46 9.78
N LEU D 241 -17.80 14.75 9.21
CA LEU D 241 -17.92 14.07 7.94
C LEU D 241 -18.57 12.71 8.13
N PRO D 242 -19.08 12.10 7.05
CA PRO D 242 -19.68 10.76 7.18
C PRO D 242 -18.72 9.71 7.72
N ASP D 243 -17.41 9.87 7.53
CA ASP D 243 -16.43 8.93 8.03
C ASP D 243 -16.02 9.20 9.48
N GLY D 244 -16.62 10.21 10.11
CA GLY D 244 -16.37 10.51 11.52
C GLY D 244 -15.25 11.49 11.79
N GLN D 245 -14.51 11.92 10.78
CA GLN D 245 -13.45 12.90 10.97
C GLN D 245 -14.03 14.30 10.92
N VAL D 246 -13.73 15.10 11.94
CA VAL D 246 -14.27 16.45 12.05
C VAL D 246 -13.40 17.41 11.26
N ILE D 247 -14.04 18.47 10.75
CA ILE D 247 -13.35 19.52 10.01
C ILE D 247 -13.69 20.85 10.65
N THR D 248 -12.81 21.83 10.45
CA THR D 248 -12.99 23.17 10.99
C THR D 248 -12.87 24.17 9.85
N ILE D 249 -13.88 25.03 9.70
CA ILE D 249 -13.90 26.06 8.66
C ILE D 249 -14.00 27.41 9.35
N GLY D 250 -13.17 28.36 8.91
CA GLY D 250 -13.13 29.68 9.51
C GLY D 250 -13.86 30.74 8.69
N ASN D 251 -13.11 31.54 7.94
CA ASN D 251 -13.69 32.60 7.13
C ASN D 251 -14.40 32.08 5.89
N GLU D 252 -14.28 30.79 5.57
CA GLU D 252 -14.98 30.24 4.42
C GLU D 252 -16.49 30.18 4.61
N ARG D 253 -16.98 30.40 5.84
CA ARG D 253 -18.42 30.39 6.07
C ARG D 253 -19.12 31.49 5.29
N PHE D 254 -18.52 32.69 5.25
CA PHE D 254 -19.09 33.82 4.54
C PHE D 254 -18.32 34.18 3.28
N ARG D 255 -17.22 33.48 2.98
CA ARG D 255 -16.45 33.77 1.77
C ARG D 255 -17.16 33.26 0.53
N CYS D 256 -17.88 32.15 0.65
CA CYS D 256 -18.57 31.54 -0.49
C CYS D 256 -19.86 32.28 -0.83
N PRO D 257 -20.69 32.67 0.16
CA PRO D 257 -21.87 33.49 -0.19
C PRO D 257 -21.52 34.79 -0.89
N GLU D 258 -20.41 35.42 -0.51
CA GLU D 258 -20.01 36.69 -1.11
C GLU D 258 -19.69 36.56 -2.59
N ALA D 259 -19.47 35.33 -3.08
CA ALA D 259 -19.30 35.14 -4.52
C ALA D 259 -20.56 35.50 -5.29
N LEU D 260 -21.72 35.40 -4.64
CA LEU D 260 -22.97 35.77 -5.29
C LEU D 260 -23.01 37.26 -5.60
N PHE D 261 -22.58 38.09 -4.66
CA PHE D 261 -22.65 39.54 -4.83
C PHE D 261 -21.46 40.09 -5.59
N GLN D 262 -20.34 39.36 -5.64
CA GLN D 262 -19.15 39.75 -6.40
C GLN D 262 -18.74 38.55 -7.25
N PRO D 263 -19.37 38.35 -8.40
CA PRO D 263 -19.06 37.17 -9.23
C PRO D 263 -17.65 37.15 -9.77
N SER D 264 -16.88 38.22 -9.52
CA SER D 264 -15.48 38.23 -9.93
C SER D 264 -14.66 37.16 -9.22
N PHE D 265 -15.15 36.65 -8.09
CA PHE D 265 -14.44 35.60 -7.37
C PHE D 265 -14.38 34.32 -8.19
N LEU D 266 -15.48 33.96 -8.85
CA LEU D 266 -15.50 32.78 -9.70
C LEU D 266 -14.88 33.02 -11.07
N GLY D 267 -14.52 34.26 -11.40
CA GLY D 267 -14.01 34.61 -12.70
C GLY D 267 -15.07 35.04 -13.70
N MET D 268 -16.35 34.91 -13.35
CA MET D 268 -17.41 35.34 -14.26
C MET D 268 -17.46 36.86 -14.32
N GLU D 269 -17.63 37.39 -15.53
CA GLU D 269 -17.67 38.83 -15.76
C GLU D 269 -19.03 39.45 -15.48
N SER D 270 -20.07 38.64 -15.29
CA SER D 270 -21.41 39.17 -15.10
C SER D 270 -21.55 39.83 -13.73
N ALA D 271 -22.59 40.65 -13.60
CA ALA D 271 -22.82 41.41 -12.39
C ALA D 271 -23.36 40.50 -11.28
N GLY D 272 -23.42 41.05 -10.07
CA GLY D 272 -23.87 40.32 -8.91
C GLY D 272 -25.39 40.27 -8.82
N ILE D 273 -25.85 39.71 -7.69
CA ILE D 273 -27.29 39.59 -7.47
C ILE D 273 -27.94 40.96 -7.34
N HIS D 274 -27.33 41.86 -6.56
CA HIS D 274 -27.94 43.17 -6.36
C HIS D 274 -27.93 44.00 -7.63
N GLU D 275 -26.84 43.95 -8.40
CA GLU D 275 -26.79 44.69 -9.66
C GLU D 275 -27.80 44.12 -10.66
N THR D 276 -27.90 42.80 -10.74
CA THR D 276 -28.89 42.18 -11.64
C THR D 276 -30.30 42.57 -11.23
N THR D 277 -30.59 42.55 -9.93
CA THR D 277 -31.89 43.02 -9.45
C THR D 277 -32.08 44.51 -9.76
N PHE D 278 -31.04 45.31 -9.56
CA PHE D 278 -31.14 46.74 -9.84
C PHE D 278 -31.35 46.99 -11.32
N ASN D 279 -30.63 46.27 -12.19
CA ASN D 279 -30.77 46.46 -13.62
C ASN D 279 -32.15 46.03 -14.11
N SER D 280 -32.75 45.03 -13.47
CA SER D 280 -34.09 44.60 -13.85
C SER D 280 -35.10 45.72 -13.65
N ILE D 281 -34.95 46.49 -12.56
CA ILE D 281 -35.87 47.58 -12.29
C ILE D 281 -35.64 48.74 -13.26
N MET D 282 -34.37 49.05 -13.55
CA MET D 282 -34.06 50.21 -14.38
C MET D 282 -34.58 50.04 -15.81
N LYS D 283 -34.80 48.80 -16.24
CA LYS D 283 -35.32 48.57 -17.59
C LYS D 283 -36.81 48.88 -17.67
N CYS D 284 -37.51 48.89 -16.54
CA CYS D 284 -38.94 49.18 -16.52
C CYS D 284 -39.18 50.68 -16.61
N ASP D 285 -40.45 51.03 -16.79
CA ASP D 285 -40.83 52.43 -16.94
C ASP D 285 -40.74 53.16 -15.60
N VAL D 286 -40.78 54.49 -15.67
CA VAL D 286 -40.61 55.32 -14.49
C VAL D 286 -41.82 55.21 -13.57
N ASP D 287 -43.03 55.27 -14.14
CA ASP D 287 -44.25 55.31 -13.33
C ASP D 287 -44.41 54.04 -12.50
N ILE D 288 -44.15 52.88 -13.10
CA ILE D 288 -44.30 51.61 -12.38
C ILE D 288 -43.12 51.31 -11.47
N ARG D 289 -42.03 52.08 -11.57
CA ARG D 289 -40.82 51.75 -10.83
C ARG D 289 -41.04 51.84 -9.31
N LYS D 290 -41.98 52.66 -8.86
CA LYS D 290 -42.20 52.82 -7.43
C LYS D 290 -42.74 51.54 -6.80
N ASP D 291 -43.69 50.88 -7.47
CA ASP D 291 -44.32 49.70 -6.89
C ASP D 291 -43.38 48.51 -6.87
N LEU D 292 -42.66 48.28 -7.98
CA LEU D 292 -41.78 47.12 -8.09
C LEU D 292 -40.62 47.16 -7.11
N TYR D 293 -40.30 48.34 -6.58
CA TYR D 293 -39.14 48.46 -5.69
C TYR D 293 -39.47 48.02 -4.27
N ALA D 294 -40.69 48.32 -3.81
CA ALA D 294 -41.09 48.04 -2.43
C ALA D 294 -41.76 46.69 -2.27
N ASN D 295 -41.83 45.88 -3.33
CA ASN D 295 -42.51 44.59 -3.28
C ASN D 295 -41.63 43.45 -3.81
N THR D 296 -40.32 43.59 -3.71
CA THR D 296 -39.43 42.52 -4.16
C THR D 296 -39.62 41.27 -3.31
N VAL D 297 -39.62 40.11 -3.99
CA VAL D 297 -39.88 38.82 -3.34
C VAL D 297 -38.75 37.88 -3.69
N LEU D 298 -38.17 37.24 -2.67
CA LEU D 298 -37.14 36.24 -2.88
C LEU D 298 -37.76 34.86 -3.03
N SER D 299 -36.98 33.93 -3.58
CA SER D 299 -37.44 32.57 -3.79
C SER D 299 -36.22 31.67 -3.99
N GLY D 300 -36.49 30.37 -4.12
CA GLY D 300 -35.45 29.40 -4.38
C GLY D 300 -34.65 29.03 -3.15
N GLY D 301 -33.88 27.96 -3.29
CA GLY D 301 -33.06 27.48 -2.19
C GLY D 301 -31.81 28.29 -1.94
N THR D 302 -31.35 29.04 -2.93
CA THR D 302 -30.15 29.85 -2.75
C THR D 302 -30.39 31.00 -1.78
N THR D 303 -31.59 31.57 -1.77
CA THR D 303 -31.89 32.71 -0.93
C THR D 303 -32.22 32.33 0.52
N MET D 304 -31.83 31.12 0.94
CA MET D 304 -32.08 30.66 2.30
C MET D 304 -30.92 30.96 3.25
N TYR D 305 -29.86 31.62 2.77
CA TYR D 305 -28.73 31.91 3.63
C TYR D 305 -29.13 32.89 4.73
N PRO D 306 -28.65 32.69 5.96
CA PRO D 306 -28.96 33.63 7.04
C PRO D 306 -28.35 35.00 6.76
N GLY D 307 -29.18 36.02 6.79
CA GLY D 307 -28.72 37.39 6.57
C GLY D 307 -28.73 37.87 5.13
N ILE D 308 -29.16 37.02 4.18
CA ILE D 308 -29.22 37.47 2.79
C ILE D 308 -30.34 38.48 2.61
N ALA D 309 -31.38 38.42 3.45
CA ALA D 309 -32.44 39.41 3.38
C ALA D 309 -31.94 40.80 3.76
N ASP D 310 -31.12 40.88 4.81
CA ASP D 310 -30.58 42.17 5.23
C ASP D 310 -29.49 42.65 4.27
N ARG D 311 -28.63 41.75 3.82
CA ARG D 311 -27.51 42.16 2.96
C ARG D 311 -28.01 42.67 1.61
N MET D 312 -28.98 41.98 1.01
CA MET D 312 -29.48 42.41 -0.29
C MET D 312 -30.19 43.76 -0.20
N GLN D 313 -30.89 44.02 0.91
CA GLN D 313 -31.58 45.29 1.06
C GLN D 313 -30.59 46.45 1.09
N LYS D 314 -29.48 46.30 1.80
CA LYS D 314 -28.50 47.37 1.89
C LYS D 314 -27.84 47.63 0.55
N GLU D 315 -27.47 46.57 -0.18
CA GLU D 315 -26.79 46.74 -1.46
C GLU D 315 -27.71 47.41 -2.48
N ILE D 316 -28.98 47.00 -2.52
CA ILE D 316 -29.90 47.58 -3.48
C ILE D 316 -30.31 48.98 -3.07
N THR D 317 -30.19 49.31 -1.78
CA THR D 317 -30.57 50.64 -1.31
C THR D 317 -29.59 51.69 -1.78
N ALA D 318 -28.29 51.42 -1.66
CA ALA D 318 -27.27 52.39 -2.06
C ALA D 318 -27.37 52.70 -3.55
N LEU D 319 -27.59 51.69 -4.38
CA LEU D 319 -27.77 51.92 -5.80
C LEU D 319 -29.05 52.70 -6.08
N ALA D 320 -30.11 52.42 -5.32
CA ALA D 320 -31.38 53.11 -5.49
C ALA D 320 -31.32 54.52 -4.87
N PRO D 321 -32.24 55.39 -5.26
CA PRO D 321 -32.33 56.70 -4.59
C PRO D 321 -32.61 56.57 -3.10
N SER D 322 -32.04 57.49 -2.33
CA SER D 322 -32.10 57.39 -0.87
C SER D 322 -33.50 57.62 -0.34
N THR D 323 -34.22 58.59 -0.90
CA THR D 323 -35.56 58.90 -0.42
C THR D 323 -36.49 57.69 -0.59
N MET D 324 -36.26 56.90 -1.63
CA MET D 324 -37.08 55.74 -1.90
C MET D 324 -36.88 54.65 -0.85
N LYS D 325 -37.89 53.79 -0.70
CA LYS D 325 -37.90 52.73 0.30
C LYS D 325 -37.75 51.35 -0.35
N ILE D 326 -37.03 50.47 0.35
CA ILE D 326 -36.82 49.09 -0.09
C ILE D 326 -37.42 48.16 0.97
N LYS D 327 -38.21 47.19 0.51
CA LYS D 327 -38.84 46.20 1.38
C LYS D 327 -38.58 44.81 0.81
N ILE D 328 -37.54 44.14 1.31
CA ILE D 328 -37.23 42.78 0.89
C ILE D 328 -38.15 41.83 1.64
N ILE D 329 -39.16 41.31 0.94
CA ILE D 329 -40.10 40.36 1.53
C ILE D 329 -39.50 38.96 1.41
N ALA D 330 -39.28 38.31 2.56
CA ALA D 330 -38.64 37.00 2.61
C ALA D 330 -39.53 36.05 3.41
N PRO D 331 -40.51 35.42 2.75
CA PRO D 331 -41.35 34.46 3.46
C PRO D 331 -40.55 33.25 3.88
N PRO D 332 -40.92 32.59 4.98
CA PRO D 332 -40.16 31.42 5.45
C PRO D 332 -40.38 30.17 4.61
N GLU D 333 -41.39 30.15 3.74
CA GLU D 333 -41.65 29.02 2.86
C GLU D 333 -41.08 29.23 1.46
N ARG D 334 -40.04 30.06 1.33
CA ARG D 334 -39.52 30.41 0.01
C ARG D 334 -38.87 29.22 -0.70
N LYS D 335 -38.54 28.15 0.02
CA LYS D 335 -37.98 26.97 -0.64
C LYS D 335 -38.98 26.33 -1.59
N TYR D 336 -40.25 26.24 -1.17
CA TYR D 336 -41.31 25.67 -2.00
C TYR D 336 -42.20 26.75 -2.61
N SER D 337 -41.68 27.97 -2.78
CA SER D 337 -42.50 29.05 -3.32
C SER D 337 -42.95 28.75 -4.75
N VAL D 338 -42.07 28.14 -5.55
CA VAL D 338 -42.44 27.78 -6.92
C VAL D 338 -43.56 26.74 -6.92
N TRP D 339 -43.44 25.73 -6.05
CA TRP D 339 -44.45 24.68 -6.02
C TRP D 339 -45.77 25.19 -5.46
N ILE D 340 -45.72 25.94 -4.36
CA ILE D 340 -46.95 26.39 -3.72
C ILE D 340 -47.75 27.28 -4.66
N GLY D 341 -47.06 28.11 -5.44
CA GLY D 341 -47.74 28.87 -6.47
C GLY D 341 -48.40 27.98 -7.52
N GLY D 342 -47.77 26.85 -7.83
CA GLY D 342 -48.38 25.92 -8.76
C GLY D 342 -49.65 25.28 -8.20
N SER D 343 -49.66 25.01 -6.90
CA SER D 343 -50.84 24.41 -6.27
C SER D 343 -52.04 25.35 -6.38
N ILE D 344 -51.83 26.64 -6.16
CA ILE D 344 -52.91 27.61 -6.33
C ILE D 344 -53.35 27.68 -7.79
N LEU D 345 -52.38 27.68 -8.71
CA LEU D 345 -52.69 27.85 -10.13
C LEU D 345 -53.55 26.71 -10.65
N ALA D 346 -53.24 25.47 -10.29
CA ALA D 346 -53.94 24.32 -10.85
C ALA D 346 -55.39 24.25 -10.37
N SER D 347 -55.65 24.69 -9.13
CA SER D 347 -57.00 24.57 -8.58
C SER D 347 -57.93 25.65 -9.13
N LEU D 348 -57.40 26.72 -9.71
CA LEU D 348 -58.23 27.81 -10.19
C LEU D 348 -59.10 27.36 -11.36
N SER D 349 -60.37 27.80 -11.34
CA SER D 349 -61.32 27.42 -12.37
C SER D 349 -61.11 28.20 -13.67
N THR D 350 -60.64 29.45 -13.58
CA THR D 350 -60.42 30.24 -14.79
C THR D 350 -59.27 29.70 -15.61
N PHE D 351 -58.38 28.92 -14.98
CA PHE D 351 -57.19 28.41 -15.67
C PHE D 351 -57.42 27.03 -16.29
N GLN D 352 -58.44 26.30 -15.87
CA GLN D 352 -58.64 24.94 -16.36
C GLN D 352 -58.96 24.89 -17.85
N GLN D 353 -59.29 26.04 -18.46
CA GLN D 353 -59.48 26.12 -19.90
C GLN D 353 -58.19 26.47 -20.64
N MET D 354 -57.07 26.61 -19.92
CA MET D 354 -55.79 26.96 -20.52
C MET D 354 -54.89 25.77 -20.76
N TRP D 355 -55.31 24.56 -20.40
CA TRP D 355 -54.52 23.37 -20.66
C TRP D 355 -54.47 23.08 -22.15
N ILE D 356 -53.41 22.38 -22.57
CA ILE D 356 -53.30 21.89 -23.94
C ILE D 356 -54.09 20.59 -24.02
N SER D 357 -55.24 20.62 -24.69
CA SER D 357 -56.03 19.41 -24.85
C SER D 357 -55.28 18.39 -25.70
N LYS D 358 -55.53 17.11 -25.43
CA LYS D 358 -54.81 16.04 -26.12
C LYS D 358 -55.06 16.11 -27.63
N GLN D 359 -56.29 16.39 -28.03
CA GLN D 359 -56.60 16.51 -29.46
C GLN D 359 -55.87 17.68 -30.10
N GLU D 360 -55.73 18.78 -29.36
CA GLU D 360 -55.10 19.97 -29.91
C GLU D 360 -53.63 19.73 -30.25
N TYR D 361 -52.92 19.00 -29.38
CA TYR D 361 -51.49 18.77 -29.60
C TYR D 361 -51.25 17.95 -30.86
N ASP D 362 -52.07 16.92 -31.09
CA ASP D 362 -51.84 16.03 -32.23
C ASP D 362 -52.02 16.77 -33.55
N GLU D 363 -53.02 17.64 -33.65
CA GLU D 363 -53.28 18.35 -34.90
C GLU D 363 -52.19 19.36 -35.20
N SER D 364 -51.77 20.13 -34.21
CA SER D 364 -50.77 21.18 -34.40
C SER D 364 -49.34 20.69 -34.21
N GLY D 365 -49.16 19.42 -33.83
CA GLY D 365 -47.83 18.89 -33.60
C GLY D 365 -47.26 19.36 -32.28
N PRO D 366 -45.98 19.04 -32.04
CA PRO D 366 -45.34 19.45 -30.79
C PRO D 366 -45.23 20.97 -30.62
N SER D 367 -45.36 21.73 -31.71
CA SER D 367 -45.25 23.19 -31.63
C SER D 367 -46.43 23.84 -30.90
N ILE D 368 -47.38 23.05 -30.39
CA ILE D 368 -48.50 23.60 -29.66
C ILE D 368 -48.07 24.25 -28.35
N VAL D 369 -46.87 23.94 -27.86
CA VAL D 369 -46.40 24.45 -26.58
C VAL D 369 -46.09 25.94 -26.62
N HIS D 370 -46.10 26.57 -27.79
CA HIS D 370 -45.81 28.00 -27.88
C HIS D 370 -47.07 28.86 -27.89
N ARG D 371 -48.13 28.41 -28.55
CA ARG D 371 -49.34 29.20 -28.67
C ARG D 371 -50.36 28.87 -27.57
N LYS D 372 -50.81 27.61 -27.52
CA LYS D 372 -51.79 27.21 -26.53
C LYS D 372 -51.22 27.32 -25.12
N CYS D 373 -49.97 26.90 -24.94
CA CYS D 373 -49.28 27.05 -23.67
C CYS D 373 -48.68 28.45 -23.55
N PHE D 374 -47.97 28.69 -22.47
CA PHE D 374 -47.31 29.97 -22.24
C PHE D 374 -46.19 30.20 -23.24
N TRP E 1 20.65 -30.13 23.39
CA TRP E 1 19.41 -29.43 23.69
C TRP E 1 18.56 -30.21 24.70
CG EEP E 2 16.60 -28.48 27.76
CB EEP E 2 15.72 -29.37 26.88
CA EEP E 2 16.48 -30.31 25.94
N EEP E 2 17.40 -29.66 25.05
C EEP E 2 15.39 -31.12 25.15
O EEP E 2 15.30 -32.37 25.31
O1 EEP E 2 17.40 -27.58 26.99
CD1 EEP E 2 15.66 -27.66 28.67
CD2 EEP E 2 17.58 -29.28 28.62
O2 EEP E 2 16.43 -26.69 29.36
N ALA E 3 14.58 -30.43 24.36
CA ALA E 3 13.60 -31.09 23.50
C ALA E 3 14.07 -31.04 22.05
N DTH E 4 14.56 -32.17 21.56
CA DTH E 4 15.16 -32.24 20.23
CB DTH E 4 14.61 -33.42 19.41
CG2 DTH E 4 13.12 -33.25 19.18
OG1 DTH E 4 14.85 -34.65 20.12
C DTH E 4 16.67 -32.38 20.37
O DTH E 4 17.24 -31.90 21.35
N CYS E 5 17.29 -33.06 19.41
CA CYS E 5 18.74 -33.31 19.38
C CYS E 5 19.24 -33.93 20.70
N HYP E 6 20.56 -33.97 20.88
CA HYP E 6 21.15 -34.44 22.14
C HYP E 6 21.56 -33.35 23.13
O HYP E 6 21.23 -33.45 24.31
CB HYP E 6 22.35 -35.28 21.71
CG HYP E 6 22.14 -35.61 20.23
CD HYP E 6 20.70 -35.14 19.98
OD1 HYP E 6 22.32 -36.97 19.92
N ALA E 7 22.27 -32.34 22.66
CA ALA E 7 22.79 -31.28 23.52
C ALA E 7 21.68 -30.45 24.15
N TRP F 1 6.82 -17.24 -5.75
CA TRP F 1 6.77 -16.47 -7.00
C TRP F 1 8.01 -16.73 -7.85
CG EEP F 2 8.08 -16.81 -11.76
CB EEP F 2 9.10 -15.81 -11.19
CA EEP F 2 9.39 -15.95 -9.69
N EEP F 2 8.21 -15.88 -8.85
C EEP F 2 10.43 -14.85 -9.34
O EEP F 2 11.54 -15.17 -8.82
O1 EEP F 2 6.86 -16.78 -11.03
CD1 EEP F 2 7.81 -16.39 -13.22
CD2 EEP F 2 8.58 -18.25 -11.70
O2 EEP F 2 7.73 -17.55 -14.03
N ALA F 3 10.09 -13.59 -9.60
CA ALA F 3 10.93 -12.47 -9.19
C ALA F 3 10.37 -11.85 -7.92
N DTH F 4 10.96 -12.22 -6.78
CA DTH F 4 10.44 -11.80 -5.49
CB DTH F 4 11.49 -11.03 -4.67
CG2 DTH F 4 11.97 -9.81 -5.46
OG1 DTH F 4 12.59 -11.88 -4.39
C DTH F 4 10.01 -13.05 -4.71
O DTH F 4 9.63 -14.05 -5.32
N CYS F 5 10.10 -12.97 -3.39
CA CYS F 5 9.76 -14.07 -2.47
C CYS F 5 10.34 -15.43 -2.92
N HYP F 6 9.77 -16.53 -2.40
CA HYP F 6 10.14 -17.86 -2.88
C HYP F 6 9.11 -18.54 -3.79
O HYP F 6 9.49 -19.14 -4.80
CB HYP F 6 10.36 -18.67 -1.60
CG HYP F 6 10.49 -17.66 -0.46
CD HYP F 6 10.64 -16.34 -1.22
OD1 HYP F 6 11.56 -17.93 0.41
N ALA F 7 7.84 -18.43 -3.45
CA ALA F 7 6.77 -19.10 -4.20
C ALA F 7 6.63 -18.53 -5.60
N TRP G 1 -25.49 24.41 -22.77
CA TRP G 1 -25.88 24.90 -24.09
C TRP G 1 -25.06 24.25 -25.19
CG EEP G 2 -26.46 23.80 -28.74
CB EEP G 2 -25.03 24.30 -28.82
CA EEP G 2 -24.28 24.39 -27.49
N EEP G 2 -25.11 24.83 -26.38
C EEP G 2 -23.08 25.36 -27.71
O EEP G 2 -21.89 24.91 -27.77
O1 EEP G 2 -27.16 24.40 -27.64
CD1 EEP G 2 -27.16 24.19 -30.06
CD2 EEP G 2 -26.55 22.30 -28.51
O2 EEP G 2 -26.62 23.41 -31.11
N ALA G 3 -23.36 26.66 -27.82
CA ALA G 3 -22.32 27.67 -27.89
C ALA G 3 -22.30 28.46 -26.59
N DTH G 4 -21.27 28.23 -25.78
CA DTH G 4 -21.20 28.81 -24.44
CB DTH G 4 -19.85 29.47 -24.17
CG2 DTH G 4 -19.64 30.66 -25.10
OG1 DTH G 4 -18.80 28.51 -24.38
C DTH G 4 -21.48 27.72 -23.41
O DTH G 4 -22.04 26.69 -23.74
N CYS G 5 -21.04 27.98 -22.17
CA CYS G 5 -21.23 27.06 -21.03
C CYS G 5 -20.93 25.60 -21.37
N HYP G 6 -21.47 24.66 -20.59
CA HYP G 6 -21.45 23.25 -20.99
C HYP G 6 -22.83 22.64 -21.22
O HYP G 6 -22.93 21.56 -21.80
CB HYP G 6 -20.72 22.54 -19.84
CG HYP G 6 -20.76 23.51 -18.68
CD HYP G 6 -20.54 24.80 -19.46
OD1 HYP G 6 -19.76 23.28 -17.70
N ALA G 7 -23.87 23.32 -20.79
CA ALA G 7 -25.24 22.83 -20.93
C ALA G 7 -25.83 23.23 -22.28
N TRP H 1 -3.27 15.33 2.63
CA TRP H 1 -4.37 16.18 3.06
C TRP H 1 -4.92 15.73 4.41
CG EEP H 2 -5.70 18.27 7.39
CB EEP H 2 -6.87 17.33 7.08
CA EEP H 2 -6.50 16.13 6.20
N EEP H 2 -5.87 16.49 4.95
C EEP H 2 -7.84 15.33 5.97
O EEP H 2 -7.95 14.16 6.41
O1 EEP H 2 -5.17 18.86 6.21
CD1 EEP H 2 -6.25 19.38 8.32
CD2 EEP H 2 -4.54 17.56 8.07
O2 EEP H 2 -5.19 20.26 8.66
N ALA H 3 -8.81 15.95 5.30
CA ALA H 3 -10.03 15.27 4.92
C ALA H 3 -10.02 15.01 3.41
N DTH H 4 -9.64 13.80 3.03
CA DTH H 4 -9.41 13.48 1.63
CB DTH H 4 -10.39 12.40 1.13
CG2 DTH H 4 -11.81 12.94 1.09
OG1 DTH H 4 -10.34 11.26 1.99
C DTH H 4 -7.97 12.99 1.45
O DTH H 4 -7.09 13.46 2.16
N CYS H 5 -7.77 12.06 0.53
CA CYS H 5 -6.45 11.53 0.18
C CYS H 5 -5.63 11.10 1.41
N HYP H 6 -4.32 10.92 1.23
CA HYP H 6 -3.42 10.67 2.36
C HYP H 6 -2.61 11.87 2.84
O HYP H 6 -2.37 12.01 4.04
CB HYP H 6 -2.51 9.54 1.87
CG HYP H 6 -3.11 9.02 0.57
CD HYP H 6 -4.53 9.59 0.63
OD1 HYP H 6 -3.09 7.61 0.46
N ALA H 7 -2.20 12.73 1.91
CA ALA H 7 -1.38 13.89 2.24
C ALA H 7 -2.12 14.89 3.11
PB ADP I . 36.14 -24.43 16.28
O1B ADP I . 36.32 -23.08 15.63
O2B ADP I . 35.10 -25.30 15.61
O3B ADP I . 36.03 -24.38 17.78
PA ADP I . 38.36 -25.17 14.65
O1A ADP I . 39.81 -24.92 15.01
O2A ADP I . 37.67 -24.25 13.67
O3A ADP I . 37.53 -25.23 16.02
O5' ADP I . 38.24 -26.68 14.09
C5' ADP I . 36.96 -27.27 13.91
C4' ADP I . 37.10 -28.68 13.33
O4' ADP I . 37.71 -28.62 12.04
C3' ADP I . 37.97 -29.57 14.19
O3' ADP I . 37.17 -30.49 14.92
C2' ADP I . 38.85 -30.33 13.21
O2' ADP I . 38.54 -31.73 13.25
C1' ADP I . 38.52 -29.77 11.84
N9 ADP I . 39.76 -29.40 11.13
C8 ADP I . 40.66 -28.48 11.53
N7 ADP I . 41.69 -28.38 10.65
C5 ADP I . 41.46 -29.25 9.66
C6 ADP I . 42.16 -29.66 8.41
N6 ADP I . 43.34 -29.10 8.05
N1 ADP I . 41.58 -30.62 7.66
C2 ADP I . 40.41 -31.19 8.01
N3 ADP I . 39.74 -30.87 9.12
C4 ADP I . 40.20 -29.93 9.98
MG MG J . 36.17 -20.48 14.50
P PO4 K . 32.23 -21.82 15.64
O1 PO4 K . 31.19 -20.74 16.06
O2 PO4 K . 31.98 -23.14 16.46
O3 PO4 K . 32.06 -22.11 14.10
O4 PO4 K . 33.68 -21.31 15.91
PB ADP L . -7.11 -22.46 5.39
O1B ADP L . -8.57 -22.56 5.78
O2B ADP L . -6.64 -21.04 5.20
O3B ADP L . -6.69 -23.40 4.29
PA ADP L . -6.99 -23.28 8.09
O1A ADP L . -7.40 -24.73 8.10
O2A ADP L . -8.03 -22.21 8.36
O3A ADP L . -6.30 -22.96 6.68
O5' ADP L . -5.78 -23.09 9.12
C5' ADP L . -4.82 -22.05 8.92
C4' ADP L . -3.88 -21.94 10.12
O4' ADP L . -4.60 -21.52 11.29
C3' ADP L . -3.22 -23.25 10.48
O3' ADP L . -1.90 -23.30 9.95
C2' ADP L . -3.16 -23.27 11.99
O2' ADP L . -1.81 -23.12 12.42
C1' ADP L . -3.99 -22.08 12.45
N9 ADP L . -5.01 -22.55 13.40
C8 ADP L . -5.93 -23.51 13.17
N7 ADP L . -6.72 -23.71 14.25
C5 ADP L . -6.31 -22.86 15.20
C6 ADP L . -6.73 -22.54 16.60
N6 ADP L . -7.75 -23.20 17.19
N1 ADP L . -6.04 -21.58 17.25
C2 ADP L . -5.01 -20.93 16.67
N3 ADP L . -4.59 -21.16 15.42
C4 ADP L . -5.19 -22.10 14.65
MG MG M . -8.41 -19.95 3.95
P PO4 N . -5.72 -19.54 1.59
O1 PO4 N . -6.06 -20.18 0.21
O2 PO4 N . -6.85 -19.89 2.62
O3 PO4 N . -4.35 -20.11 2.09
O4 PO4 N . -5.62 -17.99 1.45
PB ADP O . 9.53 15.96 -10.06
O1B ADP O . 9.25 14.73 -9.24
O2B ADP O . 10.12 17.11 -9.27
O3B ADP O . 8.38 16.37 -10.96
PA ADP O . 10.53 14.72 -12.43
O1A ADP O . 11.89 14.64 -13.08
O2A ADP O . 9.39 15.31 -13.21
O3A ADP O . 10.73 15.53 -11.05
O5' ADP O . 10.14 13.22 -12.01
C5' ADP O . 8.79 12.87 -11.69
C4' ADP O . 8.52 11.40 -12.02
O4' ADP O . 8.57 11.18 -13.43
C3' ADP O . 9.53 10.46 -11.38
O3' ADP O . 8.99 9.87 -10.19
C2' ADP O . 9.75 9.38 -12.42
O2' ADP O . 9.18 8.15 -11.97
C1' ADP O . 9.04 9.85 -13.68
N9 ADP O . 9.99 9.86 -14.81
C8 ADP O . 11.20 10.46 -14.81
N7 ADP O . 11.85 10.27 -15.99
C5 ADP O . 11.04 9.51 -16.77
C6 ADP O . 11.11 8.96 -18.15
N6 ADP O . 12.19 9.16 -18.93
N1 ADP O . 10.06 8.23 -18.57
C2 ADP O . 8.97 8.02 -17.80
N3 ADP O . 8.85 8.51 -16.55
C4 ADP O . 9.83 9.24 -15.99
MG MG P . 7.29 18.95 -11.06
P PO4 Q . 5.81 17.66 -8.30
O1 PO4 Q . 4.34 17.18 -8.09
O2 PO4 Q . 6.28 18.45 -7.03
O3 PO4 Q . 6.73 16.42 -8.54
O4 PO4 Q . 5.89 18.61 -9.55
PB ADP R . -35.03 24.05 -7.24
O1B ADP R . -35.68 25.41 -7.17
O2B ADP R . -35.74 22.98 -6.45
O3B ADP R . -34.58 23.62 -8.62
PA ADP R . -33.62 24.34 -4.85
O1A ADP R . -34.47 25.51 -4.40
O2A ADP R . -33.89 22.95 -4.30
O3A ADP R . -33.65 24.25 -6.44
O5' ADP R . -32.08 24.69 -4.59
C5' ADP R . -31.28 23.89 -3.72
C4' ADP R . -29.94 24.57 -3.55
O4' ADP R . -30.09 25.69 -2.68
C3' ADP R . -28.91 23.64 -2.94
O3' ADP R . -27.95 23.24 -3.92
C2' ADP R . -28.23 24.44 -1.86
O2' ADP R . -26.94 24.83 -2.31
C1' ADP R . -29.10 25.67 -1.65
N9 ADP R . -29.78 25.56 -0.34
C8 ADP R . -30.85 24.77 -0.11
N7 ADP R . -31.27 24.88 1.18
C5 ADP R . -30.45 25.75 1.79
C6 ADP R . -30.33 26.32 3.16
N6 ADP R . -31.18 25.96 4.14
N1 ADP R . -29.33 27.21 3.38
C2 ADP R . -28.48 27.57 2.41
N3 ADP R . -28.53 27.09 1.15
C4 ADP R . -29.47 26.20 0.78
MG MG S . -37.39 24.09 -7.50
P PO4 T . -34.59 26.24 -10.51
O1 PO4 T . -34.89 27.59 -11.22
O2 PO4 T . -35.92 25.65 -9.95
O3 PO4 T . -33.95 25.24 -11.54
O4 PO4 T . -33.58 26.48 -9.33
#